data_9FKC
#
_entry.id   9FKC
#
_cell.length_a   80.723
_cell.length_b   107.838
_cell.length_c   271.481
_cell.angle_alpha   90.000
_cell.angle_beta   90.000
_cell.angle_gamma   90.000
#
_symmetry.space_group_name_H-M   'P 21 21 21'
#
loop_
_entity.id
_entity.type
_entity.pdbx_description
1 polymer 'Glucose-6-phosphate isomerase'
2 non-polymer '(~{Z})-2-methylbut-2-enedioic acid'
3 non-polymer 'PENTAETHYLENE GLYCOL'
4 non-polymer 'TETRAETHYLENE GLYCOL'
5 non-polymer 'TRIETHYLENE GLYCOL'
6 non-polymer BETA-MERCAPTOETHANOL
7 water water
#
_entity_poly.entity_id   1
_entity_poly.type   'polypeptide(L)'
_entity_poly.pdbx_seq_one_letter_code
;MAALTRDPQFQKLQQWYREHRSELNLRRLFDANKDRFNHFSLTLNTNHGHILVDYSKNLVTEDVMRMLVDLAKSRGVEAA
RERMFNGEKINYTEGRAVLHVALRNRSNTPILVDGKDVMPEVNKVLDKMKSFCQRVRSGDWKGYTGKTITDVINIGIGGS
DLGPLMVTEALKPYSSGGPRVWYVSNIDGTHIAKTLAQLNPESSLFIIASKTFTTQETITNAETAKEWFLQAAKDPSAVA
KHFVALSTNTTKVKEFGIDPQNMFEFWDWVGGRYSLWSAIGLSIALHVGFDNFEQLLSGAHWMDQHFRTTPLEKNAPVLL
ALLGIWYINCFGCETHAMLPYDQYLHRFAAYFQQGDMESNGKYITKSGTRVDHQTGPIVWGEPGTNGQHAFYQLIHQGTK
MIPCDFLIPVQTQHPIRKGLHHKILLANFLAQTEALMRGKSTEEARKELQAAGKSPEDLERLLPHKVFEGNRPTNSIVFT
KLTPFMLGALVAMYEHKIFVQGIIWDINSFDQWGVELGKQLAKKIEPELDGSAQVTSHDASTNGLINFIKQQREARVQ
;
_entity_poly.pdbx_strand_id   A,B,C,D
#
loop_
_chem_comp.id
_chem_comp.type
_chem_comp.name
_chem_comp.formula
1PE non-polymer 'PENTAETHYLENE GLYCOL' 'C10 H22 O6'
BME non-polymer BETA-MERCAPTOETHANOL 'C2 H6 O S'
CIZ non-polymer '(~{Z})-2-methylbut-2-enedioic acid' 'C5 H6 O4'
PG4 non-polymer 'TETRAETHYLENE GLYCOL' 'C8 H18 O5'
PGE non-polymer 'TRIETHYLENE GLYCOL' 'C6 H14 O4'
#
# COMPACT_ATOMS: atom_id res chain seq x y z
N ALA A 2 5.30 26.87 -26.60
CA ALA A 2 5.17 26.50 -25.16
C ALA A 2 5.85 25.16 -24.93
N ALA A 3 6.33 24.94 -23.70
CA ALA A 3 7.07 23.71 -23.41
C ALA A 3 6.28 22.48 -23.80
N LEU A 4 5.01 22.41 -23.39
CA LEU A 4 4.25 21.19 -23.60
C LEU A 4 4.11 20.88 -25.09
N THR A 5 3.76 21.90 -25.89
CA THR A 5 3.55 21.67 -27.31
C THR A 5 4.82 21.19 -28.00
N ARG A 6 5.99 21.60 -27.50
CA ARG A 6 7.25 21.15 -28.07
C ARG A 6 7.70 19.79 -27.54
N ASP A 7 7.01 19.23 -26.54
CA ASP A 7 7.49 18.01 -25.91
C ASP A 7 7.30 16.81 -26.83
N PRO A 8 8.35 16.02 -27.08
CA PRO A 8 8.18 14.88 -28.00
C PRO A 8 7.14 13.88 -27.54
N GLN A 9 7.02 13.66 -26.23
CA GLN A 9 6.05 12.70 -25.73
C GLN A 9 4.63 13.21 -25.94
N PHE A 10 4.42 14.52 -25.76
CA PHE A 10 3.11 15.10 -26.02
C PHE A 10 2.73 14.93 -27.47
N GLN A 11 3.66 15.26 -28.38
CA GLN A 11 3.36 15.11 -29.81
C GLN A 11 3.04 13.66 -30.15
N LYS A 12 3.70 12.71 -29.48
CA LYS A 12 3.38 11.31 -29.67
C LYS A 12 1.96 11.02 -29.19
N LEU A 13 1.59 11.56 -28.03
CA LEU A 13 0.22 11.41 -27.54
C LEU A 13 -0.80 11.91 -28.56
N GLN A 14 -0.56 13.10 -29.12
CA GLN A 14 -1.52 13.69 -30.05
C GLN A 14 -1.62 12.87 -31.33
N GLN A 15 -0.47 12.43 -31.86
CA GLN A 15 -0.49 11.60 -33.06
C GLN A 15 -1.34 10.36 -32.85
N TRP A 16 -1.07 9.61 -31.77
CA TRP A 16 -1.87 8.43 -31.46
C TRP A 16 -3.35 8.77 -31.39
N TYR A 17 -3.68 9.88 -30.72
CA TYR A 17 -5.09 10.30 -30.64
C TYR A 17 -5.70 10.48 -32.02
N ARG A 18 -4.99 11.19 -32.91
CA ARG A 18 -5.52 11.43 -34.24
C ARG A 18 -5.70 10.13 -35.02
N GLU A 19 -4.90 9.10 -34.70
CA GLU A 19 -4.90 7.86 -35.47
C GLU A 19 -5.78 6.77 -34.89
N HIS A 20 -5.94 6.70 -33.56
CA HIS A 20 -6.60 5.58 -32.93
C HIS A 20 -7.80 5.98 -32.09
N ARG A 21 -8.19 7.26 -32.13
CA ARG A 21 -9.37 7.74 -31.42
C ARG A 21 -10.53 6.76 -31.45
N SER A 22 -10.83 6.21 -32.63
CA SER A 22 -12.03 5.41 -32.81
C SER A 22 -11.92 4.03 -32.15
N GLU A 23 -10.73 3.61 -31.74
CA GLU A 23 -10.60 2.37 -30.99
C GLU A 23 -11.12 2.49 -29.56
N LEU A 24 -11.42 3.70 -29.11
CA LEU A 24 -11.73 3.96 -27.71
C LEU A 24 -13.24 3.92 -27.51
N ASN A 25 -13.78 2.71 -27.44
CA ASN A 25 -15.17 2.48 -27.10
C ASN A 25 -15.21 1.57 -25.87
N LEU A 26 -15.82 2.06 -24.79
CA LEU A 26 -15.72 1.38 -23.51
C LEU A 26 -16.39 0.00 -23.54
N ARG A 27 -17.57 -0.10 -24.15
CA ARG A 27 -18.24 -1.40 -24.21
C ARG A 27 -17.34 -2.45 -24.84
N ARG A 28 -16.69 -2.10 -25.95
CA ARG A 28 -15.81 -3.06 -26.62
C ARG A 28 -14.58 -3.34 -25.77
N LEU A 29 -14.03 -2.31 -25.14
CA LEU A 29 -12.80 -2.50 -24.36
C LEU A 29 -13.03 -3.44 -23.18
N PHE A 30 -14.16 -3.30 -22.50
CA PHE A 30 -14.43 -4.17 -21.36
C PHE A 30 -14.79 -5.59 -21.81
N ASP A 31 -15.49 -5.71 -22.94
CA ASP A 31 -15.80 -7.03 -23.48
C ASP A 31 -14.53 -7.77 -23.90
N ALA A 32 -13.49 -7.02 -24.29
CA ALA A 32 -12.26 -7.60 -24.81
C ALA A 32 -11.19 -7.82 -23.75
N ASN A 33 -11.48 -7.50 -22.49
CA ASN A 33 -10.46 -7.58 -21.44
C ASN A 33 -11.18 -7.65 -20.09
N LYS A 34 -11.55 -8.87 -19.69
CA LYS A 34 -12.23 -9.01 -18.41
C LYS A 34 -11.33 -8.68 -17.22
N ASP A 35 -10.03 -8.49 -17.46
CA ASP A 35 -9.11 -7.98 -16.44
C ASP A 35 -8.93 -6.48 -16.53
N ARG A 36 -9.84 -5.77 -17.21
CA ARG A 36 -9.67 -4.32 -17.36
C ARG A 36 -9.69 -3.61 -16.00
N PHE A 37 -10.59 -4.00 -15.10
CA PHE A 37 -10.70 -3.33 -13.82
C PHE A 37 -9.41 -3.48 -13.02
N ASN A 38 -8.88 -4.71 -12.96
CA ASN A 38 -7.63 -4.92 -12.24
C ASN A 38 -6.51 -4.07 -12.84
N HIS A 39 -6.45 -3.99 -14.16
CA HIS A 39 -5.35 -3.29 -14.82
C HIS A 39 -5.43 -1.78 -14.62
N PHE A 40 -6.64 -1.23 -14.54
CA PHE A 40 -6.78 0.23 -14.50
C PHE A 40 -7.44 0.69 -13.20
N SER A 41 -6.95 0.20 -12.06
CA SER A 41 -7.46 0.65 -10.77
C SER A 41 -6.32 0.54 -9.75
N LEU A 42 -6.43 1.33 -8.69
CA LEU A 42 -5.44 1.38 -7.62
C LEU A 42 -6.15 1.21 -6.29
N THR A 43 -5.59 0.38 -5.42
CA THR A 43 -6.07 0.25 -4.05
C THR A 43 -5.00 0.74 -3.09
N LEU A 44 -5.39 1.63 -2.20
CA LEU A 44 -4.49 2.30 -1.27
C LEU A 44 -4.93 1.94 0.14
N ASN A 45 -4.06 1.26 0.89
CA ASN A 45 -4.31 1.01 2.30
C ASN A 45 -3.58 2.06 3.13
N THR A 46 -4.35 2.94 3.76
CA THR A 46 -3.78 4.03 4.55
C THR A 46 -3.56 3.65 6.00
N ASN A 47 -3.99 2.46 6.43
CA ASN A 47 -4.02 1.96 7.79
C ASN A 47 -5.17 2.58 8.57
N HIS A 48 -5.90 3.55 8.00
CA HIS A 48 -7.09 4.15 8.60
C HIS A 48 -8.20 4.21 7.57
N GLY A 49 -8.30 3.17 6.75
CA GLY A 49 -9.24 3.10 5.66
C GLY A 49 -8.56 2.84 4.32
N HIS A 50 -9.27 2.18 3.41
CA HIS A 50 -8.81 1.95 2.06
C HIS A 50 -9.43 2.95 1.09
N ILE A 51 -8.69 3.20 0.00
CA ILE A 51 -9.14 4.06 -1.09
C ILE A 51 -8.98 3.28 -2.39
N LEU A 52 -10.09 3.06 -3.09
CA LEU A 52 -10.08 2.44 -4.41
C LEU A 52 -10.24 3.55 -5.45
N VAL A 53 -9.22 3.73 -6.29
CA VAL A 53 -9.26 4.69 -7.39
C VAL A 53 -9.41 3.88 -8.67
N ASP A 54 -10.65 3.75 -9.12
CA ASP A 54 -10.98 2.97 -10.30
C ASP A 54 -11.07 3.91 -11.50
N TYR A 55 -10.07 3.84 -12.37
CA TYR A 55 -10.04 4.66 -13.57
C TYR A 55 -10.21 3.82 -14.82
N SER A 56 -10.84 2.64 -14.70
CA SER A 56 -11.00 1.72 -15.81
C SER A 56 -12.08 2.15 -16.80
N LYS A 57 -13.06 2.96 -16.36
CA LYS A 57 -14.08 3.46 -17.28
C LYS A 57 -13.62 4.73 -18.02
N ASN A 58 -12.34 4.85 -18.31
CA ASN A 58 -11.80 5.97 -19.06
C ASN A 58 -11.42 5.51 -20.45
N LEU A 59 -11.34 6.47 -21.38
CA LEU A 59 -11.03 6.16 -22.78
C LEU A 59 -9.51 6.05 -22.93
N VAL A 60 -8.98 5.01 -22.31
CA VAL A 60 -7.54 4.74 -22.35
C VAL A 60 -7.31 3.27 -22.60
N THR A 61 -6.16 2.97 -23.16
CA THR A 61 -5.61 1.62 -23.26
C THR A 61 -4.31 1.57 -22.47
N GLU A 62 -3.69 0.39 -22.41
CA GLU A 62 -2.38 0.29 -21.79
C GLU A 62 -1.37 1.19 -22.50
N ASP A 63 -1.46 1.26 -23.84
CA ASP A 63 -0.54 2.12 -24.59
C ASP A 63 -0.74 3.59 -24.24
N VAL A 64 -2.00 4.01 -24.05
CA VAL A 64 -2.25 5.41 -23.72
C VAL A 64 -1.66 5.74 -22.35
N MET A 65 -1.86 4.87 -21.36
CA MET A 65 -1.34 5.15 -20.02
C MET A 65 0.19 5.18 -20.02
N ARG A 66 0.83 4.32 -20.81
CA ARG A 66 2.29 4.36 -20.89
C ARG A 66 2.78 5.65 -21.53
N MET A 67 2.11 6.09 -22.60
CA MET A 67 2.44 7.37 -23.21
C MET A 67 2.20 8.53 -22.24
N LEU A 68 1.13 8.45 -21.44
CA LEU A 68 0.85 9.52 -20.48
C LEU A 68 1.92 9.54 -19.38
N VAL A 69 2.28 8.38 -18.84
CA VAL A 69 3.34 8.34 -17.85
C VAL A 69 4.65 8.82 -18.44
N ASP A 70 4.90 8.48 -19.71
CA ASP A 70 6.12 8.99 -20.36
C ASP A 70 6.09 10.51 -20.45
N LEU A 71 4.90 11.09 -20.65
CA LEU A 71 4.77 12.54 -20.66
C LEU A 71 5.15 13.14 -19.30
N ALA A 72 4.71 12.52 -18.20
CA ALA A 72 5.05 13.04 -16.88
C ALA A 72 6.55 12.97 -16.64
N LYS A 73 7.18 11.90 -17.11
CA LYS A 73 8.64 11.81 -17.01
C LYS A 73 9.30 12.91 -17.82
N SER A 74 8.89 13.06 -19.08
CA SER A 74 9.52 14.05 -19.96
C SER A 74 9.36 15.46 -19.42
N ARG A 75 8.22 15.77 -18.83
CA ARG A 75 7.97 17.11 -18.30
C ARG A 75 8.57 17.33 -16.91
N GLY A 76 9.22 16.33 -16.32
CA GLY A 76 9.96 16.54 -15.09
C GLY A 76 9.11 16.61 -13.84
N VAL A 77 8.04 15.83 -13.78
CA VAL A 77 7.13 15.88 -12.64
C VAL A 77 7.87 15.54 -11.36
N GLU A 78 8.68 14.47 -11.39
CA GLU A 78 9.35 14.01 -10.17
C GLU A 78 10.33 15.04 -9.65
N ALA A 79 11.14 15.64 -10.54
CA ALA A 79 12.08 16.64 -10.08
C ALA A 79 11.35 17.86 -9.53
N ALA A 80 10.24 18.25 -10.14
CA ALA A 80 9.46 19.37 -9.61
C ALA A 80 8.89 19.04 -8.23
N ARG A 81 8.36 17.83 -8.07
CA ARG A 81 7.90 17.38 -6.76
C ARG A 81 8.98 17.57 -5.69
N GLU A 82 10.21 17.11 -5.97
CA GLU A 82 11.24 17.20 -4.95
C GLU A 82 11.56 18.65 -4.62
N ARG A 83 11.56 19.53 -5.62
CA ARG A 83 11.74 20.96 -5.36
C ARG A 83 10.69 21.48 -4.40
N MET A 84 9.43 21.11 -4.61
CA MET A 84 8.38 21.54 -3.68
C MET A 84 8.68 21.07 -2.26
N PHE A 85 8.91 19.76 -2.09
CA PHE A 85 9.05 19.19 -0.77
C PHE A 85 10.32 19.66 -0.07
N ASN A 86 11.34 20.06 -0.83
CA ASN A 86 12.60 20.49 -0.24
C ASN A 86 12.65 21.98 0.07
N GLY A 87 11.56 22.72 -0.18
CA GLY A 87 11.51 24.11 0.22
C GLY A 87 12.07 25.08 -0.79
N GLU A 88 12.27 24.67 -2.03
CA GLU A 88 12.74 25.58 -3.05
C GLU A 88 11.60 26.52 -3.50
N LYS A 89 12.00 27.67 -4.03
CA LYS A 89 11.06 28.75 -4.37
C LYS A 89 10.42 28.47 -5.73
N ILE A 90 9.55 27.46 -5.75
CA ILE A 90 8.94 27.05 -7.02
C ILE A 90 7.79 27.96 -7.43
N ASN A 91 7.32 28.83 -6.54
CA ASN A 91 6.37 29.89 -6.91
C ASN A 91 7.24 31.02 -7.43
N TYR A 92 7.60 30.91 -8.71
CA TYR A 92 8.71 31.69 -9.23
C TYR A 92 8.31 33.12 -9.56
N THR A 93 7.03 33.42 -9.80
CA THR A 93 6.66 34.81 -10.06
C THR A 93 6.68 35.62 -8.78
N GLU A 94 6.46 34.99 -7.63
CA GLU A 94 6.46 35.69 -6.34
C GLU A 94 7.73 35.41 -5.55
N GLY A 95 8.60 34.53 -6.04
CA GLY A 95 9.81 34.20 -5.32
C GLY A 95 9.55 33.55 -3.98
N ARG A 96 8.58 32.65 -3.93
CA ARG A 96 8.18 32.00 -2.69
C ARG A 96 8.33 30.48 -2.78
N ALA A 97 8.58 29.89 -1.62
CA ALA A 97 8.43 28.45 -1.50
C ALA A 97 6.94 28.09 -1.52
N VAL A 98 6.67 26.80 -1.56
CA VAL A 98 5.30 26.26 -1.60
C VAL A 98 5.29 25.07 -0.65
N LEU A 99 4.80 25.27 0.57
CA LEU A 99 5.06 24.32 1.64
C LEU A 99 3.80 24.05 2.46
N HIS A 100 2.66 23.89 1.78
CA HIS A 100 1.53 23.33 2.51
C HIS A 100 1.87 21.93 3.02
N VAL A 101 2.81 21.21 2.38
CA VAL A 101 3.17 19.89 2.89
C VAL A 101 3.89 20.00 4.23
N ALA A 102 4.53 21.14 4.52
CA ALA A 102 5.16 21.31 5.81
C ALA A 102 4.15 21.44 6.94
N LEU A 103 3.00 22.08 6.65
CA LEU A 103 2.00 22.28 7.69
C LEU A 103 1.52 20.98 8.29
N ARG A 104 1.49 19.91 7.48
CA ARG A 104 1.02 18.61 7.93
C ARG A 104 2.16 17.59 8.00
N ASN A 105 3.41 18.06 8.16
CA ASN A 105 4.58 17.18 8.21
C ASN A 105 4.67 16.55 9.60
N ARG A 106 3.87 15.51 9.80
CA ARG A 106 3.79 14.90 11.12
C ARG A 106 5.11 14.28 11.54
N SER A 107 5.94 13.88 10.57
CA SER A 107 7.24 13.27 10.85
C SER A 107 8.23 14.27 11.42
N ASN A 108 7.99 15.56 11.21
CA ASN A 108 8.84 16.63 11.68
C ASN A 108 10.25 16.55 11.09
N THR A 109 10.39 15.83 9.98
CA THR A 109 11.60 15.92 9.19
C THR A 109 11.88 17.38 8.84
N PRO A 110 13.11 17.87 9.04
CA PRO A 110 13.38 19.29 8.74
C PRO A 110 13.07 19.62 7.29
N ILE A 111 12.42 20.77 7.09
CA ILE A 111 12.18 21.34 5.77
C ILE A 111 12.72 22.77 5.80
N LEU A 112 13.72 23.05 4.97
CA LEU A 112 14.50 24.26 5.06
C LEU A 112 14.03 25.30 4.05
N VAL A 113 13.79 26.51 4.52
CA VAL A 113 13.56 27.68 3.67
C VAL A 113 14.60 28.72 4.07
N ASP A 114 15.42 29.13 3.11
CA ASP A 114 16.54 30.04 3.39
C ASP A 114 17.41 29.47 4.50
N GLY A 115 17.70 28.18 4.38
CA GLY A 115 18.56 27.50 5.32
C GLY A 115 18.04 27.36 6.73
N LYS A 116 16.76 27.60 6.98
CA LYS A 116 16.21 27.49 8.34
C LYS A 116 14.98 26.60 8.33
N ASP A 117 14.94 25.65 9.27
CA ASP A 117 13.84 24.70 9.36
C ASP A 117 12.54 25.41 9.72
N VAL A 118 11.49 25.13 8.96
CA VAL A 118 10.20 25.77 9.20
C VAL A 118 9.36 25.02 10.23
N MET A 119 9.70 23.78 10.55
CA MET A 119 8.83 22.95 11.37
C MET A 119 8.72 23.44 12.81
N PRO A 120 9.78 24.01 13.40
CA PRO A 120 9.60 24.54 14.76
C PRO A 120 8.52 25.61 14.84
N GLU A 121 8.43 26.48 13.84
CA GLU A 121 7.39 27.51 13.85
C GLU A 121 6.03 26.90 13.53
N VAL A 122 5.96 26.00 12.56
CA VAL A 122 4.71 25.30 12.27
C VAL A 122 4.15 24.67 13.53
N ASN A 123 5.01 23.97 14.29
CA ASN A 123 4.56 23.26 15.47
C ASN A 123 4.30 24.19 16.63
N LYS A 124 4.97 25.34 16.69
CA LYS A 124 4.63 26.35 17.67
C LYS A 124 3.21 26.88 17.46
N VAL A 125 2.86 27.18 16.21
CA VAL A 125 1.49 27.63 15.94
C VAL A 125 0.49 26.50 16.23
N LEU A 126 0.80 25.28 15.80
CA LEU A 126 -0.09 24.16 16.07
C LEU A 126 -0.31 23.98 17.57
N ASP A 127 0.76 24.12 18.36
CA ASP A 127 0.61 24.02 19.82
C ASP A 127 -0.29 25.13 20.35
N LYS A 128 -0.14 26.34 19.83
CA LYS A 128 -1.00 27.43 20.26
C LYS A 128 -2.46 27.16 19.89
N MET A 129 -2.69 26.60 18.71
CA MET A 129 -4.04 26.23 18.31
C MET A 129 -4.60 25.18 19.25
N LYS A 130 -3.81 24.17 19.60
CA LYS A 130 -4.28 23.11 20.48
C LYS A 130 -4.71 23.68 21.84
N SER A 131 -3.87 24.52 22.43
CA SER A 131 -4.20 25.08 23.75
C SER A 131 -5.45 25.95 23.67
N PHE A 132 -5.57 26.75 22.61
CA PHE A 132 -6.72 27.63 22.51
C PHE A 132 -8.00 26.83 22.34
N CYS A 133 -7.98 25.83 21.46
CA CYS A 133 -9.16 24.98 21.27
C CYS A 133 -9.57 24.30 22.57
N GLN A 134 -8.59 23.80 23.33
CA GLN A 134 -8.90 23.18 24.61
C GLN A 134 -9.63 24.17 25.52
N ARG A 135 -9.14 25.42 25.58
CA ARG A 135 -9.71 26.37 26.52
C ARG A 135 -11.09 26.84 26.08
N VAL A 136 -11.28 27.08 24.78
CA VAL A 136 -12.59 27.50 24.28
C VAL A 136 -13.60 26.37 24.40
N ARG A 137 -13.23 25.17 23.95
CA ARG A 137 -14.18 24.07 23.89
C ARG A 137 -14.60 23.62 25.29
N SER A 138 -13.69 23.70 26.26
CA SER A 138 -13.98 23.27 27.63
C SER A 138 -14.79 24.31 28.41
N GLY A 139 -14.88 25.53 27.92
CA GLY A 139 -15.53 26.58 28.67
C GLY A 139 -14.61 27.37 29.57
N ASP A 140 -13.31 27.06 29.58
CA ASP A 140 -12.37 27.82 30.41
C ASP A 140 -12.14 29.22 29.85
N TRP A 141 -12.22 29.39 28.53
CA TRP A 141 -12.18 30.71 27.91
C TRP A 141 -13.57 31.33 28.00
N LYS A 142 -13.68 32.45 28.69
CA LYS A 142 -14.97 33.09 28.94
C LYS A 142 -15.08 34.41 28.19
N GLY A 143 -16.32 34.72 27.78
CA GLY A 143 -16.63 36.02 27.23
C GLY A 143 -16.59 37.11 28.28
N TYR A 144 -16.88 38.33 27.84
CA TYR A 144 -16.68 39.50 28.69
C TYR A 144 -17.67 39.59 29.83
N THR A 145 -18.75 38.81 29.82
CA THR A 145 -19.67 38.73 30.95
C THR A 145 -19.56 37.40 31.70
N GLY A 146 -18.57 36.58 31.36
CA GLY A 146 -18.31 35.36 32.09
C GLY A 146 -18.91 34.11 31.53
N LYS A 147 -19.56 34.17 30.36
CA LYS A 147 -20.16 32.99 29.78
C LYS A 147 -19.17 32.24 28.91
N THR A 148 -19.46 30.97 28.68
CA THR A 148 -18.66 30.17 27.75
C THR A 148 -19.05 30.49 26.31
N ILE A 149 -18.15 30.18 25.39
CA ILE A 149 -18.33 30.49 23.98
C ILE A 149 -19.23 29.42 23.37
N THR A 150 -20.34 29.85 22.77
CA THR A 150 -21.25 28.94 22.10
C THR A 150 -21.20 29.04 20.60
N ASP A 151 -20.66 30.11 20.04
CA ASP A 151 -20.66 30.32 18.60
C ASP A 151 -19.30 30.85 18.19
N VAL A 152 -18.74 30.25 17.14
CA VAL A 152 -17.51 30.71 16.50
C VAL A 152 -17.91 31.21 15.12
N ILE A 153 -17.43 32.40 14.76
CA ILE A 153 -17.75 33.00 13.48
C ILE A 153 -16.44 33.27 12.76
N ASN A 154 -16.22 32.56 11.66
CA ASN A 154 -15.08 32.77 10.79
C ASN A 154 -15.46 33.85 9.78
N ILE A 155 -14.68 34.92 9.75
CA ILE A 155 -14.89 36.04 8.82
C ILE A 155 -13.70 36.03 7.90
N GLY A 156 -13.95 35.68 6.63
CA GLY A 156 -12.89 35.58 5.65
C GLY A 156 -13.51 35.14 4.33
N ILE A 157 -12.71 35.26 3.27
CA ILE A 157 -13.19 35.00 1.92
C ILE A 157 -12.17 34.21 1.14
N GLY A 158 -12.64 33.48 0.14
CA GLY A 158 -11.72 32.73 -0.70
C GLY A 158 -11.00 31.65 0.09
N GLY A 159 -9.67 31.66 0.02
CA GLY A 159 -8.88 30.66 0.72
C GLY A 159 -9.07 30.68 2.22
N SER A 160 -9.48 31.81 2.79
CA SER A 160 -9.73 31.90 4.22
C SER A 160 -11.15 31.52 4.60
N ASP A 161 -11.92 30.93 3.67
CA ASP A 161 -13.31 30.58 3.90
C ASP A 161 -13.62 29.19 3.38
N LEU A 162 -13.27 28.90 2.12
CA LEU A 162 -13.85 27.72 1.47
C LEU A 162 -13.38 26.42 2.11
N GLY A 163 -12.12 26.36 2.51
CA GLY A 163 -11.57 25.15 3.07
C GLY A 163 -12.17 24.84 4.41
N PRO A 164 -12.04 25.76 5.37
CA PRO A 164 -12.66 25.52 6.67
C PRO A 164 -14.16 25.23 6.57
N LEU A 165 -14.89 25.93 5.70
CA LEU A 165 -16.32 25.67 5.61
C LEU A 165 -16.56 24.25 5.09
N MET A 166 -15.84 23.87 4.04
CA MET A 166 -16.06 22.57 3.43
C MET A 166 -15.72 21.46 4.40
N VAL A 167 -14.68 21.65 5.22
CA VAL A 167 -14.26 20.59 6.14
C VAL A 167 -15.23 20.48 7.32
N THR A 168 -15.68 21.60 7.89
CA THR A 168 -16.63 21.50 9.01
C THR A 168 -17.98 20.96 8.55
N GLU A 169 -18.38 21.26 7.32
CA GLU A 169 -19.57 20.63 6.77
C GLU A 169 -19.36 19.12 6.61
N ALA A 170 -18.19 18.72 6.14
CA ALA A 170 -17.95 17.32 5.85
C ALA A 170 -17.80 16.50 7.13
N LEU A 171 -17.34 17.13 8.22
CA LEU A 171 -17.01 16.43 9.45
C LEU A 171 -17.98 16.79 10.57
N LYS A 172 -19.19 17.21 10.19
CA LYS A 172 -20.19 17.62 11.19
C LYS A 172 -20.42 16.55 12.25
N PRO A 173 -20.42 15.26 11.95
CA PRO A 173 -20.67 14.26 13.02
C PRO A 173 -19.62 14.27 14.11
N TYR A 174 -18.43 14.82 13.86
CA TYR A 174 -17.35 14.85 14.82
C TYR A 174 -17.34 16.10 15.68
N SER A 175 -18.43 16.87 15.66
CA SER A 175 -18.46 18.18 16.31
C SER A 175 -19.22 18.18 17.64
N SER A 176 -19.64 17.01 18.13
CA SER A 176 -20.27 16.99 19.44
C SER A 176 -19.33 17.60 20.48
N GLY A 177 -19.87 18.46 21.33
CA GLY A 177 -19.05 19.14 22.32
C GLY A 177 -18.35 20.38 21.82
N GLY A 178 -18.45 20.69 20.53
CA GLY A 178 -17.88 21.91 20.00
C GLY A 178 -18.92 23.00 19.84
N PRO A 179 -18.46 24.24 19.76
CA PRO A 179 -19.40 25.33 19.46
C PRO A 179 -19.88 25.24 18.02
N ARG A 180 -21.04 25.85 17.78
CA ARG A 180 -21.51 26.04 16.41
C ARG A 180 -20.53 26.92 15.68
N VAL A 181 -20.35 26.67 14.39
CA VAL A 181 -19.48 27.50 13.56
C VAL A 181 -20.32 28.19 12.50
N TRP A 182 -19.98 29.44 12.21
CA TRP A 182 -20.64 30.26 11.21
C TRP A 182 -19.56 30.79 10.28
N TYR A 183 -19.88 30.90 8.99
CA TYR A 183 -18.93 31.41 8.00
C TYR A 183 -19.55 32.63 7.34
N VAL A 184 -18.90 33.77 7.53
CA VAL A 184 -19.27 35.03 6.92
C VAL A 184 -18.14 35.38 5.96
N SER A 185 -18.48 35.60 4.69
CA SER A 185 -17.46 35.77 3.66
C SER A 185 -17.82 36.89 2.68
N ASN A 186 -19.03 36.87 2.13
CA ASN A 186 -19.40 37.90 1.15
C ASN A 186 -19.36 39.29 1.78
N ILE A 187 -18.98 40.30 0.98
CA ILE A 187 -19.12 41.66 1.46
C ILE A 187 -20.60 42.03 1.53
N ASP A 188 -21.42 41.46 0.64
CA ASP A 188 -22.86 41.66 0.66
C ASP A 188 -23.34 41.67 2.11
N GLY A 189 -23.90 42.80 2.54
CA GLY A 189 -24.22 43.00 3.93
C GLY A 189 -25.23 41.98 4.45
N THR A 190 -25.95 41.32 3.56
CA THR A 190 -26.85 40.23 3.94
C THR A 190 -26.10 39.19 4.78
N HIS A 191 -24.90 38.84 4.35
CA HIS A 191 -24.21 37.70 4.95
C HIS A 191 -23.92 37.95 6.42
N ILE A 192 -23.30 39.09 6.75
CA ILE A 192 -23.01 39.38 8.16
C ILE A 192 -24.29 39.73 8.90
N ALA A 193 -25.22 40.45 8.25
CA ALA A 193 -26.41 40.91 8.96
C ALA A 193 -27.23 39.74 9.47
N LYS A 194 -27.52 38.76 8.61
CA LYS A 194 -28.38 37.67 9.00
C LYS A 194 -27.70 36.69 9.94
N THR A 195 -26.36 36.71 9.98
CA THR A 195 -25.60 35.95 10.96
C THR A 195 -25.64 36.62 12.31
N LEU A 196 -25.35 37.92 12.37
CA LEU A 196 -25.31 38.62 13.64
C LEU A 196 -26.68 38.61 14.32
N ALA A 197 -27.75 38.54 13.54
CA ALA A 197 -29.10 38.59 14.10
C ALA A 197 -29.40 37.35 14.93
N GLN A 198 -28.62 36.29 14.76
CA GLN A 198 -28.83 35.03 15.44
C GLN A 198 -27.85 34.82 16.59
N LEU A 199 -27.04 35.81 16.92
CA LEU A 199 -25.94 35.65 17.86
C LEU A 199 -26.07 36.61 19.03
N ASN A 200 -25.43 36.23 20.13
CA ASN A 200 -25.31 37.05 21.32
C ASN A 200 -23.85 37.44 21.50
N PRO A 201 -23.52 38.74 21.53
CA PRO A 201 -22.10 39.12 21.61
C PRO A 201 -21.36 38.48 22.77
N GLU A 202 -22.07 38.14 23.85
CA GLU A 202 -21.44 37.69 25.08
C GLU A 202 -20.88 36.28 24.96
N SER A 203 -21.33 35.51 23.98
CA SER A 203 -20.89 34.12 23.84
C SER A 203 -20.41 33.81 22.43
N SER A 204 -20.02 34.85 21.68
CA SER A 204 -19.58 34.70 20.29
C SER A 204 -18.11 35.04 20.18
N LEU A 205 -17.36 34.19 19.48
CA LEU A 205 -15.93 34.40 19.24
C LEU A 205 -15.77 34.59 17.74
N PHE A 206 -15.19 35.72 17.35
CA PHE A 206 -14.97 36.05 15.96
C PHE A 206 -13.54 35.72 15.58
N ILE A 207 -13.38 35.04 14.45
CA ILE A 207 -12.10 34.67 13.90
C ILE A 207 -11.94 35.49 12.61
N ILE A 208 -10.99 36.40 12.59
CA ILE A 208 -10.77 37.24 11.42
C ILE A 208 -9.64 36.61 10.63
N ALA A 209 -9.98 35.98 9.51
CA ALA A 209 -9.08 35.13 8.75
C ALA A 209 -8.73 35.81 7.43
N SER A 210 -7.44 36.14 7.25
CA SER A 210 -6.98 36.78 6.02
C SER A 210 -5.47 36.73 5.95
N LYS A 211 -4.92 36.23 4.84
CA LYS A 211 -3.46 36.10 4.72
C LYS A 211 -2.77 37.46 4.85
N THR A 212 -3.18 38.44 4.01
CA THR A 212 -2.58 39.77 4.06
C THR A 212 -3.21 40.66 5.10
N PHE A 213 -4.42 40.34 5.56
CA PHE A 213 -5.21 41.17 6.45
C PHE A 213 -5.48 42.55 5.83
N THR A 214 -5.59 42.61 4.51
CA THR A 214 -5.99 43.83 3.84
C THR A 214 -7.16 43.62 2.89
N THR A 215 -7.66 42.40 2.75
CA THR A 215 -8.76 42.14 1.83
C THR A 215 -9.98 42.94 2.26
N GLN A 216 -10.50 43.73 1.32
CA GLN A 216 -11.50 44.72 1.68
C GLN A 216 -12.75 44.07 2.26
N GLU A 217 -13.24 43.00 1.63
CA GLU A 217 -14.47 42.36 2.12
C GLU A 217 -14.30 41.92 3.58
N THR A 218 -13.16 41.31 3.89
CA THR A 218 -12.94 40.75 5.22
C THR A 218 -12.71 41.84 6.26
N ILE A 219 -11.94 42.87 5.91
CA ILE A 219 -11.70 43.92 6.90
C ILE A 219 -12.98 44.73 7.14
N THR A 220 -13.80 44.91 6.11
CA THR A 220 -15.07 45.59 6.28
C THR A 220 -16.01 44.76 7.15
N ASN A 221 -16.16 43.48 6.84
CA ASN A 221 -16.96 42.59 7.68
C ASN A 221 -16.44 42.59 9.11
N ALA A 222 -15.11 42.58 9.29
CA ALA A 222 -14.55 42.51 10.63
C ALA A 222 -14.83 43.79 11.40
N GLU A 223 -14.78 44.94 10.75
CA GLU A 223 -15.12 46.18 11.44
C GLU A 223 -16.61 46.25 11.78
N THR A 224 -17.47 45.69 10.92
CA THR A 224 -18.89 45.67 11.21
C THR A 224 -19.19 44.77 12.40
N ALA A 225 -18.55 43.60 12.45
CA ALA A 225 -18.71 42.72 13.60
C ALA A 225 -18.22 43.38 14.87
N LYS A 226 -17.07 44.07 14.80
CA LYS A 226 -16.52 44.70 15.99
C LYS A 226 -17.41 45.85 16.46
N GLU A 227 -17.95 46.64 15.53
CA GLU A 227 -18.88 47.70 15.93
C GLU A 227 -20.11 47.11 16.62
N TRP A 228 -20.70 46.07 16.02
CA TRP A 228 -21.81 45.36 16.64
C TRP A 228 -21.45 44.84 18.01
N PHE A 229 -20.24 44.31 18.16
CA PHE A 229 -19.83 43.76 19.46
C PHE A 229 -19.68 44.87 20.50
N LEU A 230 -19.04 45.98 20.12
CA LEU A 230 -18.80 47.06 21.07
C LEU A 230 -20.07 47.82 21.42
N GLN A 231 -21.11 47.76 20.59
CA GLN A 231 -22.39 48.35 20.97
C GLN A 231 -22.96 47.67 22.19
N ALA A 232 -22.66 46.39 22.38
CA ALA A 232 -23.11 45.64 23.54
C ALA A 232 -22.13 45.74 24.70
N ALA A 233 -20.83 45.50 24.44
CA ALA A 233 -19.85 45.45 25.51
C ALA A 233 -19.41 46.83 25.95
N LYS A 234 -19.33 47.78 25.03
CA LYS A 234 -18.94 49.16 25.31
C LYS A 234 -17.45 49.29 25.65
N ASP A 235 -16.84 48.24 26.17
CA ASP A 235 -15.48 48.30 26.69
C ASP A 235 -14.50 47.78 25.64
N PRO A 236 -13.58 48.60 25.14
CA PRO A 236 -12.65 48.09 24.12
C PRO A 236 -11.81 46.92 24.61
N SER A 237 -11.53 46.86 25.92
CA SER A 237 -10.74 45.75 26.44
C SER A 237 -11.46 44.42 26.30
N ALA A 238 -12.78 44.42 26.11
CA ALA A 238 -13.50 43.17 25.90
C ALA A 238 -13.20 42.55 24.53
N VAL A 239 -12.65 43.32 23.60
CA VAL A 239 -12.34 42.77 22.28
C VAL A 239 -11.34 41.63 22.39
N ALA A 240 -10.41 41.73 23.35
CA ALA A 240 -9.38 40.70 23.51
C ALA A 240 -9.96 39.34 23.86
N LYS A 241 -11.21 39.30 24.33
CA LYS A 241 -11.85 38.03 24.66
C LYS A 241 -12.72 37.48 23.54
N HIS A 242 -12.97 38.25 22.48
CA HIS A 242 -13.93 37.84 21.46
C HIS A 242 -13.42 37.93 20.03
N PHE A 243 -12.18 38.41 19.81
CA PHE A 243 -11.63 38.54 18.47
C PHE A 243 -10.22 37.98 18.43
N VAL A 244 -10.00 37.05 17.50
CA VAL A 244 -8.67 36.52 17.21
C VAL A 244 -8.46 36.63 15.70
N ALA A 245 -7.19 36.61 15.29
CA ALA A 245 -6.80 36.77 13.90
C ALA A 245 -5.96 35.61 13.43
N LEU A 246 -6.21 35.19 12.18
CA LEU A 246 -5.39 34.20 11.48
C LEU A 246 -4.78 34.90 10.27
N SER A 247 -3.46 35.10 10.27
CA SER A 247 -2.86 35.98 9.29
C SER A 247 -1.35 35.82 9.27
N THR A 248 -0.75 36.40 8.23
CA THR A 248 0.70 36.60 8.16
C THR A 248 1.11 38.01 8.53
N ASN A 249 0.16 38.94 8.63
CA ASN A 249 0.47 40.37 8.74
C ASN A 249 0.22 40.85 10.16
N THR A 250 1.27 40.76 11.00
CA THR A 250 1.16 41.21 12.38
C THR A 250 0.84 42.70 12.45
N THR A 251 1.44 43.50 11.57
CA THR A 251 1.26 44.95 11.68
C THR A 251 -0.20 45.34 11.48
N LYS A 252 -0.84 44.78 10.45
CA LYS A 252 -2.22 45.15 10.17
C LYS A 252 -3.19 44.53 11.17
N VAL A 253 -2.87 43.35 11.70
CA VAL A 253 -3.69 42.76 12.74
C VAL A 253 -3.71 43.67 13.97
N LYS A 254 -2.55 44.17 14.36
CA LYS A 254 -2.49 45.09 15.50
C LYS A 254 -3.23 46.39 15.21
N GLU A 255 -3.11 46.92 13.99
CA GLU A 255 -3.79 48.16 13.67
C GLU A 255 -5.31 47.98 13.70
N PHE A 256 -5.80 46.78 13.36
CA PHE A 256 -7.22 46.50 13.50
C PHE A 256 -7.65 46.47 14.95
N GLY A 257 -6.73 46.35 15.89
CA GLY A 257 -7.04 46.35 17.29
C GLY A 257 -7.10 44.99 17.95
N ILE A 258 -6.44 43.98 17.38
CA ILE A 258 -6.41 42.63 17.94
C ILE A 258 -5.07 42.43 18.63
N ASP A 259 -5.11 41.79 19.79
CA ASP A 259 -3.89 41.49 20.54
C ASP A 259 -2.95 40.64 19.70
N PRO A 260 -1.70 41.08 19.42
CA PRO A 260 -0.68 40.08 19.04
C PRO A 260 -0.77 38.71 19.68
N GLN A 261 -1.06 38.66 20.98
CA GLN A 261 -1.26 37.35 21.61
C GLN A 261 -2.46 36.62 21.03
N ASN A 262 -3.36 37.32 20.33
CA ASN A 262 -4.54 36.70 19.76
C ASN A 262 -4.37 36.42 18.27
N MET A 263 -3.14 36.44 17.76
CA MET A 263 -2.87 36.18 16.36
C MET A 263 -2.25 34.80 16.19
N PHE A 264 -2.83 34.00 15.30
CA PHE A 264 -2.31 32.70 14.91
C PHE A 264 -1.67 32.86 13.54
N GLU A 265 -0.35 32.72 13.49
CA GLU A 265 0.40 33.08 12.29
C GLU A 265 0.51 31.91 11.33
N PHE A 266 0.54 32.23 10.03
CA PHE A 266 1.11 31.35 9.02
C PHE A 266 2.10 32.17 8.19
N TRP A 267 2.52 31.68 7.04
CA TRP A 267 3.71 32.19 6.36
C TRP A 267 3.43 32.31 4.88
N ASP A 268 4.31 33.04 4.19
CA ASP A 268 4.01 33.38 2.80
C ASP A 268 4.00 32.16 1.89
N TRP A 269 4.68 31.06 2.28
CA TRP A 269 4.68 29.86 1.45
C TRP A 269 3.44 28.98 1.66
N VAL A 270 2.43 29.49 2.36
CA VAL A 270 1.13 28.85 2.48
C VAL A 270 0.18 29.62 1.56
N GLY A 271 -0.15 29.04 0.41
CA GLY A 271 -1.14 29.66 -0.46
C GLY A 271 -2.52 29.64 0.17
N GLY A 272 -3.30 30.68 -0.11
CA GLY A 272 -4.61 30.75 0.49
C GLY A 272 -5.45 29.52 0.19
N ARG A 273 -5.46 29.09 -1.06
CA ARG A 273 -6.22 27.90 -1.44
C ARG A 273 -5.55 26.61 -0.99
N TYR A 274 -4.44 26.71 -0.27
CA TYR A 274 -3.72 25.56 0.30
C TYR A 274 -3.56 25.73 1.80
N SER A 275 -4.43 26.52 2.45
CA SER A 275 -4.17 27.01 3.79
C SER A 275 -5.02 26.42 4.90
N LEU A 276 -6.03 25.60 4.59
CA LEU A 276 -6.82 25.04 5.69
C LEU A 276 -5.97 24.23 6.67
N TRP A 277 -4.79 23.77 6.25
CA TRP A 277 -3.92 22.98 7.10
C TRP A 277 -3.16 23.81 8.11
N SER A 278 -3.21 25.13 7.98
CA SER A 278 -2.47 26.06 8.80
C SER A 278 -3.36 26.63 9.90
N ALA A 279 -2.93 27.74 10.51
CA ALA A 279 -3.78 28.48 11.43
C ALA A 279 -5.15 28.77 10.82
N ILE A 280 -5.24 28.87 9.49
CA ILE A 280 -6.54 29.14 8.85
C ILE A 280 -7.57 28.07 9.26
N GLY A 281 -7.10 26.87 9.59
CA GLY A 281 -7.95 25.79 10.03
C GLY A 281 -8.46 25.90 11.45
N LEU A 282 -8.20 27.01 12.13
CA LEU A 282 -8.57 27.07 13.55
C LEU A 282 -10.06 26.84 13.77
N SER A 283 -10.94 27.26 12.86
CA SER A 283 -12.36 27.03 13.08
C SER A 283 -12.72 25.53 12.94
N ILE A 284 -11.97 24.80 12.12
CA ILE A 284 -12.12 23.35 12.07
C ILE A 284 -11.82 22.75 13.43
N ALA A 285 -10.63 23.05 13.95
CA ALA A 285 -10.19 22.47 15.22
C ALA A 285 -11.12 22.85 16.36
N LEU A 286 -11.63 24.08 16.34
CA LEU A 286 -12.58 24.49 17.38
C LEU A 286 -13.86 23.67 17.32
N HIS A 287 -14.33 23.38 16.10
CA HIS A 287 -15.64 22.72 15.91
C HIS A 287 -15.55 21.22 16.19
N VAL A 288 -14.55 20.55 15.61
CA VAL A 288 -14.41 19.10 15.76
C VAL A 288 -13.33 18.72 16.76
N GLY A 289 -12.60 19.68 17.32
CA GLY A 289 -11.53 19.39 18.27
C GLY A 289 -10.18 19.26 17.61
N PHE A 290 -9.14 19.64 18.36
CA PHE A 290 -7.80 19.59 17.81
C PHE A 290 -7.35 18.18 17.47
N ASP A 291 -7.76 17.18 18.27
CA ASP A 291 -7.39 15.81 17.96
C ASP A 291 -7.86 15.42 16.57
N ASN A 292 -9.11 15.79 16.22
CA ASN A 292 -9.62 15.49 14.90
C ASN A 292 -8.95 16.34 13.82
N PHE A 293 -8.51 17.55 14.17
CA PHE A 293 -7.71 18.33 13.24
C PHE A 293 -6.37 17.66 12.96
N GLU A 294 -5.73 17.10 13.99
CA GLU A 294 -4.47 16.41 13.78
C GLU A 294 -4.66 15.19 12.88
N GLN A 295 -5.80 14.50 13.02
CA GLN A 295 -6.06 13.37 12.14
C GLN A 295 -6.21 13.83 10.69
N LEU A 296 -6.92 14.96 10.48
CA LEU A 296 -7.01 15.55 9.15
C LEU A 296 -5.63 15.82 8.57
N LEU A 297 -4.76 16.47 9.35
CA LEU A 297 -3.39 16.68 8.91
C LEU A 297 -2.68 15.35 8.65
N SER A 298 -2.93 14.35 9.48
CA SER A 298 -2.23 13.07 9.34
C SER A 298 -2.62 12.38 8.04
N GLY A 299 -3.89 12.50 7.65
CA GLY A 299 -4.31 11.91 6.39
C GLY A 299 -3.66 12.58 5.18
N ALA A 300 -3.62 13.91 5.18
CA ALA A 300 -2.87 14.61 4.14
C ALA A 300 -1.41 14.18 4.12
N HIS A 301 -0.80 14.04 5.30
CA HIS A 301 0.59 13.60 5.38
C HIS A 301 0.77 12.22 4.75
N TRP A 302 -0.18 11.32 4.96
CA TRP A 302 -0.11 9.98 4.36
C TRP A 302 -0.09 10.09 2.84
N MET A 303 -1.01 10.89 2.28
CA MET A 303 -1.08 11.08 0.83
C MET A 303 0.16 11.75 0.29
N ASP A 304 0.72 12.71 1.04
CA ASP A 304 2.00 13.32 0.67
C ASP A 304 3.06 12.26 0.45
N GLN A 305 3.18 11.31 1.39
CA GLN A 305 4.20 10.28 1.27
C GLN A 305 3.91 9.36 0.08
N HIS A 306 2.63 9.01 -0.11
CA HIS A 306 2.26 8.22 -1.29
C HIS A 306 2.68 8.89 -2.58
N PHE A 307 2.44 10.21 -2.67
CA PHE A 307 2.81 10.94 -3.87
C PHE A 307 4.32 10.95 -4.06
N ARG A 308 5.08 11.03 -2.97
CA ARG A 308 6.52 11.13 -3.05
C ARG A 308 7.20 9.81 -3.42
N THR A 309 6.69 8.68 -2.91
CA THR A 309 7.43 7.42 -2.98
C THR A 309 6.89 6.43 -3.99
N THR A 310 5.78 6.71 -4.63
CA THR A 310 5.15 5.72 -5.51
C THR A 310 5.59 5.94 -6.96
N PRO A 311 6.03 4.89 -7.66
CA PRO A 311 6.32 5.03 -9.09
C PRO A 311 5.15 5.69 -9.82
N LEU A 312 5.48 6.53 -10.81
CA LEU A 312 4.45 7.32 -11.47
C LEU A 312 3.29 6.48 -11.98
N GLU A 313 3.59 5.29 -12.53
CA GLU A 313 2.58 4.47 -13.16
C GLU A 313 1.52 3.97 -12.18
N LYS A 314 1.78 4.02 -10.88
CA LYS A 314 0.78 3.59 -9.88
C LYS A 314 0.51 4.69 -8.85
N ASN A 315 0.77 5.95 -9.20
CA ASN A 315 0.76 7.07 -8.27
C ASN A 315 -0.56 7.82 -8.46
N ALA A 316 -1.47 7.73 -7.45
CA ALA A 316 -2.85 8.18 -7.60
C ALA A 316 -2.96 9.59 -8.15
N PRO A 317 -2.39 10.61 -7.51
CA PRO A 317 -2.57 11.98 -8.04
C PRO A 317 -1.94 12.17 -9.41
N VAL A 318 -0.85 11.46 -9.70
CA VAL A 318 -0.23 11.54 -11.01
C VAL A 318 -1.17 10.98 -12.06
N LEU A 319 -1.80 9.84 -11.78
CA LEU A 319 -2.69 9.21 -12.74
C LEU A 319 -3.94 10.06 -12.97
N LEU A 320 -4.50 10.61 -11.90
CA LEU A 320 -5.63 11.51 -12.07
C LEU A 320 -5.25 12.72 -12.91
N ALA A 321 -4.06 13.25 -12.68
CA ALA A 321 -3.60 14.41 -13.44
C ALA A 321 -3.47 14.07 -14.92
N LEU A 322 -2.84 12.94 -15.22
CA LEU A 322 -2.61 12.56 -16.61
C LEU A 322 -3.91 12.29 -17.34
N LEU A 323 -4.87 11.66 -16.66
CA LEU A 323 -6.18 11.44 -17.28
C LEU A 323 -6.82 12.77 -17.68
N GLY A 324 -6.70 13.78 -16.81
CA GLY A 324 -7.25 15.08 -17.13
C GLY A 324 -6.52 15.74 -18.29
N ILE A 325 -5.20 15.59 -18.35
CA ILE A 325 -4.44 16.10 -19.49
C ILE A 325 -4.97 15.50 -20.78
N TRP A 326 -5.20 14.18 -20.77
CA TRP A 326 -5.72 13.48 -21.95
C TRP A 326 -7.05 14.08 -22.43
N TYR A 327 -7.95 14.34 -21.50
CA TYR A 327 -9.26 14.88 -21.89
C TYR A 327 -9.19 16.37 -22.23
N ILE A 328 -8.28 17.10 -21.58
CA ILE A 328 -8.19 18.54 -21.80
C ILE A 328 -7.44 18.85 -23.08
N ASN A 329 -6.30 18.20 -23.30
CA ASN A 329 -5.39 18.60 -24.34
C ASN A 329 -5.49 17.76 -25.60
N CYS A 330 -6.13 16.60 -25.54
CA CYS A 330 -6.37 15.80 -26.73
C CYS A 330 -7.85 15.81 -27.13
N PHE A 331 -8.76 15.54 -26.19
CA PHE A 331 -10.18 15.55 -26.49
C PHE A 331 -10.78 16.95 -26.49
N GLY A 332 -10.16 17.90 -25.77
CA GLY A 332 -10.66 19.25 -25.72
C GLY A 332 -11.81 19.51 -24.78
N CYS A 333 -11.94 18.73 -23.72
CA CYS A 333 -13.04 18.95 -22.78
C CYS A 333 -12.76 20.16 -21.90
N GLU A 334 -13.72 21.08 -21.86
CA GLU A 334 -13.56 22.32 -21.12
C GLU A 334 -13.71 22.14 -19.61
N THR A 335 -14.49 21.15 -19.17
CA THR A 335 -14.90 21.08 -17.77
C THR A 335 -14.53 19.73 -17.15
N HIS A 336 -14.60 19.71 -15.82
CA HIS A 336 -14.37 18.51 -15.03
C HIS A 336 -15.39 18.52 -13.91
N ALA A 337 -16.25 17.51 -13.89
CA ALA A 337 -17.32 17.42 -12.91
C ALA A 337 -16.91 16.57 -11.72
N MET A 338 -17.12 17.09 -10.52
CA MET A 338 -16.82 16.42 -9.26
C MET A 338 -18.14 16.15 -8.54
N LEU A 339 -18.48 14.86 -8.38
CA LEU A 339 -19.82 14.43 -7.97
C LEU A 339 -19.75 13.51 -6.76
N PRO A 340 -19.66 14.07 -5.56
CA PRO A 340 -19.63 13.24 -4.36
C PRO A 340 -21.02 12.73 -4.02
N TYR A 341 -21.14 11.41 -3.88
CA TYR A 341 -22.39 10.80 -3.40
C TYR A 341 -22.40 10.82 -1.87
N ASP A 342 -22.43 12.05 -1.36
CA ASP A 342 -22.30 12.30 0.07
C ASP A 342 -22.78 13.70 0.36
N GLN A 343 -23.87 13.82 1.13
CA GLN A 343 -24.43 15.12 1.48
C GLN A 343 -23.46 15.93 2.33
N TYR A 344 -22.65 15.28 3.16
CA TYR A 344 -21.70 16.03 3.97
C TYR A 344 -20.64 16.72 3.10
N LEU A 345 -20.34 16.16 1.93
CA LEU A 345 -19.37 16.74 1.00
C LEU A 345 -20.01 17.75 0.05
N HIS A 346 -21.10 18.40 0.44
CA HIS A 346 -21.80 19.25 -0.51
C HIS A 346 -21.04 20.53 -0.88
N ARG A 347 -19.96 20.86 -0.18
CA ARG A 347 -19.12 22.01 -0.57
C ARG A 347 -17.78 21.59 -1.13
N PHE A 348 -17.62 20.31 -1.46
CA PHE A 348 -16.34 19.77 -1.93
C PHE A 348 -15.99 20.30 -3.33
N ALA A 349 -16.97 20.28 -4.24
CA ALA A 349 -16.72 20.79 -5.58
C ALA A 349 -16.44 22.29 -5.55
N ALA A 350 -17.16 23.03 -4.71
CA ALA A 350 -16.91 24.46 -4.61
C ALA A 350 -15.49 24.74 -4.11
N TYR A 351 -15.00 23.91 -3.20
CA TYR A 351 -13.65 24.08 -2.69
C TYR A 351 -12.63 23.94 -3.80
N PHE A 352 -12.79 22.93 -4.66
CA PHE A 352 -11.81 22.69 -5.70
C PHE A 352 -12.06 23.52 -6.94
N GLN A 353 -13.17 24.25 -7.01
CA GLN A 353 -13.26 25.35 -7.95
C GLN A 353 -12.11 26.32 -7.72
N GLN A 354 -11.92 26.77 -6.48
CA GLN A 354 -10.75 27.58 -6.21
C GLN A 354 -9.47 26.78 -6.35
N GLY A 355 -9.38 25.63 -5.65
CA GLY A 355 -8.12 24.92 -5.63
C GLY A 355 -7.60 24.62 -7.02
N ASP A 356 -8.46 24.13 -7.90
CA ASP A 356 -8.09 23.82 -9.27
C ASP A 356 -8.03 25.08 -10.13
N MET A 357 -9.14 25.82 -10.21
CA MET A 357 -9.25 26.87 -11.24
C MET A 357 -8.35 28.05 -10.94
N GLU A 358 -8.18 28.41 -9.65
CA GLU A 358 -7.28 29.50 -9.34
C GLU A 358 -5.81 29.09 -9.45
N SER A 359 -5.51 27.80 -9.25
CA SER A 359 -4.14 27.34 -9.44
C SER A 359 -3.76 27.31 -10.92
N ASN A 360 -4.59 26.68 -11.74
CA ASN A 360 -4.22 26.33 -13.11
C ASN A 360 -4.97 27.12 -14.17
N GLY A 361 -5.76 28.10 -13.78
CA GLY A 361 -6.37 28.99 -14.74
C GLY A 361 -5.38 30.04 -15.16
N LYS A 362 -4.41 29.64 -15.96
CA LYS A 362 -3.22 30.44 -16.27
C LYS A 362 -2.94 30.35 -17.76
N TYR A 363 -2.18 31.33 -18.27
CA TYR A 363 -1.83 31.29 -19.67
C TYR A 363 -0.40 31.75 -19.97
N ILE A 364 0.40 32.08 -18.96
CA ILE A 364 1.81 32.44 -19.14
C ILE A 364 2.67 31.35 -18.53
N THR A 365 3.67 30.88 -19.28
CA THR A 365 4.51 29.79 -18.82
C THR A 365 5.69 30.32 -18.01
N LYS A 366 6.45 29.37 -17.45
CA LYS A 366 7.64 29.72 -16.69
C LYS A 366 8.59 30.61 -17.50
N SER A 367 8.71 30.35 -18.79
CA SER A 367 9.60 31.12 -19.65
C SER A 367 9.00 32.45 -20.08
N GLY A 368 7.86 32.85 -19.52
CA GLY A 368 7.21 34.08 -19.92
C GLY A 368 6.47 34.01 -21.23
N THR A 369 6.41 32.85 -21.86
CA THR A 369 5.76 32.72 -23.15
C THR A 369 4.30 32.34 -22.96
N ARG A 370 3.47 32.78 -23.90
CA ARG A 370 2.05 32.48 -23.84
C ARG A 370 1.80 31.03 -24.22
N VAL A 371 0.94 30.34 -23.45
CA VAL A 371 0.60 28.97 -23.80
C VAL A 371 -0.07 28.97 -25.18
N ASP A 372 0.08 27.85 -25.90
CA ASP A 372 -0.62 27.64 -27.17
C ASP A 372 -1.44 26.36 -27.09
N HIS A 373 -1.90 26.05 -25.88
CA HIS A 373 -2.69 24.87 -25.60
C HIS A 373 -3.62 25.22 -24.45
N GLN A 374 -4.56 24.32 -24.19
CA GLN A 374 -5.47 24.49 -23.05
C GLN A 374 -4.74 24.28 -21.73
N THR A 375 -5.17 25.04 -20.72
CA THR A 375 -4.77 24.76 -19.34
C THR A 375 -5.99 24.34 -18.52
N GLY A 376 -6.13 24.84 -17.30
CA GLY A 376 -7.04 24.25 -16.34
C GLY A 376 -8.50 24.23 -16.77
N PRO A 377 -9.24 23.20 -16.33
CA PRO A 377 -10.66 23.11 -16.69
C PRO A 377 -11.56 23.87 -15.73
N ILE A 378 -12.80 24.09 -16.18
CA ILE A 378 -13.85 24.59 -15.31
C ILE A 378 -14.37 23.44 -14.45
N VAL A 379 -14.31 23.60 -13.15
CA VAL A 379 -14.71 22.55 -12.19
C VAL A 379 -16.11 22.90 -11.69
N TRP A 380 -16.97 21.89 -11.60
CA TRP A 380 -18.35 22.09 -11.18
C TRP A 380 -18.88 20.75 -10.67
N GLY A 381 -20.08 20.79 -10.11
CA GLY A 381 -20.73 19.59 -9.62
C GLY A 381 -21.62 19.84 -8.42
N GLU A 382 -22.47 18.86 -8.14
CA GLU A 382 -23.39 18.85 -7.01
C GLU A 382 -23.38 17.42 -6.48
N PRO A 383 -23.72 17.23 -5.21
CA PRO A 383 -23.79 15.87 -4.66
C PRO A 383 -24.80 14.98 -5.37
N GLY A 384 -24.44 13.70 -5.51
CA GLY A 384 -25.43 12.70 -5.87
C GLY A 384 -26.21 12.25 -4.64
N THR A 385 -27.46 11.81 -4.85
CA THR A 385 -28.09 11.58 -6.13
C THR A 385 -28.78 12.80 -6.76
N ASN A 386 -28.79 13.91 -6.03
CA ASN A 386 -29.52 15.10 -6.48
C ASN A 386 -29.22 15.43 -7.93
N GLY A 387 -27.93 15.42 -8.30
CA GLY A 387 -27.55 15.82 -9.64
C GLY A 387 -28.23 14.98 -10.70
N GLN A 388 -28.55 13.72 -10.37
CA GLN A 388 -29.24 12.86 -11.33
C GLN A 388 -30.55 13.49 -11.76
N HIS A 389 -31.18 14.28 -10.89
CA HIS A 389 -32.48 14.87 -11.15
C HIS A 389 -32.39 16.33 -11.56
N ALA A 390 -31.17 16.82 -11.81
CA ALA A 390 -30.99 18.21 -12.22
C ALA A 390 -30.29 18.28 -13.57
N PHE A 391 -29.04 17.83 -13.69
CA PHE A 391 -28.28 18.03 -14.91
C PHE A 391 -27.71 16.76 -15.54
N TYR A 392 -27.94 15.58 -14.94
CA TYR A 392 -27.39 14.39 -15.58
C TYR A 392 -27.99 14.14 -16.95
N GLN A 393 -29.20 14.66 -17.19
CA GLN A 393 -29.79 14.61 -18.53
C GLN A 393 -28.77 15.06 -19.57
N LEU A 394 -28.08 16.17 -19.30
CA LEU A 394 -27.12 16.69 -20.27
C LEU A 394 -25.87 15.83 -20.34
N ILE A 395 -25.47 15.23 -19.22
CA ILE A 395 -24.30 14.36 -19.24
C ILE A 395 -24.56 13.12 -20.08
N HIS A 396 -25.79 12.58 -19.98
CA HIS A 396 -26.14 11.37 -20.71
C HIS A 396 -26.48 11.63 -22.17
N GLN A 397 -27.20 12.72 -22.48
CA GLN A 397 -27.77 12.90 -23.80
C GLN A 397 -27.58 14.28 -24.40
N GLY A 398 -26.69 15.10 -23.84
CA GLY A 398 -26.32 16.35 -24.45
C GLY A 398 -25.27 16.17 -25.53
N THR A 399 -24.57 17.27 -25.81
CA THR A 399 -23.55 17.30 -26.87
C THR A 399 -22.16 17.61 -26.32
N LYS A 400 -21.98 17.48 -25.01
CA LYS A 400 -20.71 17.77 -24.35
C LYS A 400 -20.07 16.50 -23.81
N MET A 401 -18.76 16.41 -23.94
CA MET A 401 -17.98 15.37 -23.28
C MET A 401 -17.49 15.92 -21.94
N ILE A 402 -17.82 15.22 -20.86
CA ILE A 402 -17.63 15.74 -19.51
C ILE A 402 -17.01 14.66 -18.64
N PRO A 403 -15.70 14.68 -18.43
CA PRO A 403 -15.09 13.76 -17.44
C PRO A 403 -15.68 14.03 -16.07
N CYS A 404 -16.07 12.96 -15.37
CA CYS A 404 -16.67 13.05 -14.05
C CYS A 404 -15.89 12.20 -13.05
N ASP A 405 -15.62 12.78 -11.87
CA ASP A 405 -15.16 12.01 -10.72
C ASP A 405 -16.36 11.72 -9.82
N PHE A 406 -16.71 10.44 -9.68
CA PHE A 406 -17.73 9.98 -8.73
C PHE A 406 -17.02 9.54 -7.46
N LEU A 407 -17.45 10.06 -6.31
CA LEU A 407 -16.86 9.75 -5.01
C LEU A 407 -17.91 9.23 -4.04
N ILE A 408 -17.54 8.28 -3.17
CA ILE A 408 -18.47 7.82 -2.15
C ILE A 408 -17.78 7.08 -1.01
N PRO A 409 -18.24 7.22 0.24
CA PRO A 409 -17.75 6.32 1.29
C PRO A 409 -18.58 5.04 1.35
N VAL A 410 -17.88 3.95 1.63
CA VAL A 410 -18.54 2.65 1.76
C VAL A 410 -19.45 2.64 2.98
N GLN A 411 -18.95 3.15 4.11
CA GLN A 411 -19.72 3.19 5.35
C GLN A 411 -20.25 4.59 5.57
N THR A 412 -21.54 4.68 5.90
CA THR A 412 -22.18 5.96 6.16
C THR A 412 -22.06 6.35 7.61
N GLN A 413 -22.07 7.66 7.86
CA GLN A 413 -22.15 8.19 9.22
C GLN A 413 -23.54 8.05 9.84
N HIS A 414 -24.55 7.71 9.05
CA HIS A 414 -25.93 7.64 9.53
C HIS A 414 -26.61 6.42 8.95
N PRO A 415 -26.31 5.23 9.47
CA PRO A 415 -26.82 3.97 8.91
C PRO A 415 -28.29 3.71 9.27
N ILE A 416 -29.15 4.68 8.99
CA ILE A 416 -30.55 4.57 9.37
C ILE A 416 -31.24 3.46 8.59
N ARG A 417 -32.36 2.99 9.14
CA ARG A 417 -33.17 1.97 8.47
C ARG A 417 -32.35 0.76 8.10
N LYS A 418 -31.43 0.36 9.00
CA LYS A 418 -30.59 -0.81 8.80
C LYS A 418 -29.79 -0.73 7.50
N GLY A 419 -29.37 0.48 7.13
CA GLY A 419 -28.54 0.68 5.96
C GLY A 419 -29.28 0.86 4.66
N LEU A 420 -30.60 0.96 4.68
CA LEU A 420 -31.37 0.99 3.45
C LEU A 420 -31.02 2.21 2.62
N HIS A 421 -30.98 3.39 3.25
CA HIS A 421 -30.68 4.61 2.49
C HIS A 421 -29.32 4.53 1.83
N HIS A 422 -28.32 4.03 2.55
CA HIS A 422 -26.99 3.97 1.96
C HIS A 422 -26.92 2.91 0.88
N LYS A 423 -27.66 1.81 1.02
CA LYS A 423 -27.70 0.82 -0.06
C LYS A 423 -28.20 1.46 -1.36
N ILE A 424 -29.30 2.20 -1.29
CA ILE A 424 -29.86 2.85 -2.47
C ILE A 424 -28.86 3.86 -3.04
N LEU A 425 -28.19 4.61 -2.17
CA LEU A 425 -27.19 5.57 -2.62
C LEU A 425 -26.04 4.88 -3.35
N LEU A 426 -25.51 3.79 -2.77
CA LEU A 426 -24.45 3.03 -3.41
C LEU A 426 -24.90 2.49 -4.76
N ALA A 427 -26.14 1.99 -4.84
CA ALA A 427 -26.63 1.44 -6.10
C ALA A 427 -26.67 2.50 -7.19
N ASN A 428 -27.13 3.71 -6.85
CA ASN A 428 -27.13 4.80 -7.83
C ASN A 428 -25.71 5.19 -8.22
N PHE A 429 -24.82 5.30 -7.23
CA PHE A 429 -23.42 5.61 -7.50
C PHE A 429 -22.85 4.65 -8.54
N LEU A 430 -23.14 3.36 -8.37
CA LEU A 430 -22.64 2.36 -9.29
C LEU A 430 -23.36 2.42 -10.63
N ALA A 431 -24.68 2.60 -10.59
CA ALA A 431 -25.47 2.51 -11.81
C ALA A 431 -25.19 3.65 -12.76
N GLN A 432 -24.86 4.83 -12.24
CA GLN A 432 -24.72 6.00 -13.10
C GLN A 432 -23.44 5.91 -13.94
N THR A 433 -22.33 5.44 -13.35
CA THR A 433 -21.12 5.28 -14.14
C THR A 433 -21.29 4.12 -15.11
N GLU A 434 -21.97 3.05 -14.68
CA GLU A 434 -22.29 1.97 -15.60
C GLU A 434 -23.13 2.47 -16.77
N ALA A 435 -24.14 3.30 -16.49
CA ALA A 435 -24.98 3.82 -17.57
C ALA A 435 -24.19 4.73 -18.49
N LEU A 436 -23.40 5.63 -17.92
CA LEU A 436 -22.55 6.50 -18.74
C LEU A 436 -21.66 5.70 -19.67
N MET A 437 -21.14 4.57 -19.19
CA MET A 437 -20.23 3.78 -19.99
C MET A 437 -20.94 2.99 -21.09
N ARG A 438 -22.01 2.28 -20.71
CA ARG A 438 -22.62 1.30 -21.61
C ARG A 438 -23.63 1.92 -22.55
N GLY A 439 -24.35 2.93 -22.12
CA GLY A 439 -25.40 3.47 -22.95
C GLY A 439 -26.48 2.44 -23.23
N LYS A 440 -27.26 2.71 -24.27
CA LYS A 440 -28.36 1.84 -24.68
C LYS A 440 -28.57 2.03 -26.17
N SER A 441 -28.43 0.95 -26.94
CA SER A 441 -28.42 1.03 -28.39
C SER A 441 -29.84 1.13 -28.94
N THR A 442 -29.94 1.50 -30.23
CA THR A 442 -31.23 1.55 -30.90
C THR A 442 -31.96 0.21 -30.79
N GLU A 443 -31.24 -0.88 -31.04
CA GLU A 443 -31.88 -2.20 -30.95
C GLU A 443 -32.33 -2.49 -29.53
N GLU A 444 -31.53 -2.14 -28.52
CA GLU A 444 -31.92 -2.38 -27.14
C GLU A 444 -33.15 -1.56 -26.77
N ALA A 445 -33.22 -0.31 -27.25
CA ALA A 445 -34.36 0.54 -26.94
C ALA A 445 -35.60 0.14 -27.74
N ARG A 446 -35.41 -0.32 -28.98
CA ARG A 446 -36.53 -0.82 -29.75
C ARG A 446 -37.22 -1.96 -29.03
N LYS A 447 -36.43 -2.85 -28.42
CA LYS A 447 -37.02 -4.00 -27.73
C LYS A 447 -37.84 -3.55 -26.53
N GLU A 448 -37.36 -2.57 -25.76
CA GLU A 448 -38.13 -2.10 -24.62
C GLU A 448 -39.46 -1.51 -25.09
N LEU A 449 -39.44 -0.73 -26.18
CA LEU A 449 -40.68 -0.10 -26.65
C LEU A 449 -41.66 -1.14 -27.16
N GLN A 450 -41.17 -2.18 -27.84
CA GLN A 450 -42.06 -3.26 -28.26
C GLN A 450 -42.71 -3.93 -27.05
N ALA A 451 -41.90 -4.21 -26.02
CA ALA A 451 -42.46 -4.87 -24.83
C ALA A 451 -43.41 -3.96 -24.08
N ALA A 452 -43.25 -2.64 -24.23
CA ALA A 452 -44.17 -1.69 -23.62
C ALA A 452 -45.48 -1.56 -24.39
N GLY A 453 -45.59 -2.20 -25.55
CA GLY A 453 -46.83 -2.20 -26.29
C GLY A 453 -47.03 -1.04 -27.24
N LYS A 454 -45.96 -0.36 -27.63
CA LYS A 454 -46.12 0.82 -28.47
C LYS A 454 -46.49 0.45 -29.88
N SER A 455 -47.40 1.22 -30.47
CA SER A 455 -47.73 1.08 -31.87
C SER A 455 -46.47 1.27 -32.72
N PRO A 456 -46.41 0.65 -33.90
CA PRO A 456 -45.21 0.85 -34.74
C PRO A 456 -44.93 2.31 -35.04
N GLU A 457 -45.99 3.11 -35.24
CA GLU A 457 -45.80 4.53 -35.50
C GLU A 457 -45.24 5.22 -34.26
N ASP A 458 -45.87 5.00 -33.10
CA ASP A 458 -45.38 5.61 -31.86
C ASP A 458 -43.97 5.15 -31.55
N LEU A 459 -43.70 3.86 -31.76
CA LEU A 459 -42.37 3.33 -31.45
C LEU A 459 -41.29 4.01 -32.29
N GLU A 460 -41.56 4.21 -33.58
CA GLU A 460 -40.55 4.81 -34.44
C GLU A 460 -40.35 6.29 -34.10
N ARG A 461 -41.41 6.98 -33.70
CA ARG A 461 -41.27 8.38 -33.31
C ARG A 461 -40.38 8.53 -32.09
N LEU A 462 -40.59 7.68 -31.09
CA LEU A 462 -39.93 7.83 -29.80
C LEU A 462 -38.53 7.21 -29.78
N LEU A 463 -38.28 6.20 -30.61
CA LEU A 463 -37.08 5.39 -30.49
C LEU A 463 -35.79 6.19 -30.41
N PRO A 464 -35.48 7.11 -31.33
CA PRO A 464 -34.18 7.79 -31.24
C PRO A 464 -34.03 8.63 -29.98
N HIS A 465 -35.13 9.08 -29.39
CA HIS A 465 -35.08 9.84 -28.14
C HIS A 465 -34.70 8.96 -26.94
N LYS A 466 -34.82 7.64 -27.06
CA LYS A 466 -34.54 6.72 -25.97
C LYS A 466 -33.16 6.10 -26.05
N VAL A 467 -32.39 6.45 -27.07
CA VAL A 467 -31.07 5.88 -27.26
C VAL A 467 -30.06 6.64 -26.43
N PHE A 468 -29.15 5.90 -25.77
CA PHE A 468 -28.03 6.47 -25.04
C PHE A 468 -26.75 6.06 -25.75
N GLU A 469 -26.03 7.05 -26.29
CA GLU A 469 -24.81 6.74 -27.03
C GLU A 469 -23.69 6.27 -26.11
N GLY A 470 -23.74 6.63 -24.83
CA GLY A 470 -22.74 6.13 -23.88
C GLY A 470 -21.33 6.51 -24.26
N ASN A 471 -20.39 5.63 -23.87
CA ASN A 471 -18.96 5.85 -24.05
C ASN A 471 -18.51 7.12 -23.35
N ARG A 472 -19.13 7.41 -22.21
CA ARG A 472 -18.85 8.64 -21.47
C ARG A 472 -18.01 8.29 -20.24
N PRO A 473 -16.78 8.79 -20.14
CA PRO A 473 -15.84 8.24 -19.15
C PRO A 473 -16.00 8.82 -17.76
N THR A 474 -15.59 8.02 -16.77
CA THR A 474 -15.70 8.41 -15.37
C THR A 474 -14.53 7.82 -14.59
N ASN A 475 -14.22 8.48 -13.47
CA ASN A 475 -13.43 7.91 -12.39
C ASN A 475 -14.39 7.57 -11.25
N SER A 476 -14.14 6.46 -10.56
CA SER A 476 -14.87 6.11 -9.36
C SER A 476 -13.88 6.00 -8.21
N ILE A 477 -14.09 6.83 -7.19
CA ILE A 477 -13.21 6.91 -6.03
C ILE A 477 -14.03 6.49 -4.82
N VAL A 478 -13.73 5.32 -4.28
CA VAL A 478 -14.47 4.74 -3.17
C VAL A 478 -13.52 4.59 -2.00
N PHE A 479 -13.95 5.05 -0.83
CA PHE A 479 -13.12 4.98 0.37
C PHE A 479 -13.95 4.41 1.52
N THR A 480 -13.25 3.82 2.50
CA THR A 480 -13.96 3.08 3.55
C THR A 480 -14.98 3.94 4.28
N LYS A 481 -14.57 5.12 4.76
CA LYS A 481 -15.45 5.98 5.54
C LYS A 481 -14.89 7.39 5.51
N LEU A 482 -15.79 8.38 5.52
CA LEU A 482 -15.36 9.79 5.49
C LEU A 482 -15.07 10.25 6.91
N THR A 483 -13.90 9.87 7.39
CA THR A 483 -13.35 10.33 8.65
C THR A 483 -12.50 11.56 8.43
N PRO A 484 -12.10 12.24 9.50
CA PRO A 484 -11.13 13.34 9.34
C PRO A 484 -9.86 12.91 8.60
N PHE A 485 -9.29 11.75 8.97
CA PHE A 485 -8.10 11.27 8.30
C PHE A 485 -8.33 11.08 6.81
N MET A 486 -9.44 10.41 6.47
CA MET A 486 -9.69 10.10 5.07
C MET A 486 -9.91 11.38 4.27
N LEU A 487 -10.63 12.34 4.85
CA LEU A 487 -10.85 13.62 4.18
C LEU A 487 -9.52 14.29 3.86
N GLY A 488 -8.59 14.30 4.82
CA GLY A 488 -7.29 14.90 4.55
C GLY A 488 -6.57 14.21 3.42
N ALA A 489 -6.60 12.87 3.40
CA ALA A 489 -5.96 12.14 2.30
C ALA A 489 -6.57 12.52 0.95
N LEU A 490 -7.91 12.61 0.90
CA LEU A 490 -8.58 12.89 -0.37
C LEU A 490 -8.31 14.31 -0.85
N VAL A 491 -8.34 15.29 0.07
CA VAL A 491 -8.05 16.66 -0.34
C VAL A 491 -6.61 16.77 -0.82
N ALA A 492 -5.69 16.12 -0.11
CA ALA A 492 -4.29 16.16 -0.52
C ALA A 492 -4.09 15.50 -1.88
N MET A 493 -4.82 14.39 -2.14
CA MET A 493 -4.76 13.77 -3.44
C MET A 493 -5.02 14.78 -4.56
N TYR A 494 -6.09 15.57 -4.41
CA TYR A 494 -6.43 16.52 -5.48
C TYR A 494 -5.43 17.67 -5.53
N GLU A 495 -4.95 18.13 -4.38
CA GLU A 495 -3.90 19.15 -4.40
C GLU A 495 -2.73 18.70 -5.29
N HIS A 496 -2.33 17.44 -5.17
CA HIS A 496 -1.17 16.97 -5.92
C HIS A 496 -1.54 16.66 -7.37
N LYS A 497 -2.81 16.30 -7.62
CA LYS A 497 -3.25 16.24 -9.01
C LYS A 497 -3.05 17.59 -9.68
N ILE A 498 -3.51 18.65 -9.02
CA ILE A 498 -3.39 20.00 -9.57
C ILE A 498 -1.94 20.37 -9.77
N PHE A 499 -1.07 20.00 -8.82
CA PHE A 499 0.35 20.26 -8.96
C PHE A 499 0.90 19.61 -10.23
N VAL A 500 0.59 18.32 -10.43
CA VAL A 500 1.14 17.60 -11.58
C VAL A 500 0.70 18.25 -12.88
N GLN A 501 -0.60 18.55 -13.01
CA GLN A 501 -1.07 19.17 -14.25
C GLN A 501 -0.36 20.49 -14.53
N GLY A 502 -0.16 21.29 -13.50
CA GLY A 502 0.51 22.56 -13.69
C GLY A 502 1.93 22.40 -14.17
N ILE A 503 2.66 21.42 -13.63
CA ILE A 503 4.02 21.18 -14.08
C ILE A 503 4.03 20.78 -15.54
N ILE A 504 3.11 19.89 -15.92
CA ILE A 504 3.02 19.44 -17.31
C ILE A 504 2.74 20.62 -18.23
N TRP A 505 1.87 21.54 -17.80
CA TRP A 505 1.55 22.72 -18.60
C TRP A 505 2.63 23.79 -18.53
N ASP A 506 3.62 23.66 -17.65
CA ASP A 506 4.68 24.65 -17.46
C ASP A 506 4.15 26.00 -16.96
N ILE A 507 3.09 25.98 -16.15
CA ILE A 507 2.53 27.19 -15.56
C ILE A 507 2.83 27.19 -14.07
N ASN A 508 2.57 28.33 -13.44
CA ASN A 508 2.75 28.48 -11.99
C ASN A 508 1.40 28.21 -11.32
N SER A 509 1.29 27.05 -10.67
CA SER A 509 0.06 26.71 -9.98
C SER A 509 -0.19 27.51 -8.71
N PHE A 510 0.74 28.37 -8.30
CA PHE A 510 0.76 28.88 -6.94
C PHE A 510 0.71 30.38 -6.82
N ASP A 511 0.59 31.11 -7.93
CA ASP A 511 0.30 32.52 -7.92
C ASP A 511 -1.16 32.74 -8.38
N GLN A 512 -1.57 34.00 -8.39
CA GLN A 512 -2.91 34.38 -8.82
C GLN A 512 -2.94 35.87 -9.18
N TRP A 513 -2.16 36.23 -10.20
CA TRP A 513 -2.08 37.62 -10.61
C TRP A 513 -3.38 38.09 -11.27
N GLY A 514 -4.27 37.16 -11.64
CA GLY A 514 -5.48 37.49 -12.34
C GLY A 514 -6.55 38.14 -11.51
N VAL A 515 -6.32 38.31 -10.21
CA VAL A 515 -7.30 38.94 -9.34
C VAL A 515 -7.03 40.43 -9.16
N GLU A 516 -5.90 40.94 -9.65
CA GLU A 516 -5.51 42.30 -9.31
C GLU A 516 -6.35 43.34 -10.04
N LEU A 517 -6.66 43.09 -11.32
CA LEU A 517 -7.30 44.14 -12.13
C LEU A 517 -8.66 44.52 -11.56
N GLY A 518 -9.48 43.51 -11.23
CA GLY A 518 -10.79 43.79 -10.69
C GLY A 518 -10.73 44.58 -9.40
N LYS A 519 -9.73 44.29 -8.56
CA LYS A 519 -9.55 45.05 -7.32
C LYS A 519 -9.23 46.51 -7.61
N GLN A 520 -8.34 46.75 -8.58
CA GLN A 520 -7.98 48.12 -8.93
C GLN A 520 -9.20 48.90 -9.42
N LEU A 521 -9.96 48.31 -10.33
CA LEU A 521 -11.09 49.03 -10.93
C LEU A 521 -12.20 49.25 -9.92
N ALA A 522 -12.38 48.35 -8.96
CA ALA A 522 -13.41 48.57 -7.94
C ALA A 522 -13.01 49.71 -7.02
N LYS A 523 -11.72 49.85 -6.72
CA LYS A 523 -11.24 50.97 -5.92
C LYS A 523 -11.54 52.30 -6.59
N LYS A 524 -11.49 52.34 -7.93
CA LYS A 524 -11.77 53.58 -8.65
C LYS A 524 -13.25 53.88 -8.67
N ILE A 525 -14.09 52.85 -8.77
CA ILE A 525 -15.52 53.06 -8.89
C ILE A 525 -16.16 53.40 -7.55
N GLU A 526 -15.63 52.88 -6.45
CA GLU A 526 -16.29 53.04 -5.15
C GLU A 526 -16.69 54.49 -4.89
N PRO A 527 -15.74 55.44 -4.91
CA PRO A 527 -16.09 56.82 -4.56
C PRO A 527 -16.94 57.52 -5.61
N GLU A 528 -16.99 57.00 -6.84
CA GLU A 528 -17.87 57.58 -7.86
C GLU A 528 -19.33 57.22 -7.63
N LEU A 529 -19.61 56.20 -6.81
CA LEU A 529 -20.99 55.80 -6.57
C LEU A 529 -21.69 56.74 -5.60
N ASP A 530 -20.94 57.49 -4.80
CA ASP A 530 -21.56 58.44 -3.88
C ASP A 530 -22.13 59.63 -4.66
N GLY A 531 -23.28 60.11 -4.20
CA GLY A 531 -23.94 61.23 -4.84
C GLY A 531 -24.75 60.82 -6.05
N SER A 532 -25.60 61.74 -6.49
CA SER A 532 -26.47 61.52 -7.64
C SER A 532 -25.88 62.04 -8.95
N ALA A 533 -24.64 62.54 -8.93
CA ALA A 533 -24.02 63.04 -10.15
C ALA A 533 -23.77 61.90 -11.12
N GLN A 534 -24.04 62.17 -12.40
CA GLN A 534 -23.81 61.18 -13.44
C GLN A 534 -22.32 60.93 -13.61
N VAL A 535 -21.97 59.68 -13.92
CA VAL A 535 -20.61 59.27 -14.20
C VAL A 535 -20.47 59.06 -15.69
N THR A 536 -19.41 59.61 -16.28
CA THR A 536 -19.20 59.47 -17.71
C THR A 536 -17.73 59.19 -18.04
N SER A 537 -16.94 58.74 -17.06
CA SER A 537 -15.50 58.60 -17.19
C SER A 537 -15.03 57.22 -17.60
N HIS A 538 -15.90 56.23 -17.65
CA HIS A 538 -15.57 54.88 -18.05
C HIS A 538 -16.10 54.64 -19.47
N ASP A 539 -15.99 53.40 -19.93
CA ASP A 539 -16.71 52.97 -21.12
C ASP A 539 -18.21 53.22 -20.95
N ALA A 540 -18.93 53.20 -22.07
CA ALA A 540 -20.35 53.58 -22.06
C ALA A 540 -21.20 52.63 -21.23
N SER A 541 -20.84 51.34 -21.17
CA SER A 541 -21.64 50.39 -20.37
C SER A 541 -21.44 50.62 -18.88
N THR A 542 -20.20 50.62 -18.42
CA THR A 542 -19.94 50.94 -17.02
C THR A 542 -20.65 52.25 -16.62
N ASN A 543 -20.56 53.29 -17.46
CA ASN A 543 -21.26 54.53 -17.14
C ASN A 543 -22.76 54.32 -17.04
N GLY A 544 -23.34 53.61 -18.01
CA GLY A 544 -24.77 53.41 -18.03
C GLY A 544 -25.26 52.61 -16.83
N LEU A 545 -24.50 51.58 -16.45
CA LEU A 545 -24.84 50.80 -15.27
C LEU A 545 -24.81 51.68 -14.02
N ILE A 546 -23.74 52.44 -13.84
CA ILE A 546 -23.63 53.31 -12.67
C ILE A 546 -24.82 54.26 -12.62
N ASN A 547 -25.11 54.90 -13.76
CA ASN A 547 -26.18 55.91 -13.74
C ASN A 547 -27.55 55.28 -13.51
N PHE A 548 -27.75 54.03 -13.96
CA PHE A 548 -28.99 53.33 -13.62
C PHE A 548 -29.07 53.03 -12.13
N ILE A 549 -27.95 52.60 -11.54
CA ILE A 549 -27.88 52.36 -10.11
C ILE A 549 -28.22 53.64 -9.33
N LYS A 550 -27.64 54.76 -9.74
CA LYS A 550 -27.92 56.03 -9.04
C LYS A 550 -29.38 56.43 -9.19
N GLN A 551 -29.96 56.19 -10.37
CA GLN A 551 -31.36 56.52 -10.59
C GLN A 551 -32.26 55.66 -9.72
N GLN A 552 -31.99 54.36 -9.67
CA GLN A 552 -32.85 53.40 -9.01
C GLN A 552 -32.62 53.34 -7.50
N ARG A 553 -31.60 54.02 -7.01
CA ARG A 553 -31.26 54.00 -5.59
C ARG A 553 -32.30 54.70 -4.75
N GLU A 554 -33.10 55.59 -5.33
CA GLU A 554 -34.15 56.29 -4.63
C GLU A 554 -35.53 55.68 -4.83
N ALA A 555 -35.71 54.88 -5.89
CA ALA A 555 -37.04 54.38 -6.23
C ALA A 555 -37.66 53.65 -5.06
N ARG A 556 -38.98 53.82 -4.90
CA ARG A 556 -39.72 53.23 -3.80
C ARG A 556 -40.68 52.16 -4.31
N ALA B 2 -9.10 -32.69 17.32
CA ALA B 2 -8.39 -31.38 17.37
C ALA B 2 -9.17 -30.35 16.55
N ALA B 3 -9.02 -29.07 16.94
CA ALA B 3 -9.88 -28.03 16.40
C ALA B 3 -9.73 -27.90 14.88
N LEU B 4 -8.51 -28.01 14.36
CA LEU B 4 -8.34 -27.83 12.93
C LEU B 4 -8.99 -28.94 12.14
N THR B 5 -8.81 -30.19 12.57
CA THR B 5 -9.40 -31.31 11.83
C THR B 5 -10.91 -31.26 11.86
N ARG B 6 -11.50 -30.68 12.91
CA ARG B 6 -12.94 -30.54 13.00
C ARG B 6 -13.48 -29.36 12.20
N ASP B 7 -12.61 -28.53 11.65
CA ASP B 7 -13.05 -27.28 11.02
C ASP B 7 -13.57 -27.55 9.61
N PRO B 8 -14.80 -27.12 9.28
CA PRO B 8 -15.35 -27.49 7.96
C PRO B 8 -14.67 -26.79 6.81
N GLN B 9 -14.11 -25.59 7.02
CA GLN B 9 -13.33 -24.96 5.96
C GLN B 9 -12.06 -25.77 5.69
N PHE B 10 -11.46 -26.36 6.73
CA PHE B 10 -10.32 -27.23 6.51
C PHE B 10 -10.73 -28.50 5.79
N GLN B 11 -11.85 -29.12 6.21
CA GLN B 11 -12.33 -30.31 5.51
C GLN B 11 -12.62 -30.00 4.04
N LYS B 12 -13.24 -28.85 3.77
CA LYS B 12 -13.47 -28.44 2.39
C LYS B 12 -12.17 -28.32 1.63
N LEU B 13 -11.15 -27.73 2.26
CA LEU B 13 -9.84 -27.63 1.62
C LEU B 13 -9.28 -29.01 1.30
N GLN B 14 -9.42 -29.95 2.24
CA GLN B 14 -8.92 -31.31 2.01
C GLN B 14 -9.65 -31.97 0.85
N GLN B 15 -10.98 -31.90 0.85
CA GLN B 15 -11.76 -32.55 -0.19
C GLN B 15 -11.34 -32.06 -1.58
N TRP B 16 -11.21 -30.75 -1.74
CA TRP B 16 -10.80 -30.20 -3.03
C TRP B 16 -9.42 -30.70 -3.43
N TYR B 17 -8.47 -30.70 -2.50
CA TYR B 17 -7.14 -31.25 -2.78
C TYR B 17 -7.25 -32.67 -3.32
N ARG B 18 -8.07 -33.50 -2.68
CA ARG B 18 -8.31 -34.85 -3.17
C ARG B 18 -8.86 -34.83 -4.59
N GLU B 19 -9.79 -33.93 -4.87
CA GLU B 19 -10.51 -33.95 -6.15
C GLU B 19 -9.70 -33.34 -7.28
N HIS B 20 -8.94 -32.27 -7.01
CA HIS B 20 -8.33 -31.49 -8.07
C HIS B 20 -6.82 -31.34 -7.96
N ARG B 21 -6.15 -32.11 -7.09
CA ARG B 21 -4.70 -32.01 -6.98
C ARG B 21 -4.05 -32.17 -8.35
N SER B 22 -4.50 -33.13 -9.15
CA SER B 22 -3.90 -33.36 -10.46
C SER B 22 -4.13 -32.20 -11.41
N GLU B 23 -4.98 -31.25 -11.06
CA GLU B 23 -5.27 -30.08 -11.87
C GLU B 23 -4.23 -28.98 -11.72
N LEU B 24 -3.22 -29.18 -10.86
CA LEU B 24 -2.28 -28.13 -10.48
C LEU B 24 -0.94 -28.38 -11.15
N ASN B 25 -0.81 -27.91 -12.38
CA ASN B 25 0.44 -27.92 -13.13
C ASN B 25 0.78 -26.49 -13.50
N LEU B 26 1.91 -25.99 -13.01
CA LEU B 26 2.21 -24.57 -13.16
C LEU B 26 2.36 -24.17 -14.62
N ARG B 27 3.05 -24.99 -15.41
CA ARG B 27 3.18 -24.68 -16.83
C ARG B 27 1.81 -24.41 -17.46
N ARG B 28 0.83 -25.26 -17.15
CA ARG B 28 -0.49 -25.10 -17.73
C ARG B 28 -1.28 -23.98 -17.09
N LEU B 29 -1.09 -23.74 -15.79
CA LEU B 29 -1.79 -22.64 -15.13
C LEU B 29 -1.35 -21.29 -15.70
N PHE B 30 -0.05 -21.12 -15.95
CA PHE B 30 0.44 -19.87 -16.50
C PHE B 30 0.05 -19.72 -17.97
N ASP B 31 0.09 -20.81 -18.72
CA ASP B 31 -0.27 -20.73 -20.13
C ASP B 31 -1.74 -20.39 -20.32
N ALA B 32 -2.59 -20.74 -19.36
CA ALA B 32 -4.01 -20.47 -19.45
C ALA B 32 -4.39 -19.09 -18.89
N ASN B 33 -3.50 -18.43 -18.16
CA ASN B 33 -3.82 -17.15 -17.52
C ASN B 33 -2.61 -16.24 -17.61
N LYS B 34 -2.58 -15.39 -18.63
CA LYS B 34 -1.46 -14.47 -18.79
C LYS B 34 -1.38 -13.45 -17.65
N ASP B 35 -2.43 -13.31 -16.84
CA ASP B 35 -2.45 -12.37 -15.73
C ASP B 35 -2.16 -13.04 -14.39
N ARG B 36 -1.56 -14.23 -14.40
CA ARG B 36 -1.40 -14.96 -13.15
C ARG B 36 -0.47 -14.23 -12.19
N PHE B 37 0.60 -13.64 -12.70
CA PHE B 37 1.49 -12.88 -11.81
C PHE B 37 0.72 -11.75 -11.13
N ASN B 38 -0.08 -11.02 -11.90
CA ASN B 38 -0.86 -9.93 -11.32
C ASN B 38 -1.83 -10.44 -10.27
N HIS B 39 -2.46 -11.59 -10.53
CA HIS B 39 -3.46 -12.09 -9.60
C HIS B 39 -2.83 -12.62 -8.32
N PHE B 40 -1.59 -13.12 -8.39
CA PHE B 40 -1.01 -13.85 -7.26
C PHE B 40 0.29 -13.21 -6.79
N SER B 41 0.29 -11.90 -6.61
CA SER B 41 1.45 -11.19 -6.09
C SER B 41 0.98 -9.95 -5.35
N LEU B 42 1.80 -9.52 -4.41
CA LEU B 42 1.55 -8.32 -3.63
C LEU B 42 2.72 -7.37 -3.80
N THR B 43 2.41 -6.07 -3.89
CA THR B 43 3.42 -5.03 -3.83
C THR B 43 3.09 -4.15 -2.62
N LEU B 44 4.05 -4.03 -1.71
CA LEU B 44 3.93 -3.23 -0.51
C LEU B 44 4.90 -2.06 -0.63
N ASN B 45 4.39 -0.84 -0.57
CA ASN B 45 5.22 0.35 -0.54
C ASN B 45 5.33 0.80 0.92
N THR B 46 6.51 0.67 1.49
CA THR B 46 6.76 1.02 2.87
C THR B 46 7.08 2.49 3.05
N ASN B 47 7.31 3.22 1.95
CA ASN B 47 7.83 4.57 1.87
C ASN B 47 9.34 4.58 2.08
N HIS B 48 9.95 3.44 2.40
CA HIS B 48 11.39 3.27 2.52
C HIS B 48 11.83 2.03 1.77
N GLY B 49 11.18 1.77 0.64
CA GLY B 49 11.46 0.61 -0.18
C GLY B 49 10.18 -0.14 -0.47
N HIS B 50 10.16 -0.82 -1.60
CA HIS B 50 9.06 -1.70 -1.96
C HIS B 50 9.42 -3.16 -1.67
N ILE B 51 8.38 -3.94 -1.34
CA ILE B 51 8.46 -5.39 -1.20
C ILE B 51 7.50 -6.01 -2.19
N LEU B 52 8.02 -6.84 -3.09
CA LEU B 52 7.21 -7.64 -3.99
C LEU B 52 7.13 -9.05 -3.40
N VAL B 53 5.92 -9.51 -3.12
CA VAL B 53 5.71 -10.88 -2.68
C VAL B 53 5.04 -11.65 -3.82
N ASP B 54 5.86 -12.29 -4.65
CA ASP B 54 5.36 -13.04 -5.80
C ASP B 54 5.10 -14.47 -5.34
N TYR B 55 3.83 -14.81 -5.14
CA TYR B 55 3.44 -16.17 -4.79
C TYR B 55 2.72 -16.87 -5.93
N SER B 56 2.97 -16.44 -7.18
CA SER B 56 2.26 -17.02 -8.32
C SER B 56 2.85 -18.35 -8.78
N LYS B 57 4.09 -18.66 -8.41
CA LYS B 57 4.66 -19.97 -8.72
C LYS B 57 4.29 -21.00 -7.66
N ASN B 58 3.09 -20.90 -7.10
CA ASN B 58 2.60 -21.85 -6.12
C ASN B 58 1.44 -22.66 -6.69
N LEU B 59 1.29 -23.89 -6.22
CA LEU B 59 0.28 -24.81 -6.74
C LEU B 59 -1.10 -24.44 -6.19
N VAL B 60 -1.54 -23.24 -6.58
CA VAL B 60 -2.80 -22.69 -6.12
C VAL B 60 -3.55 -22.08 -7.29
N THR B 61 -4.86 -21.94 -7.10
CA THR B 61 -5.76 -21.22 -7.99
C THR B 61 -6.55 -20.22 -7.16
N GLU B 62 -7.37 -19.40 -7.84
CA GLU B 62 -8.18 -18.44 -7.11
C GLU B 62 -9.10 -19.15 -6.12
N ASP B 63 -9.65 -20.30 -6.51
CA ASP B 63 -10.51 -21.04 -5.60
C ASP B 63 -9.74 -21.49 -4.36
N VAL B 64 -8.51 -21.98 -4.55
CA VAL B 64 -7.72 -22.43 -3.41
C VAL B 64 -7.45 -21.27 -2.45
N MET B 65 -7.06 -20.10 -3.00
CA MET B 65 -6.77 -18.97 -2.12
C MET B 65 -8.03 -18.52 -1.38
N ARG B 66 -9.18 -18.50 -2.08
CA ARG B 66 -10.45 -18.21 -1.40
C ARG B 66 -10.68 -19.19 -0.25
N MET B 67 -10.49 -20.47 -0.52
CA MET B 67 -10.66 -21.48 0.52
C MET B 67 -9.69 -21.27 1.67
N LEU B 68 -8.42 -20.97 1.35
CA LEU B 68 -7.44 -20.75 2.41
C LEU B 68 -7.82 -19.54 3.25
N VAL B 69 -8.28 -18.46 2.62
CA VAL B 69 -8.70 -17.28 3.38
C VAL B 69 -9.92 -17.61 4.25
N ASP B 70 -10.85 -18.40 3.70
CA ASP B 70 -12.00 -18.82 4.50
C ASP B 70 -11.57 -19.58 5.74
N LEU B 71 -10.49 -20.37 5.64
CA LEU B 71 -9.97 -21.10 6.79
C LEU B 71 -9.40 -20.16 7.85
N ALA B 72 -8.62 -19.15 7.42
CA ALA B 72 -8.14 -18.16 8.38
C ALA B 72 -9.29 -17.48 9.13
N LYS B 73 -10.37 -17.16 8.43
CA LYS B 73 -11.53 -16.57 9.10
C LYS B 73 -12.14 -17.58 10.08
N SER B 74 -12.39 -18.80 9.60
CA SER B 74 -13.03 -19.81 10.45
C SER B 74 -12.21 -20.09 11.71
N ARG B 75 -10.88 -20.06 11.61
CA ARG B 75 -10.02 -20.33 12.76
C ARG B 75 -9.78 -19.10 13.63
N GLY B 76 -10.33 -17.94 13.29
CA GLY B 76 -10.26 -16.78 14.15
C GLY B 76 -8.91 -16.08 14.17
N VAL B 77 -8.24 -16.03 13.03
CA VAL B 77 -6.92 -15.39 12.96
C VAL B 77 -7.02 -13.94 13.39
N GLU B 78 -8.03 -13.23 12.87
CA GLU B 78 -8.12 -11.79 13.12
C GLU B 78 -8.35 -11.50 14.61
N ALA B 79 -9.26 -12.23 15.24
CA ALA B 79 -9.49 -12.01 16.67
C ALA B 79 -8.25 -12.36 17.48
N ALA B 80 -7.55 -13.43 17.11
CA ALA B 80 -6.32 -13.79 17.81
C ALA B 80 -5.29 -12.68 17.68
N ARG B 81 -5.16 -12.11 16.50
CA ARG B 81 -4.24 -10.99 16.29
C ARG B 81 -4.55 -9.85 17.23
N GLU B 82 -5.83 -9.46 17.32
CA GLU B 82 -6.19 -8.35 18.20
C GLU B 82 -5.86 -8.67 19.65
N ARG B 83 -6.09 -9.91 20.09
CA ARG B 83 -5.69 -10.31 21.43
C ARG B 83 -4.19 -10.10 21.65
N MET B 84 -3.38 -10.47 20.67
CA MET B 84 -1.93 -10.23 20.81
C MET B 84 -1.64 -8.75 20.97
N PHE B 85 -2.16 -7.92 20.05
CA PHE B 85 -1.80 -6.51 20.03
C PHE B 85 -2.35 -5.78 21.25
N ASN B 86 -3.45 -6.27 21.83
CA ASN B 86 -4.04 -5.61 22.99
C ASN B 86 -3.43 -6.06 24.31
N GLY B 87 -2.40 -6.90 24.30
CA GLY B 87 -1.75 -7.28 25.53
C GLY B 87 -2.43 -8.38 26.31
N GLU B 88 -3.32 -9.13 25.67
CA GLU B 88 -3.97 -10.26 26.33
C GLU B 88 -3.00 -11.44 26.42
N LYS B 89 -3.25 -12.30 27.41
CA LYS B 89 -2.30 -13.36 27.78
C LYS B 89 -2.49 -14.58 26.87
N ILE B 90 -2.12 -14.39 25.60
CA ILE B 90 -2.34 -15.45 24.62
C ILE B 90 -1.33 -16.58 24.74
N ASN B 91 -0.23 -16.36 25.47
CA ASN B 91 0.69 -17.45 25.83
C ASN B 91 0.04 -18.18 26.99
N TYR B 92 -0.89 -19.06 26.66
CA TYR B 92 -1.86 -19.52 27.66
C TYR B 92 -1.30 -20.61 28.58
N THR B 93 -0.29 -21.36 28.16
CA THR B 93 0.29 -22.34 29.08
C THR B 93 1.12 -21.67 30.15
N GLU B 94 1.71 -20.50 29.84
CA GLU B 94 2.53 -19.77 30.81
C GLU B 94 1.82 -18.58 31.44
N GLY B 95 0.60 -18.27 30.98
CA GLY B 95 -0.12 -17.13 31.53
C GLY B 95 0.54 -15.81 31.22
N ARG B 96 1.03 -15.64 30.00
CA ARG B 96 1.83 -14.48 29.64
C ARG B 96 1.24 -13.77 28.43
N ALA B 97 1.41 -12.46 28.42
CA ALA B 97 1.20 -11.69 27.20
C ALA B 97 2.29 -12.01 26.19
N VAL B 98 2.09 -11.53 24.96
CA VAL B 98 3.02 -11.75 23.85
C VAL B 98 3.15 -10.44 23.11
N LEU B 99 4.23 -9.69 23.36
CA LEU B 99 4.24 -8.28 23.04
C LEU B 99 5.59 -7.85 22.47
N HIS B 100 6.19 -8.69 21.62
CA HIS B 100 7.29 -8.16 20.82
C HIS B 100 6.83 -6.98 19.95
N VAL B 101 5.54 -6.90 19.61
CA VAL B 101 5.07 -5.74 18.85
C VAL B 101 5.17 -4.46 19.67
N ALA B 102 5.10 -4.56 21.00
CA ALA B 102 5.28 -3.37 21.83
C ALA B 102 6.70 -2.84 21.78
N LEU B 103 7.69 -3.74 21.65
CA LEU B 103 9.08 -3.31 21.69
C LEU B 103 9.39 -2.33 20.57
N ARG B 104 8.69 -2.45 19.43
CA ARG B 104 8.92 -1.60 18.27
C ARG B 104 7.71 -0.71 17.98
N ASN B 105 6.88 -0.46 18.99
CA ASN B 105 5.67 0.34 18.84
C ASN B 105 6.07 1.82 18.76
N ARG B 106 6.49 2.22 17.56
CA ARG B 106 7.01 3.57 17.38
C ARG B 106 5.93 4.62 17.60
N SER B 107 4.66 4.27 17.39
CA SER B 107 3.57 5.20 17.62
C SER B 107 3.35 5.51 19.09
N ASN B 108 3.86 4.67 19.98
CA ASN B 108 3.68 4.81 21.42
C ASN B 108 2.22 4.80 21.85
N THR B 109 1.34 4.30 21.00
CA THR B 109 -0.03 4.06 21.44
C THR B 109 0.01 3.12 22.65
N PRO B 110 -0.72 3.41 23.71
CA PRO B 110 -0.63 2.56 24.91
C PRO B 110 -0.97 1.11 24.60
N ILE B 111 -0.22 0.21 25.23
CA ILE B 111 -0.51 -1.22 25.25
C ILE B 111 -0.50 -1.64 26.71
N LEU B 112 -1.61 -2.17 27.19
CA LEU B 112 -1.82 -2.42 28.60
C LEU B 112 -1.55 -3.89 28.93
N VAL B 113 -0.80 -4.12 30.00
CA VAL B 113 -0.68 -5.45 30.60
C VAL B 113 -1.04 -5.30 32.08
N ASP B 114 -2.05 -6.05 32.52
CA ASP B 114 -2.58 -5.92 33.87
C ASP B 114 -2.99 -4.47 34.13
N GLY B 115 -3.58 -3.85 33.12
CA GLY B 115 -4.09 -2.50 33.24
C GLY B 115 -3.05 -1.40 33.23
N LYS B 116 -1.81 -1.71 32.88
CA LYS B 116 -0.72 -0.74 32.95
C LYS B 116 0.02 -0.70 31.61
N ASP B 117 0.27 0.51 31.14
CA ASP B 117 0.94 0.70 29.85
C ASP B 117 2.40 0.26 29.92
N VAL B 118 2.82 -0.57 28.95
CA VAL B 118 4.18 -1.05 28.92
C VAL B 118 5.13 -0.10 28.20
N MET B 119 4.61 0.80 27.35
CA MET B 119 5.47 1.64 26.54
C MET B 119 6.42 2.53 27.35
N PRO B 120 6.03 3.08 28.50
CA PRO B 120 7.00 3.88 29.27
C PRO B 120 8.24 3.09 29.65
N GLU B 121 8.08 1.81 30.01
CA GLU B 121 9.22 0.98 30.37
C GLU B 121 10.03 0.59 29.15
N VAL B 122 9.34 0.27 28.05
CA VAL B 122 10.02 -0.01 26.79
C VAL B 122 10.93 1.15 26.42
N ASN B 123 10.38 2.35 26.40
CA ASN B 123 11.14 3.52 25.98
C ASN B 123 12.21 3.89 27.00
N LYS B 124 11.99 3.62 28.28
CA LYS B 124 13.04 3.85 29.27
C LYS B 124 14.29 3.03 28.94
N VAL B 125 14.11 1.74 28.63
CA VAL B 125 15.25 0.90 28.30
C VAL B 125 15.90 1.36 27.00
N LEU B 126 15.08 1.72 26.01
CA LEU B 126 15.63 2.20 24.74
C LEU B 126 16.49 3.44 24.95
N ASP B 127 16.04 4.35 25.82
CA ASP B 127 16.85 5.54 26.11
C ASP B 127 18.17 5.16 26.76
N LYS B 128 18.13 4.26 27.76
CA LYS B 128 19.36 3.79 28.38
C LYS B 128 20.27 3.13 27.33
N MET B 129 19.67 2.37 26.42
CA MET B 129 20.42 1.76 25.33
C MET B 129 21.08 2.82 24.47
N LYS B 130 20.30 3.84 24.08
CA LYS B 130 20.84 4.90 23.24
C LYS B 130 22.00 5.62 23.90
N SER B 131 21.86 5.95 25.19
CA SER B 131 22.92 6.66 25.89
C SER B 131 24.18 5.81 26.00
N PHE B 132 24.01 4.53 26.37
CA PHE B 132 25.17 3.65 26.48
C PHE B 132 25.87 3.49 25.15
N CYS B 133 25.11 3.30 24.06
CA CYS B 133 25.73 3.15 22.75
C CYS B 133 26.52 4.39 22.36
N GLN B 134 25.93 5.57 22.58
CA GLN B 134 26.66 6.80 22.27
C GLN B 134 27.97 6.87 23.03
N ARG B 135 27.97 6.46 24.30
CA ARG B 135 29.15 6.59 25.14
C ARG B 135 30.24 5.59 24.75
N VAL B 136 29.85 4.37 24.37
CA VAL B 136 30.85 3.38 23.98
C VAL B 136 31.38 3.68 22.59
N ARG B 137 30.49 4.08 21.66
CA ARG B 137 30.93 4.29 20.28
C ARG B 137 31.79 5.55 20.15
N SER B 138 31.52 6.56 20.96
CA SER B 138 32.31 7.79 20.91
C SER B 138 33.66 7.66 21.60
N GLY B 139 33.84 6.64 22.43
CA GLY B 139 35.04 6.53 23.23
C GLY B 139 34.94 7.18 24.60
N ASP B 140 33.77 7.72 24.97
CA ASP B 140 33.61 8.25 26.32
C ASP B 140 33.67 7.13 27.36
N TRP B 141 33.15 5.95 27.03
CA TRP B 141 33.19 4.81 27.94
C TRP B 141 34.50 4.07 27.74
N LYS B 142 35.34 4.06 28.77
CA LYS B 142 36.69 3.54 28.68
C LYS B 142 36.87 2.36 29.63
N GLY B 143 37.81 1.48 29.27
CA GLY B 143 38.14 0.32 30.08
C GLY B 143 38.99 0.68 31.28
N TYR B 144 39.41 -0.37 31.99
CA TYR B 144 40.07 -0.19 33.29
C TYR B 144 41.47 0.39 33.17
N THR B 145 42.02 0.52 31.96
CA THR B 145 43.28 1.21 31.75
C THR B 145 43.11 2.47 30.90
N GLY B 146 41.87 2.94 30.75
CA GLY B 146 41.60 4.17 30.03
C GLY B 146 41.49 4.03 28.53
N LYS B 147 41.38 2.82 28.01
CA LYS B 147 41.30 2.62 26.56
C LYS B 147 39.85 2.54 26.10
N THR B 148 39.62 2.96 24.86
CA THR B 148 38.29 2.87 24.29
C THR B 148 37.99 1.41 23.90
N ILE B 149 36.70 1.10 23.85
CA ILE B 149 36.24 -0.26 23.57
C ILE B 149 36.36 -0.53 22.08
N THR B 150 37.14 -1.55 21.72
CA THR B 150 37.31 -1.98 20.34
C THR B 150 36.53 -3.26 20.02
N ASP B 151 36.15 -4.05 21.03
CA ASP B 151 35.51 -5.33 20.81
C ASP B 151 34.39 -5.50 21.81
N VAL B 152 33.23 -5.89 21.30
CA VAL B 152 32.04 -6.18 22.09
C VAL B 152 31.76 -7.66 21.93
N ILE B 153 31.63 -8.38 23.05
CA ILE B 153 31.48 -9.82 23.04
C ILE B 153 30.13 -10.16 23.66
N ASN B 154 29.21 -10.65 22.83
CA ASN B 154 27.89 -11.09 23.28
C ASN B 154 28.01 -12.54 23.72
N ILE B 155 27.67 -12.81 24.98
CA ILE B 155 27.67 -14.17 25.54
C ILE B 155 26.22 -14.52 25.80
N GLY B 156 25.70 -15.46 25.02
CA GLY B 156 24.33 -15.89 25.14
C GLY B 156 24.08 -16.96 24.10
N ILE B 157 22.93 -17.62 24.22
CA ILE B 157 22.62 -18.76 23.36
C ILE B 157 21.13 -18.72 23.01
N GLY B 158 20.80 -19.38 21.91
CA GLY B 158 19.41 -19.42 21.49
C GLY B 158 18.91 -18.03 21.14
N GLY B 159 17.78 -17.64 21.75
CA GLY B 159 17.21 -16.35 21.44
C GLY B 159 18.08 -15.18 21.84
N SER B 160 19.01 -15.39 22.75
CA SER B 160 19.94 -14.36 23.16
C SER B 160 21.16 -14.28 22.27
N ASP B 161 21.17 -15.02 21.16
CA ASP B 161 22.34 -15.12 20.29
C ASP B 161 21.98 -14.98 18.81
N LEU B 162 20.98 -15.75 18.35
CA LEU B 162 20.75 -15.90 16.92
C LEU B 162 20.29 -14.58 16.29
N GLY B 163 19.41 -13.85 16.96
CA GLY B 163 18.90 -12.60 16.42
C GLY B 163 19.97 -11.55 16.26
N PRO B 164 20.65 -11.21 17.35
CA PRO B 164 21.74 -10.22 17.25
C PRO B 164 22.82 -10.63 16.27
N LEU B 165 23.16 -11.91 16.20
CA LEU B 165 24.16 -12.37 15.24
C LEU B 165 23.64 -12.21 13.81
N MET B 166 22.41 -12.68 13.56
CA MET B 166 21.82 -12.54 12.24
C MET B 166 21.80 -11.08 11.80
N VAL B 167 21.41 -10.17 12.69
CA VAL B 167 21.21 -8.79 12.28
C VAL B 167 22.53 -8.08 12.06
N THR B 168 23.51 -8.28 12.96
CA THR B 168 24.80 -7.63 12.73
C THR B 168 25.49 -8.18 11.48
N GLU B 169 25.33 -9.48 11.21
CA GLU B 169 25.86 -10.01 9.96
C GLU B 169 25.14 -9.36 8.77
N ALA B 170 23.83 -9.19 8.87
CA ALA B 170 23.04 -8.68 7.76
C ALA B 170 23.29 -7.20 7.52
N LEU B 171 23.60 -6.44 8.55
CA LEU B 171 23.78 -4.99 8.44
C LEU B 171 25.25 -4.58 8.57
N LYS B 172 26.17 -5.51 8.30
CA LYS B 172 27.59 -5.21 8.42
C LYS B 172 28.00 -3.91 7.74
N PRO B 173 27.47 -3.53 6.58
CA PRO B 173 27.93 -2.26 5.96
C PRO B 173 27.57 -1.02 6.75
N TYR B 174 26.72 -1.14 7.76
CA TYR B 174 26.24 -0.02 8.56
C TYR B 174 27.05 0.15 9.85
N SER B 175 28.15 -0.59 9.98
CA SER B 175 28.92 -0.67 11.22
C SER B 175 30.19 0.18 11.20
N SER B 176 30.33 1.07 10.21
CA SER B 176 31.44 2.02 10.27
C SER B 176 31.36 2.83 11.55
N GLY B 177 32.47 2.88 12.28
CA GLY B 177 32.52 3.59 13.53
C GLY B 177 32.06 2.82 14.74
N GLY B 178 31.68 1.55 14.57
CA GLY B 178 31.31 0.72 15.69
C GLY B 178 32.41 -0.26 16.03
N PRO B 179 32.42 -0.73 17.28
CA PRO B 179 33.36 -1.80 17.65
C PRO B 179 33.03 -3.09 16.93
N ARG B 180 34.05 -3.95 16.82
CA ARG B 180 33.82 -5.30 16.32
C ARG B 180 32.89 -6.01 17.30
N VAL B 181 32.00 -6.86 16.77
CA VAL B 181 31.14 -7.68 17.61
C VAL B 181 31.53 -9.15 17.47
N TRP B 182 31.49 -9.87 18.58
CA TRP B 182 31.75 -11.29 18.65
C TRP B 182 30.58 -11.96 19.35
N TYR B 183 30.25 -13.19 18.93
CA TYR B 183 29.15 -13.94 19.52
C TYR B 183 29.66 -15.28 20.03
N VAL B 184 29.62 -15.46 21.34
CA VAL B 184 30.02 -16.70 22.01
C VAL B 184 28.74 -17.29 22.59
N SER B 185 28.46 -18.54 22.25
CA SER B 185 27.18 -19.15 22.60
C SER B 185 27.30 -20.59 23.09
N ASN B 186 28.07 -21.40 22.37
CA ASN B 186 28.21 -22.82 22.77
C ASN B 186 28.87 -22.93 24.13
N ILE B 187 28.43 -23.93 24.91
CA ILE B 187 29.19 -24.27 26.11
C ILE B 187 30.55 -24.86 25.73
N ASP B 188 30.61 -25.56 24.59
CA ASP B 188 31.88 -26.07 24.08
C ASP B 188 32.97 -25.03 24.29
N GLY B 189 33.99 -25.41 25.06
CA GLY B 189 35.00 -24.48 25.49
C GLY B 189 35.79 -23.84 24.36
N THR B 190 35.81 -24.46 23.18
CA THR B 190 36.56 -23.81 22.11
C THR B 190 35.93 -22.47 21.73
N HIS B 191 34.61 -22.32 21.91
CA HIS B 191 33.97 -21.10 21.44
C HIS B 191 34.50 -19.87 22.20
N ILE B 192 34.48 -19.93 23.52
CA ILE B 192 35.02 -18.81 24.30
C ILE B 192 36.55 -18.82 24.24
N ALA B 193 37.17 -20.00 24.20
CA ALA B 193 38.64 -20.05 24.21
C ALA B 193 39.23 -19.36 22.98
N LYS B 194 38.78 -19.76 21.79
CA LYS B 194 39.35 -19.19 20.58
C LYS B 194 38.99 -17.71 20.41
N THR B 195 37.93 -17.27 21.08
CA THR B 195 37.54 -15.87 21.03
C THR B 195 38.43 -15.05 21.94
N LEU B 196 38.60 -15.49 23.19
CA LEU B 196 39.40 -14.72 24.14
C LEU B 196 40.85 -14.62 23.68
N ALA B 197 41.34 -15.65 22.99
CA ALA B 197 42.72 -15.63 22.51
C ALA B 197 42.99 -14.46 21.58
N GLN B 198 41.95 -13.85 21.04
CA GLN B 198 42.09 -12.76 20.08
C GLN B 198 41.78 -11.39 20.67
N LEU B 199 41.58 -11.32 21.99
CA LEU B 199 41.08 -10.11 22.61
C LEU B 199 42.07 -9.56 23.63
N ASN B 200 42.03 -8.23 23.80
CA ASN B 200 42.71 -7.54 24.88
C ASN B 200 41.70 -7.21 25.95
N PRO B 201 41.84 -7.71 27.19
CA PRO B 201 40.84 -7.39 28.21
C PRO B 201 40.70 -5.91 28.46
N GLU B 202 41.73 -5.11 28.14
CA GLU B 202 41.66 -3.68 28.41
C GLU B 202 40.66 -2.96 27.52
N SER B 203 40.36 -3.52 26.35
CA SER B 203 39.47 -2.86 25.39
C SER B 203 38.28 -3.74 25.00
N SER B 204 37.94 -4.73 25.82
CA SER B 204 36.84 -5.65 25.53
C SER B 204 35.68 -5.42 26.48
N LEU B 205 34.47 -5.38 25.93
CA LEU B 205 33.23 -5.22 26.69
C LEU B 205 32.39 -6.48 26.50
N PHE B 206 32.04 -7.14 27.60
CA PHE B 206 31.26 -8.37 27.57
C PHE B 206 29.80 -8.06 27.86
N ILE B 207 28.92 -8.65 27.07
CA ILE B 207 27.48 -8.53 27.21
C ILE B 207 26.95 -9.91 27.55
N ILE B 208 26.44 -10.08 28.77
CA ILE B 208 25.89 -11.37 29.20
C ILE B 208 24.38 -11.31 28.96
N ALA B 209 23.93 -12.02 27.93
CA ALA B 209 22.56 -11.97 27.45
C ALA B 209 21.85 -13.27 27.78
N SER B 210 20.84 -13.20 28.66
CA SER B 210 20.05 -14.38 29.05
C SER B 210 18.76 -13.88 29.68
N LYS B 211 17.62 -14.37 29.19
CA LYS B 211 16.32 -13.93 29.71
C LYS B 211 16.19 -14.23 31.20
N THR B 212 16.42 -15.49 31.59
CA THR B 212 16.32 -15.89 32.99
C THR B 212 17.62 -15.68 33.76
N PHE B 213 18.75 -15.56 33.07
CA PHE B 213 20.07 -15.49 33.68
C PHE B 213 20.39 -16.73 34.51
N THR B 214 19.78 -17.87 34.15
CA THR B 214 20.14 -19.14 34.75
C THR B 214 20.66 -20.16 33.74
N THR B 215 20.62 -19.86 32.45
CA THR B 215 21.02 -20.83 31.44
C THR B 215 22.45 -21.27 31.68
N GLN B 216 22.67 -22.57 31.69
CA GLN B 216 23.96 -23.07 32.17
C GLN B 216 25.08 -22.68 31.23
N GLU B 217 24.87 -22.80 29.92
CA GLU B 217 25.92 -22.45 28.97
C GLU B 217 26.37 -21.01 29.14
N THR B 218 25.41 -20.09 29.28
CA THR B 218 25.73 -18.68 29.32
C THR B 218 26.41 -18.29 30.63
N ILE B 219 25.89 -18.76 31.76
CA ILE B 219 26.52 -18.40 33.03
C ILE B 219 27.91 -19.02 33.14
N THR B 220 28.08 -20.24 32.62
CA THR B 220 29.42 -20.84 32.64
C THR B 220 30.38 -20.03 31.77
N ASN B 221 29.97 -19.72 30.53
CA ASN B 221 30.78 -18.88 29.66
C ASN B 221 31.10 -17.53 30.31
N ALA B 222 30.11 -16.92 30.95
CA ALA B 222 30.31 -15.62 31.58
C ALA B 222 31.29 -15.71 32.74
N GLU B 223 31.23 -16.80 33.52
CA GLU B 223 32.18 -16.96 34.62
C GLU B 223 33.59 -17.16 34.08
N THR B 224 33.72 -17.90 32.96
CA THR B 224 35.02 -18.09 32.36
C THR B 224 35.57 -16.76 31.85
N ALA B 225 34.71 -15.92 31.28
CA ALA B 225 35.16 -14.63 30.76
C ALA B 225 35.53 -13.68 31.90
N LYS B 226 34.76 -13.68 32.97
CA LYS B 226 35.10 -12.83 34.11
C LYS B 226 36.41 -13.27 34.76
N GLU B 227 36.64 -14.58 34.86
CA GLU B 227 37.89 -15.07 35.42
C GLU B 227 39.07 -14.69 34.55
N TRP B 228 38.92 -14.84 33.22
CA TRP B 228 39.95 -14.39 32.28
C TRP B 228 40.22 -12.91 32.42
N PHE B 229 39.16 -12.12 32.53
CA PHE B 229 39.31 -10.67 32.65
C PHE B 229 40.03 -10.32 33.95
N LEU B 230 39.62 -10.93 35.06
CA LEU B 230 40.22 -10.59 36.35
C LEU B 230 41.64 -11.10 36.48
N GLN B 231 42.02 -12.13 35.71
CA GLN B 231 43.41 -12.54 35.68
C GLN B 231 44.30 -11.42 35.17
N ALA B 232 43.75 -10.55 34.32
CA ALA B 232 44.49 -9.41 33.80
C ALA B 232 44.31 -8.16 34.65
N ALA B 233 43.06 -7.85 35.04
CA ALA B 233 42.77 -6.63 35.75
C ALA B 233 42.97 -6.73 37.25
N LYS B 234 42.73 -7.91 37.83
CA LYS B 234 42.98 -8.16 39.24
C LYS B 234 41.99 -7.41 40.13
N ASP B 235 41.74 -6.15 39.83
CA ASP B 235 40.86 -5.32 40.65
C ASP B 235 39.41 -5.68 40.37
N PRO B 236 38.66 -6.20 41.35
CA PRO B 236 37.26 -6.57 41.06
C PRO B 236 36.40 -5.40 40.62
N SER B 237 36.71 -4.18 41.05
CA SER B 237 35.90 -3.04 40.65
C SER B 237 35.97 -2.77 39.16
N ALA B 238 36.99 -3.32 38.47
CA ALA B 238 37.10 -3.11 37.03
C ALA B 238 36.01 -3.85 36.26
N VAL B 239 35.37 -4.85 36.87
CA VAL B 239 34.29 -5.57 36.20
C VAL B 239 33.22 -4.60 35.70
N ALA B 240 32.97 -3.54 36.46
CA ALA B 240 31.88 -2.61 36.14
C ALA B 240 32.14 -1.81 34.86
N LYS B 241 33.37 -1.82 34.34
CA LYS B 241 33.65 -1.15 33.08
C LYS B 241 33.62 -2.10 31.88
N HIS B 242 33.50 -3.41 32.12
CA HIS B 242 33.68 -4.38 31.05
C HIS B 242 32.61 -5.45 30.97
N PHE B 243 31.61 -5.44 31.85
CA PHE B 243 30.54 -6.41 31.83
C PHE B 243 29.19 -5.72 32.03
N VAL B 244 28.27 -5.95 31.08
CA VAL B 244 26.87 -5.53 31.21
C VAL B 244 26.00 -6.74 30.98
N ALA B 245 24.75 -6.66 31.43
CA ALA B 245 23.81 -7.77 31.34
C ALA B 245 22.53 -7.34 30.65
N LEU B 246 21.98 -8.24 29.83
CA LEU B 246 20.66 -8.09 29.22
C LEU B 246 19.79 -9.21 29.77
N SER B 247 18.77 -8.86 30.55
CA SER B 247 18.03 -9.92 31.24
C SER B 247 16.72 -9.37 31.78
N THR B 248 15.89 -10.29 32.26
CA THR B 248 14.71 -9.97 33.05
C THR B 248 14.92 -10.19 34.54
N ASN B 249 16.06 -10.75 34.95
CA ASN B 249 16.27 -11.21 36.32
C ASN B 249 17.34 -10.36 37.00
N THR B 250 16.89 -9.26 37.61
CA THR B 250 17.79 -8.33 38.27
C THR B 250 18.56 -9.01 39.40
N THR B 251 17.90 -9.89 40.15
CA THR B 251 18.54 -10.47 41.32
C THR B 251 19.73 -11.35 40.93
N LYS B 252 19.55 -12.22 39.94
CA LYS B 252 20.64 -13.09 39.52
C LYS B 252 21.75 -12.32 38.81
N VAL B 253 21.40 -11.25 38.09
CA VAL B 253 22.44 -10.37 37.53
C VAL B 253 23.30 -9.82 38.66
N LYS B 254 22.67 -9.42 39.76
CA LYS B 254 23.42 -8.90 40.90
C LYS B 254 24.27 -9.99 41.52
N GLU B 255 23.74 -11.21 41.65
CA GLU B 255 24.53 -12.28 42.25
C GLU B 255 25.75 -12.61 41.41
N PHE B 256 25.63 -12.51 40.08
CA PHE B 256 26.78 -12.77 39.22
C PHE B 256 27.85 -11.70 39.37
N GLY B 257 27.48 -10.51 39.86
CA GLY B 257 28.42 -9.47 40.14
C GLY B 257 28.37 -8.25 39.23
N ILE B 258 27.24 -8.00 38.57
CA ILE B 258 27.12 -6.90 37.64
C ILE B 258 26.33 -5.78 38.31
N ASP B 259 26.89 -4.57 38.27
CA ASP B 259 26.20 -3.39 38.77
C ASP B 259 24.77 -3.37 38.25
N PRO B 260 23.77 -3.11 39.11
CA PRO B 260 22.40 -2.99 38.58
C PRO B 260 22.23 -1.88 37.57
N GLN B 261 23.03 -0.81 37.65
CA GLN B 261 22.98 0.19 36.60
C GLN B 261 23.65 -0.27 35.32
N ASN B 262 24.25 -1.47 35.32
CA ASN B 262 24.80 -2.08 34.12
C ASN B 262 23.87 -3.14 33.55
N MET B 263 22.60 -3.12 33.93
CA MET B 263 21.64 -4.08 33.42
C MET B 263 20.64 -3.38 32.51
N PHE B 264 20.38 -3.99 31.36
CA PHE B 264 19.37 -3.52 30.40
C PHE B 264 18.23 -4.53 30.42
N GLU B 265 17.06 -4.08 30.88
CA GLU B 265 15.97 -4.97 31.22
C GLU B 265 15.05 -5.24 30.03
N PHE B 266 14.46 -6.44 30.03
CA PHE B 266 13.25 -6.68 29.25
C PHE B 266 12.29 -7.48 30.15
N TRP B 267 11.24 -8.04 29.56
CA TRP B 267 10.08 -8.47 30.32
C TRP B 267 9.63 -9.84 29.85
N ASP B 268 8.79 -10.47 30.66
CA ASP B 268 8.47 -11.87 30.42
C ASP B 268 7.64 -12.06 29.17
N TRP B 269 6.96 -11.01 28.69
CA TRP B 269 6.19 -11.13 27.46
C TRP B 269 7.04 -10.91 26.21
N VAL B 270 8.35 -10.91 26.37
CA VAL B 270 9.29 -10.91 25.26
C VAL B 270 9.84 -12.33 25.16
N GLY B 271 9.32 -13.11 24.21
CA GLY B 271 9.84 -14.44 23.98
C GLY B 271 11.27 -14.35 23.47
N GLY B 272 12.09 -15.31 23.88
CA GLY B 272 13.50 -15.27 23.52
C GLY B 272 13.72 -15.21 22.02
N ARG B 273 12.96 -16.01 21.27
CA ARG B 273 13.07 -16.00 19.82
C ARG B 273 12.38 -14.80 19.19
N TYR B 274 11.88 -13.88 20.01
CA TYR B 274 11.25 -12.63 19.58
C TYR B 274 11.88 -11.44 20.29
N SER B 275 13.13 -11.56 20.72
CA SER B 275 13.70 -10.63 21.66
C SER B 275 14.73 -9.67 21.07
N LEU B 276 15.11 -9.82 19.80
CA LEU B 276 16.16 -8.94 19.28
C LEU B 276 15.74 -7.48 19.29
N TRP B 277 14.44 -7.21 19.26
CA TRP B 277 13.89 -5.87 19.31
C TRP B 277 14.02 -5.24 20.68
N SER B 278 14.38 -6.01 21.70
CA SER B 278 14.47 -5.54 23.07
C SER B 278 15.90 -5.17 23.43
N ALA B 279 16.18 -5.04 24.73
CA ALA B 279 17.54 -4.91 25.23
C ALA B 279 18.47 -5.96 24.63
N ILE B 280 17.94 -7.13 24.26
CA ILE B 280 18.78 -8.18 23.69
C ILE B 280 19.50 -7.68 22.44
N GLY B 281 18.97 -6.64 21.79
CA GLY B 281 19.57 -6.05 20.61
C GLY B 281 20.69 -5.08 20.88
N LEU B 282 21.18 -5.01 22.12
CA LEU B 282 22.18 -4.00 22.43
C LEU B 282 23.42 -4.17 21.55
N SER B 283 23.84 -5.40 21.29
CA SER B 283 25.02 -5.59 20.43
C SER B 283 24.76 -5.08 19.01
N ILE B 284 23.52 -5.15 18.54
CA ILE B 284 23.18 -4.53 17.25
C ILE B 284 23.40 -3.03 17.30
N ALA B 285 22.81 -2.38 18.31
CA ALA B 285 22.90 -0.93 18.42
C ALA B 285 24.35 -0.49 18.62
N LEU B 286 25.13 -1.25 19.37
CA LEU B 286 26.54 -0.93 19.52
C LEU B 286 27.26 -1.01 18.18
N HIS B 287 26.94 -2.02 17.37
CA HIS B 287 27.69 -2.28 16.14
C HIS B 287 27.34 -1.27 15.05
N VAL B 288 26.05 -1.06 14.81
CA VAL B 288 25.61 -0.19 13.71
C VAL B 288 25.04 1.13 14.19
N GLY B 289 25.03 1.38 15.49
CA GLY B 289 24.53 2.61 16.04
C GLY B 289 23.06 2.54 16.38
N PHE B 290 22.66 3.36 17.35
CA PHE B 290 21.29 3.32 17.82
C PHE B 290 20.31 3.83 16.76
N ASP B 291 20.72 4.81 15.94
CA ASP B 291 19.81 5.30 14.91
C ASP B 291 19.43 4.18 13.94
N ASN B 292 20.40 3.35 13.57
CA ASN B 292 20.08 2.24 12.67
C ASN B 292 19.24 1.19 13.39
N PHE B 293 19.43 1.04 14.70
CA PHE B 293 18.56 0.15 15.47
C PHE B 293 17.13 0.67 15.49
N GLU B 294 16.93 1.98 15.67
CA GLU B 294 15.58 2.52 15.60
C GLU B 294 14.97 2.31 14.22
N GLN B 295 15.78 2.45 13.18
CA GLN B 295 15.31 2.13 11.83
C GLN B 295 14.84 0.68 11.73
N LEU B 296 15.58 -0.25 12.34
CA LEU B 296 15.18 -1.66 12.34
C LEU B 296 13.84 -1.82 13.05
N LEU B 297 13.70 -1.23 14.23
CA LEU B 297 12.41 -1.25 14.91
C LEU B 297 11.30 -0.66 14.04
N SER B 298 11.59 0.41 13.30
CA SER B 298 10.55 1.10 12.54
C SER B 298 10.02 0.25 11.40
N GLY B 299 10.90 -0.52 10.76
CA GLY B 299 10.45 -1.40 9.70
C GLY B 299 9.55 -2.50 10.23
N ALA B 300 9.88 -3.07 11.38
CA ALA B 300 9.00 -4.06 12.00
C ALA B 300 7.65 -3.43 12.31
N HIS B 301 7.66 -2.20 12.83
CA HIS B 301 6.43 -1.52 13.17
C HIS B 301 5.58 -1.29 11.93
N TRP B 302 6.20 -0.95 10.81
CA TRP B 302 5.47 -0.83 9.55
C TRP B 302 4.77 -2.15 9.19
N MET B 303 5.49 -3.27 9.30
CA MET B 303 4.87 -4.53 8.91
C MET B 303 3.80 -4.94 9.92
N ASP B 304 3.98 -4.58 11.19
CA ASP B 304 2.94 -4.82 12.18
C ASP B 304 1.62 -4.18 11.74
N GLN B 305 1.67 -2.92 11.27
CA GLN B 305 0.45 -2.25 10.84
C GLN B 305 -0.14 -2.92 9.60
N HIS B 306 0.73 -3.27 8.64
CA HIS B 306 0.24 -3.99 7.47
C HIS B 306 -0.53 -5.23 7.90
N PHE B 307 0.06 -6.01 8.80
CA PHE B 307 -0.58 -7.22 9.30
C PHE B 307 -1.92 -6.90 9.94
N ARG B 308 -1.99 -5.79 10.65
CA ARG B 308 -3.18 -5.48 11.43
C ARG B 308 -4.32 -4.93 10.57
N THR B 309 -4.01 -4.13 9.53
CA THR B 309 -5.06 -3.41 8.81
C THR B 309 -5.41 -3.99 7.45
N THR B 310 -4.63 -4.94 6.93
CA THR B 310 -4.87 -5.39 5.57
C THR B 310 -5.86 -6.56 5.56
N PRO B 311 -6.84 -6.55 4.66
CA PRO B 311 -7.73 -7.71 4.52
C PRO B 311 -6.91 -8.99 4.30
N LEU B 312 -7.44 -10.10 4.83
CA LEU B 312 -6.67 -11.34 4.84
C LEU B 312 -6.21 -11.72 3.44
N GLU B 313 -7.07 -11.49 2.43
CA GLU B 313 -6.80 -11.95 1.08
C GLU B 313 -5.64 -11.22 0.43
N LYS B 314 -5.18 -10.10 1.00
CA LYS B 314 -4.05 -9.34 0.47
C LYS B 314 -2.97 -9.12 1.53
N ASN B 315 -3.02 -9.87 2.62
CA ASN B 315 -2.22 -9.64 3.82
C ASN B 315 -1.00 -10.56 3.75
N ALA B 316 0.20 -9.96 3.59
CA ALA B 316 1.39 -10.72 3.26
C ALA B 316 1.67 -11.85 4.25
N PRO B 317 1.83 -11.58 5.54
CA PRO B 317 2.13 -12.70 6.46
C PRO B 317 1.04 -13.75 6.45
N VAL B 318 -0.22 -13.34 6.31
CA VAL B 318 -1.32 -14.29 6.31
C VAL B 318 -1.24 -15.19 5.09
N LEU B 319 -0.94 -14.63 3.92
CA LEU B 319 -0.85 -15.45 2.71
C LEU B 319 0.33 -16.42 2.79
N LEU B 320 1.47 -15.97 3.28
CA LEU B 320 2.61 -16.87 3.42
C LEU B 320 2.26 -18.01 4.37
N ALA B 321 1.57 -17.69 5.47
CA ALA B 321 1.16 -18.73 6.41
C ALA B 321 0.21 -19.73 5.76
N LEU B 322 -0.76 -19.23 5.01
CA LEU B 322 -1.77 -20.10 4.41
C LEU B 322 -1.16 -20.99 3.33
N LEU B 323 -0.24 -20.46 2.54
CA LEU B 323 0.44 -21.30 1.56
C LEU B 323 1.18 -22.44 2.26
N GLY B 324 1.81 -22.12 3.39
CA GLY B 324 2.49 -23.16 4.15
C GLY B 324 1.54 -24.22 4.67
N ILE B 325 0.34 -23.81 5.06
CA ILE B 325 -0.64 -24.78 5.56
C ILE B 325 -1.10 -25.70 4.43
N TRP B 326 -1.35 -25.12 3.25
CA TRP B 326 -1.59 -25.89 2.03
C TRP B 326 -0.54 -26.97 1.83
N TYR B 327 0.73 -26.60 1.96
CA TYR B 327 1.80 -27.55 1.68
C TYR B 327 2.02 -28.52 2.84
N ILE B 328 1.76 -28.09 4.07
CA ILE B 328 2.01 -28.94 5.22
C ILE B 328 0.87 -29.92 5.43
N ASN B 329 -0.37 -29.42 5.48
CA ASN B 329 -1.51 -30.21 5.90
C ASN B 329 -2.28 -30.86 4.75
N CYS B 330 -2.01 -30.49 3.51
CA CYS B 330 -2.59 -31.17 2.36
C CYS B 330 -1.55 -31.94 1.54
N PHE B 331 -0.46 -31.28 1.14
CA PHE B 331 0.58 -31.97 0.39
C PHE B 331 1.49 -32.81 1.28
N GLY B 332 1.52 -32.54 2.58
CA GLY B 332 2.36 -33.31 3.48
C GLY B 332 3.84 -33.00 3.41
N CYS B 333 4.20 -31.76 3.10
CA CYS B 333 5.61 -31.39 2.97
C CYS B 333 6.21 -31.17 4.35
N GLU B 334 7.30 -31.91 4.65
CA GLU B 334 7.90 -31.82 5.97
C GLU B 334 8.73 -30.54 6.17
N THR B 335 9.31 -30.01 5.11
CA THR B 335 10.29 -28.93 5.27
C THR B 335 9.88 -27.68 4.51
N HIS B 336 10.57 -26.59 4.84
CA HIS B 336 10.39 -25.30 4.20
C HIS B 336 11.78 -24.70 4.04
N ALA B 337 12.19 -24.43 2.80
CA ALA B 337 13.53 -23.94 2.53
C ALA B 337 13.49 -22.42 2.38
N MET B 338 14.41 -21.75 3.06
CA MET B 338 14.56 -20.29 3.00
C MET B 338 15.91 -19.99 2.40
N LEU B 339 15.91 -19.33 1.24
CA LEU B 339 17.07 -19.22 0.37
C LEU B 339 17.27 -17.76 -0.01
N PRO B 340 17.92 -16.99 0.84
CA PRO B 340 18.22 -15.59 0.49
C PRO B 340 19.42 -15.52 -0.45
N TYR B 341 19.26 -14.81 -1.55
CA TYR B 341 20.36 -14.58 -2.48
C TYR B 341 21.12 -13.33 -2.02
N ASP B 342 21.77 -13.49 -0.87
CA ASP B 342 22.38 -12.35 -0.19
C ASP B 342 23.34 -12.91 0.85
N GLN B 343 24.64 -12.72 0.62
CA GLN B 343 25.64 -13.24 1.52
C GLN B 343 25.52 -12.63 2.92
N TYR B 344 25.10 -11.37 3.01
CA TYR B 344 24.91 -10.76 4.32
C TYR B 344 23.82 -11.46 5.13
N LEU B 345 22.85 -12.05 4.46
CA LEU B 345 21.77 -12.82 5.10
C LEU B 345 22.14 -14.29 5.35
N HIS B 346 23.43 -14.62 5.41
CA HIS B 346 23.76 -16.04 5.50
C HIS B 346 23.28 -16.72 6.78
N ARG B 347 22.89 -15.97 7.82
CA ARG B 347 22.38 -16.59 9.05
C ARG B 347 20.88 -16.38 9.22
N PHE B 348 20.20 -16.00 8.14
CA PHE B 348 18.76 -15.72 8.17
C PHE B 348 17.95 -17.01 8.36
N ALA B 349 18.32 -18.07 7.63
CA ALA B 349 17.59 -19.33 7.77
C ALA B 349 17.79 -19.92 9.15
N ALA B 350 19.03 -19.89 9.66
CA ALA B 350 19.30 -20.40 11.00
C ALA B 350 18.47 -19.65 12.04
N TYR B 351 18.27 -18.36 11.83
CA TYR B 351 17.47 -17.58 12.77
C TYR B 351 16.04 -18.06 12.81
N PHE B 352 15.46 -18.32 11.64
CA PHE B 352 14.08 -18.79 11.61
C PHE B 352 13.96 -20.28 11.80
N GLN B 353 15.08 -21.01 11.89
CA GLN B 353 15.00 -22.33 12.48
C GLN B 353 14.46 -22.22 13.90
N GLN B 354 15.04 -21.34 14.71
CA GLN B 354 14.47 -21.13 16.03
C GLN B 354 13.08 -20.50 15.93
N GLY B 355 12.98 -19.36 15.22
CA GLY B 355 11.73 -18.62 15.26
C GLY B 355 10.53 -19.44 14.83
N ASP B 356 10.68 -20.23 13.77
CA ASP B 356 9.58 -21.06 13.27
C ASP B 356 9.48 -22.35 14.07
N MET B 357 10.57 -23.13 14.16
CA MET B 357 10.48 -24.50 14.67
C MET B 357 10.24 -24.55 16.17
N GLU B 358 10.84 -23.63 16.92
CA GLU B 358 10.60 -23.59 18.35
C GLU B 358 9.21 -23.05 18.67
N SER B 359 8.65 -22.21 17.79
CA SER B 359 7.30 -21.71 18.00
C SER B 359 6.27 -22.78 17.71
N ASN B 360 6.38 -23.45 16.55
CA ASN B 360 5.29 -24.29 16.06
C ASN B 360 5.64 -25.77 16.00
N GLY B 361 6.80 -26.17 16.51
CA GLY B 361 7.10 -27.57 16.70
C GLY B 361 6.39 -28.09 17.94
N LYS B 362 5.09 -28.31 17.81
CA LYS B 362 4.16 -28.49 18.93
C LYS B 362 3.20 -29.61 18.59
N TYR B 363 2.59 -30.18 19.61
CA TYR B 363 1.62 -31.25 19.36
C TYR B 363 0.43 -31.27 20.32
N ILE B 364 0.34 -30.37 21.30
CA ILE B 364 -0.82 -30.24 22.18
C ILE B 364 -1.52 -28.93 21.85
N THR B 365 -2.84 -28.98 21.72
CA THR B 365 -3.64 -27.80 21.39
C THR B 365 -4.07 -27.04 22.64
N LYS B 366 -4.68 -25.88 22.40
CA LYS B 366 -5.15 -25.04 23.50
C LYS B 366 -6.05 -25.79 24.46
N SER B 367 -6.84 -26.74 23.96
CA SER B 367 -7.76 -27.48 24.82
C SER B 367 -7.10 -28.66 25.51
N GLY B 368 -5.77 -28.79 25.43
CA GLY B 368 -5.08 -29.91 26.01
C GLY B 368 -5.17 -31.18 25.20
N THR B 369 -5.80 -31.14 24.04
CA THR B 369 -5.96 -32.28 23.15
C THR B 369 -4.75 -32.43 22.24
N ARG B 370 -4.39 -33.67 21.94
CA ARG B 370 -3.30 -33.93 21.02
C ARG B 370 -3.73 -33.64 19.59
N VAL B 371 -2.85 -32.99 18.81
CA VAL B 371 -3.14 -32.80 17.41
C VAL B 371 -3.24 -34.16 16.71
N ASP B 372 -4.05 -34.21 15.66
CA ASP B 372 -4.10 -35.35 14.75
C ASP B 372 -3.78 -34.90 13.34
N HIS B 373 -2.87 -33.93 13.25
CA HIS B 373 -2.46 -33.34 11.99
C HIS B 373 -1.04 -32.82 12.18
N GLN B 374 -0.39 -32.51 11.06
CA GLN B 374 0.95 -31.94 11.09
C GLN B 374 0.92 -30.51 11.62
N THR B 375 1.96 -30.14 12.37
CA THR B 375 2.18 -28.74 12.73
C THR B 375 3.46 -28.27 12.04
N GLY B 376 4.29 -27.50 12.73
CA GLY B 376 5.34 -26.72 12.07
C GLY B 376 6.34 -27.54 11.26
N PRO B 377 6.88 -26.96 10.20
CA PRO B 377 7.82 -27.67 9.35
C PRO B 377 9.26 -27.54 9.83
N ILE B 378 10.14 -28.34 9.22
CA ILE B 378 11.57 -28.21 9.43
C ILE B 378 12.07 -27.13 8.48
N VAL B 379 12.68 -26.09 9.04
CA VAL B 379 13.21 -24.96 8.27
C VAL B 379 14.70 -25.18 8.04
N TRP B 380 15.16 -24.85 6.83
CA TRP B 380 16.57 -25.02 6.48
C TRP B 380 16.88 -24.16 5.27
N GLY B 381 18.17 -24.02 4.98
CA GLY B 381 18.60 -23.33 3.78
C GLY B 381 19.98 -22.72 3.95
N GLU B 382 20.54 -22.29 2.81
CA GLU B 382 21.84 -21.64 2.67
C GLU B 382 21.66 -20.54 1.64
N PRO B 383 22.45 -19.48 1.71
CA PRO B 383 22.30 -18.40 0.71
C PRO B 383 22.63 -18.85 -0.70
N GLY B 384 21.90 -18.31 -1.67
CA GLY B 384 22.29 -18.46 -3.05
C GLY B 384 23.37 -17.46 -3.44
N THR B 385 24.12 -17.78 -4.48
CA THR B 385 23.96 -18.93 -5.36
C THR B 385 24.61 -20.22 -4.82
N ASN B 386 25.23 -20.14 -3.65
CA ASN B 386 25.96 -21.28 -3.12
C ASN B 386 25.11 -22.55 -3.08
N GLY B 387 23.86 -22.45 -2.58
CA GLY B 387 23.03 -23.64 -2.49
C GLY B 387 22.83 -24.33 -3.83
N GLN B 388 22.93 -23.57 -4.92
CA GLN B 388 22.78 -24.15 -6.25
C GLN B 388 23.84 -25.19 -6.52
N HIS B 389 25.02 -25.03 -5.95
CA HIS B 389 26.13 -25.94 -6.14
C HIS B 389 26.26 -26.93 -4.99
N ALA B 390 25.27 -26.97 -4.10
CA ALA B 390 25.31 -27.90 -2.97
C ALA B 390 24.13 -28.85 -2.99
N PHE B 391 22.90 -28.37 -2.89
CA PHE B 391 21.76 -29.25 -2.72
C PHE B 391 20.61 -29.04 -3.69
N TYR B 392 20.65 -28.02 -4.55
CA TYR B 392 19.56 -27.83 -5.49
C TYR B 392 19.34 -29.05 -6.38
N GLN B 393 20.39 -29.87 -6.58
CA GLN B 393 20.21 -31.12 -7.32
C GLN B 393 19.01 -31.88 -6.77
N LEU B 394 18.92 -31.98 -5.44
CA LEU B 394 17.81 -32.73 -4.85
C LEU B 394 16.49 -31.99 -5.00
N ILE B 395 16.50 -30.66 -4.93
CA ILE B 395 15.25 -29.91 -5.10
C ILE B 395 14.72 -30.11 -6.50
N HIS B 396 15.61 -30.15 -7.51
CA HIS B 396 15.18 -30.28 -8.90
C HIS B 396 14.88 -31.72 -9.28
N GLN B 397 15.72 -32.69 -8.86
CA GLN B 397 15.68 -34.04 -9.41
C GLN B 397 15.65 -35.11 -8.32
N GLY B 398 15.13 -34.77 -7.15
CA GLY B 398 14.95 -35.71 -6.06
C GLY B 398 13.52 -36.20 -5.97
N THR B 399 13.18 -36.75 -4.80
CA THR B 399 11.87 -37.35 -4.57
C THR B 399 11.08 -36.64 -3.48
N LYS B 400 11.52 -35.46 -3.04
CA LYS B 400 10.83 -34.68 -2.03
C LYS B 400 10.28 -33.40 -2.66
N MET B 401 9.10 -33.00 -2.20
CA MET B 401 8.52 -31.71 -2.56
C MET B 401 8.88 -30.73 -1.45
N ILE B 402 9.45 -29.59 -1.84
CA ILE B 402 10.08 -28.69 -0.89
C ILE B 402 9.65 -27.26 -1.22
N PRO B 403 8.69 -26.68 -0.51
CA PRO B 403 8.39 -25.26 -0.73
C PRO B 403 9.61 -24.43 -0.39
N CYS B 404 9.92 -23.46 -1.26
CA CYS B 404 11.09 -22.62 -1.10
C CYS B 404 10.66 -21.15 -1.11
N ASP B 405 11.26 -20.37 -0.23
CA ASP B 405 11.21 -18.91 -0.31
C ASP B 405 12.55 -18.41 -0.84
N PHE B 406 12.53 -17.81 -2.03
CA PHE B 406 13.69 -17.14 -2.60
C PHE B 406 13.58 -15.65 -2.29
N LEU B 407 14.66 -15.05 -1.79
CA LEU B 407 14.64 -13.65 -1.37
C LEU B 407 15.86 -12.93 -1.92
N ILE B 408 15.68 -11.67 -2.33
CA ILE B 408 16.81 -10.88 -2.81
C ILE B 408 16.53 -9.39 -2.74
N PRO B 409 17.56 -8.56 -2.50
CA PRO B 409 17.42 -7.12 -2.71
C PRO B 409 17.78 -6.71 -4.13
N VAL B 410 17.04 -5.73 -4.64
CA VAL B 410 17.28 -5.23 -5.99
C VAL B 410 18.61 -4.49 -6.06
N GLN B 411 18.91 -3.70 -5.05
CA GLN B 411 20.14 -2.91 -4.98
C GLN B 411 21.13 -3.57 -4.03
N THR B 412 22.35 -3.75 -4.49
CA THR B 412 23.40 -4.33 -3.66
C THR B 412 24.11 -3.25 -2.84
N GLN B 413 24.64 -3.67 -1.70
CA GLN B 413 25.49 -2.80 -0.89
C GLN B 413 26.88 -2.62 -1.49
N HIS B 414 27.27 -3.49 -2.43
CA HIS B 414 28.59 -3.45 -3.05
C HIS B 414 28.43 -3.59 -4.56
N PRO B 415 28.10 -2.50 -5.24
CA PRO B 415 27.89 -2.56 -6.70
C PRO B 415 29.21 -2.55 -7.47
N ILE B 416 30.03 -3.56 -7.22
CA ILE B 416 31.36 -3.63 -7.84
C ILE B 416 31.25 -4.00 -9.31
N ARG B 417 32.30 -3.69 -10.07
CA ARG B 417 32.35 -3.98 -11.49
C ARG B 417 31.10 -3.47 -12.20
N LYS B 418 30.71 -2.23 -11.87
CA LYS B 418 29.58 -1.56 -12.51
C LYS B 418 28.31 -2.41 -12.42
N GLY B 419 28.19 -3.21 -11.36
CA GLY B 419 26.99 -3.97 -11.10
C GLY B 419 26.99 -5.39 -11.64
N LEU B 420 28.12 -5.84 -12.20
CA LEU B 420 28.13 -7.13 -12.88
C LEU B 420 27.81 -8.27 -11.93
N HIS B 421 28.45 -8.30 -10.76
CA HIS B 421 28.20 -9.40 -9.82
C HIS B 421 26.73 -9.48 -9.44
N HIS B 422 26.11 -8.32 -9.16
CA HIS B 422 24.71 -8.34 -8.75
C HIS B 422 23.79 -8.71 -9.91
N LYS B 423 24.14 -8.31 -11.13
CA LYS B 423 23.36 -8.73 -12.29
C LYS B 423 23.34 -10.25 -12.43
N ILE B 424 24.49 -10.89 -12.20
CA ILE B 424 24.55 -12.34 -12.29
C ILE B 424 23.76 -12.98 -11.15
N LEU B 425 23.92 -12.43 -9.94
CA LEU B 425 23.16 -12.92 -8.81
C LEU B 425 21.66 -12.87 -9.09
N LEU B 426 21.19 -11.72 -9.59
CA LEU B 426 19.79 -11.59 -9.93
C LEU B 426 19.35 -12.58 -11.00
N ALA B 427 20.16 -12.76 -12.05
CA ALA B 427 19.80 -13.70 -13.09
C ALA B 427 19.60 -15.12 -12.52
N ASN B 428 20.45 -15.53 -11.57
CA ASN B 428 20.35 -16.87 -11.01
C ASN B 428 19.12 -16.97 -10.11
N PHE B 429 18.85 -15.93 -9.32
CA PHE B 429 17.64 -15.87 -8.51
C PHE B 429 16.41 -16.12 -9.37
N LEU B 430 16.34 -15.44 -10.52
CA LEU B 430 15.16 -15.56 -11.37
C LEU B 430 15.11 -16.90 -12.09
N ALA B 431 16.27 -17.39 -12.53
CA ALA B 431 16.31 -18.61 -13.34
C ALA B 431 15.97 -19.84 -12.52
N GLN B 432 16.34 -19.85 -11.24
CA GLN B 432 16.11 -21.04 -10.41
C GLN B 432 14.63 -21.28 -10.19
N THR B 433 13.86 -20.23 -9.88
CA THR B 433 12.43 -20.43 -9.71
C THR B 433 11.75 -20.71 -11.05
N GLU B 434 12.24 -20.13 -12.13
CA GLU B 434 11.73 -20.48 -13.45
C GLU B 434 11.99 -21.95 -13.75
N ALA B 435 13.22 -22.41 -13.48
CA ALA B 435 13.56 -23.82 -13.72
C ALA B 435 12.69 -24.73 -12.87
N LEU B 436 12.55 -24.43 -11.58
CA LEU B 436 11.75 -25.27 -10.70
C LEU B 436 10.32 -25.38 -11.19
N MET B 437 9.78 -24.27 -11.69
CA MET B 437 8.42 -24.26 -12.20
C MET B 437 8.32 -25.01 -13.52
N ARG B 438 9.23 -24.75 -14.45
CA ARG B 438 9.06 -25.16 -15.83
C ARG B 438 9.58 -26.56 -16.10
N GLY B 439 10.71 -26.92 -15.50
CA GLY B 439 11.31 -28.20 -15.85
C GLY B 439 11.76 -28.23 -17.30
N LYS B 440 12.02 -29.46 -17.75
CA LYS B 440 12.44 -29.71 -19.13
C LYS B 440 11.91 -31.09 -19.50
N SER B 441 10.94 -31.13 -20.41
CA SER B 441 10.26 -32.38 -20.73
C SER B 441 11.17 -33.30 -21.53
N THR B 442 10.68 -34.53 -21.72
CA THR B 442 11.44 -35.51 -22.50
C THR B 442 11.70 -35.00 -23.91
N GLU B 443 10.65 -34.58 -24.61
CA GLU B 443 10.82 -34.07 -25.97
C GLU B 443 11.78 -32.89 -25.98
N GLU B 444 11.61 -31.95 -25.05
CA GLU B 444 12.53 -30.83 -24.95
C GLU B 444 13.97 -31.32 -24.76
N ALA B 445 14.17 -32.30 -23.88
CA ALA B 445 15.51 -32.83 -23.64
C ALA B 445 16.02 -33.61 -24.85
N ARG B 446 15.15 -34.37 -25.51
CA ARG B 446 15.56 -35.09 -26.72
C ARG B 446 16.06 -34.12 -27.77
N LYS B 447 15.29 -33.06 -28.04
CA LYS B 447 15.67 -32.10 -29.07
C LYS B 447 17.06 -31.52 -28.79
N GLU B 448 17.33 -31.18 -27.53
CA GLU B 448 18.66 -30.67 -27.18
C GLU B 448 19.73 -31.70 -27.47
N LEU B 449 19.50 -32.96 -27.05
CA LEU B 449 20.47 -34.01 -27.30
C LEU B 449 20.74 -34.17 -28.80
N GLN B 450 19.68 -34.15 -29.60
CA GLN B 450 19.84 -34.24 -31.05
C GLN B 450 20.67 -33.08 -31.58
N ALA B 451 20.37 -31.86 -31.11
CA ALA B 451 21.12 -30.69 -31.56
C ALA B 451 22.59 -30.75 -31.17
N ALA B 452 22.93 -31.52 -30.13
CA ALA B 452 24.32 -31.60 -29.71
C ALA B 452 25.11 -32.63 -30.50
N GLY B 453 24.43 -33.65 -31.04
CA GLY B 453 25.10 -34.70 -31.79
C GLY B 453 25.10 -36.01 -31.05
N LYS B 454 23.90 -36.56 -30.82
CA LYS B 454 23.72 -37.76 -30.01
C LYS B 454 23.13 -38.86 -30.88
N SER B 455 23.73 -40.04 -30.84
CA SER B 455 23.21 -41.19 -31.56
C SER B 455 22.04 -41.79 -30.79
N PRO B 456 21.16 -42.54 -31.49
CA PRO B 456 19.99 -43.11 -30.82
C PRO B 456 20.23 -43.70 -29.44
N GLU B 457 21.08 -44.72 -29.33
CA GLU B 457 21.33 -45.36 -28.05
C GLU B 457 21.78 -44.34 -27.01
N ASP B 458 22.93 -43.71 -27.25
CA ASP B 458 23.46 -42.69 -26.34
C ASP B 458 22.37 -41.72 -25.88
N LEU B 459 21.62 -41.14 -26.83
CA LEU B 459 20.55 -40.23 -26.45
C LEU B 459 19.54 -40.93 -25.56
N GLU B 460 18.98 -42.05 -26.03
CA GLU B 460 18.02 -42.80 -25.24
C GLU B 460 18.58 -43.16 -23.88
N ARG B 461 19.91 -43.32 -23.79
CA ARG B 461 20.52 -43.68 -22.52
C ARG B 461 20.53 -42.49 -21.57
N LEU B 462 21.05 -41.36 -22.04
CA LEU B 462 21.17 -40.17 -21.20
C LEU B 462 19.86 -39.41 -21.08
N LEU B 463 19.02 -39.46 -22.11
CA LEU B 463 17.79 -38.66 -22.17
C LEU B 463 17.01 -38.65 -20.86
N PRO B 464 16.71 -39.79 -20.23
CA PRO B 464 15.87 -39.73 -19.02
C PRO B 464 16.56 -39.01 -17.86
N HIS B 465 17.88 -39.07 -17.77
CA HIS B 465 18.58 -38.37 -16.69
C HIS B 465 18.54 -36.86 -16.87
N LYS B 466 18.32 -36.38 -18.10
CA LYS B 466 18.35 -34.97 -18.42
C LYS B 466 16.98 -34.30 -18.26
N VAL B 467 15.97 -35.06 -17.91
CA VAL B 467 14.60 -34.55 -17.80
C VAL B 467 14.37 -33.94 -16.43
N PHE B 468 13.69 -32.81 -16.41
CA PHE B 468 13.28 -32.12 -15.19
C PHE B 468 11.77 -32.13 -15.13
N GLU B 469 11.20 -32.76 -14.10
CA GLU B 469 9.75 -32.86 -14.00
C GLU B 469 9.11 -31.53 -13.58
N GLY B 470 9.89 -30.62 -13.02
CA GLY B 470 9.37 -29.30 -12.67
C GLY B 470 8.17 -29.36 -11.75
N ASN B 471 7.31 -28.34 -11.89
CA ASN B 471 6.12 -28.19 -11.06
C ASN B 471 6.46 -28.08 -9.57
N ARG B 472 7.60 -27.47 -9.25
CA ARG B 472 8.04 -27.32 -7.87
C ARG B 472 7.80 -25.88 -7.42
N PRO B 473 6.96 -25.67 -6.41
CA PRO B 473 6.49 -24.30 -6.11
C PRO B 473 7.47 -23.48 -5.28
N THR B 474 7.44 -22.17 -5.52
CA THR B 474 8.32 -21.26 -4.82
C THR B 474 7.60 -19.93 -4.58
N ASN B 475 8.05 -19.21 -3.54
CA ASN B 475 7.77 -17.80 -3.36
C ASN B 475 9.02 -17.01 -3.74
N SER B 476 8.82 -15.85 -4.36
CA SER B 476 9.91 -14.89 -4.62
C SER B 476 9.60 -13.60 -3.88
N ILE B 477 10.51 -13.20 -2.99
CA ILE B 477 10.35 -12.00 -2.18
C ILE B 477 11.49 -11.06 -2.56
N VAL B 478 11.15 -9.96 -3.23
CA VAL B 478 12.11 -9.01 -3.78
C VAL B 478 11.85 -7.66 -3.12
N PHE B 479 12.91 -7.04 -2.61
CA PHE B 479 12.81 -5.77 -1.91
C PHE B 479 13.88 -4.83 -2.44
N THR B 480 13.62 -3.52 -2.28
CA THR B 480 14.45 -2.53 -2.94
C THR B 480 15.90 -2.62 -2.49
N LYS B 481 16.13 -2.64 -1.19
CA LYS B 481 17.49 -2.69 -0.64
C LYS B 481 17.39 -3.27 0.77
N LEU B 482 18.42 -4.01 1.18
CA LEU B 482 18.45 -4.58 2.52
C LEU B 482 19.06 -3.55 3.47
N THR B 483 18.23 -2.61 3.84
CA THR B 483 18.53 -1.58 4.84
C THR B 483 18.11 -2.07 6.21
N PRO B 484 18.51 -1.36 7.27
CA PRO B 484 17.97 -1.72 8.60
C PRO B 484 16.45 -1.78 8.60
N PHE B 485 15.79 -0.76 8.04
CA PHE B 485 14.35 -0.71 8.00
C PHE B 485 13.78 -1.91 7.27
N MET B 486 14.31 -2.22 6.08
CA MET B 486 13.75 -3.32 5.31
C MET B 486 13.96 -4.65 6.03
N LEU B 487 15.14 -4.85 6.64
CA LEU B 487 15.35 -6.08 7.40
C LEU B 487 14.29 -6.24 8.48
N GLY B 488 14.02 -5.18 9.23
CA GLY B 488 13.01 -5.27 10.27
C GLY B 488 11.63 -5.64 9.73
N ALA B 489 11.26 -5.09 8.58
CA ALA B 489 9.98 -5.42 7.98
C ALA B 489 9.92 -6.90 7.59
N LEU B 490 11.01 -7.41 7.00
CA LEU B 490 11.03 -8.80 6.55
C LEU B 490 10.97 -9.75 7.74
N VAL B 491 11.72 -9.48 8.81
CA VAL B 491 11.70 -10.36 9.96
C VAL B 491 10.32 -10.37 10.61
N ALA B 492 9.73 -9.19 10.75
CA ALA B 492 8.38 -9.10 11.33
C ALA B 492 7.36 -9.84 10.47
N MET B 493 7.53 -9.77 9.15
CA MET B 493 6.64 -10.49 8.24
C MET B 493 6.63 -11.99 8.57
N TYR B 494 7.82 -12.58 8.72
CA TYR B 494 7.87 -14.00 9.06
C TYR B 494 7.39 -14.27 10.48
N GLU B 495 7.64 -13.36 11.43
CA GLU B 495 7.12 -13.55 12.77
C GLU B 495 5.59 -13.69 12.74
N HIS B 496 4.90 -12.87 11.95
CA HIS B 496 3.45 -12.95 11.89
C HIS B 496 2.97 -14.11 11.04
N LYS B 497 3.76 -14.50 10.03
CA LYS B 497 3.46 -15.75 9.34
C LYS B 497 3.37 -16.90 10.33
N ILE B 498 4.36 -17.00 11.22
CA ILE B 498 4.44 -18.08 12.18
C ILE B 498 3.28 -18.00 13.17
N PHE B 499 2.92 -16.78 13.58
CA PHE B 499 1.77 -16.61 14.46
C PHE B 499 0.50 -17.12 13.80
N VAL B 500 0.28 -16.74 12.53
CA VAL B 500 -0.95 -17.15 11.86
C VAL B 500 -1.05 -18.67 11.80
N GLN B 501 0.06 -19.33 11.47
CA GLN B 501 0.03 -20.79 11.37
C GLN B 501 -0.29 -21.43 12.73
N GLY B 502 0.23 -20.86 13.81
CA GLY B 502 -0.03 -21.42 15.12
C GLY B 502 -1.50 -21.33 15.49
N ILE B 503 -2.11 -20.17 15.21
CA ILE B 503 -3.54 -20.03 15.47
C ILE B 503 -4.34 -21.05 14.67
N ILE B 504 -4.00 -21.22 13.39
CA ILE B 504 -4.75 -22.18 12.56
C ILE B 504 -4.58 -23.59 13.11
N TRP B 505 -3.38 -23.93 13.58
CA TRP B 505 -3.18 -25.27 14.15
C TRP B 505 -3.71 -25.42 15.57
N ASP B 506 -4.08 -24.31 16.23
CA ASP B 506 -4.59 -24.30 17.60
C ASP B 506 -3.50 -24.67 18.62
N ILE B 507 -2.25 -24.28 18.37
CA ILE B 507 -1.17 -24.51 19.30
C ILE B 507 -0.69 -23.18 19.88
N ASN B 508 0.20 -23.27 20.88
CA ASN B 508 0.78 -22.11 21.52
C ASN B 508 2.14 -21.86 20.87
N SER B 509 2.22 -20.83 20.01
CA SER B 509 3.46 -20.50 19.33
C SER B 509 4.50 -19.89 20.25
N PHE B 510 4.17 -19.65 21.52
CA PHE B 510 4.98 -18.78 22.36
C PHE B 510 5.51 -19.43 23.63
N ASP B 511 5.26 -20.72 23.84
CA ASP B 511 5.94 -21.47 24.89
C ASP B 511 7.01 -22.38 24.27
N GLN B 512 7.73 -23.09 25.13
CA GLN B 512 8.73 -24.07 24.67
C GLN B 512 9.01 -25.10 25.76
N TRP B 513 7.98 -25.83 26.16
CA TRP B 513 8.14 -26.84 27.20
C TRP B 513 9.00 -28.01 26.75
N GLY B 514 9.25 -28.15 25.46
CA GLY B 514 9.99 -29.26 24.92
C GLY B 514 11.47 -29.22 25.18
N VAL B 515 11.98 -28.14 25.80
CA VAL B 515 13.41 -28.07 26.09
C VAL B 515 13.75 -28.54 27.50
N GLU B 516 12.74 -28.85 28.33
CA GLU B 516 13.02 -29.08 29.74
C GLU B 516 13.61 -30.45 30.05
N LEU B 517 13.20 -31.48 29.31
CA LEU B 517 13.60 -32.84 29.65
C LEU B 517 15.11 -33.01 29.46
N GLY B 518 15.63 -32.50 28.35
CA GLY B 518 17.07 -32.62 28.15
C GLY B 518 17.87 -31.89 29.21
N LYS B 519 17.39 -30.74 29.66
CA LYS B 519 18.07 -30.02 30.73
C LYS B 519 18.08 -30.83 32.01
N GLN B 520 16.95 -31.48 32.34
CA GLN B 520 16.88 -32.26 33.56
C GLN B 520 17.84 -33.42 33.52
N LEU B 521 17.87 -34.14 32.40
CA LEU B 521 18.71 -35.34 32.32
C LEU B 521 20.19 -34.98 32.27
N ALA B 522 20.54 -33.80 31.74
CA ALA B 522 21.94 -33.39 31.72
C ALA B 522 22.44 -33.06 33.13
N LYS B 523 21.56 -32.49 33.96
CA LYS B 523 21.96 -32.19 35.33
C LYS B 523 22.27 -33.48 36.10
N LYS B 524 21.58 -34.58 35.80
CA LYS B 524 21.83 -35.83 36.49
C LYS B 524 23.13 -36.48 36.02
N ILE B 525 23.42 -36.36 34.72
CA ILE B 525 24.63 -36.99 34.17
C ILE B 525 25.88 -36.23 34.58
N GLU B 526 25.82 -34.91 34.73
CA GLU B 526 27.02 -34.12 34.97
C GLU B 526 27.90 -34.70 36.07
N PRO B 527 27.39 -34.89 37.29
CA PRO B 527 28.25 -35.40 38.38
C PRO B 527 28.70 -36.85 38.16
N GLU B 528 28.01 -37.61 37.32
CA GLU B 528 28.40 -38.99 37.09
C GLU B 528 29.61 -39.11 36.19
N LEU B 529 29.95 -38.05 35.44
CA LEU B 529 31.11 -38.09 34.57
C LEU B 529 32.42 -37.95 35.35
N ASP B 530 32.38 -37.39 36.55
CA ASP B 530 33.60 -37.28 37.35
C ASP B 530 34.06 -38.65 37.83
N GLY B 531 35.36 -38.80 37.97
CA GLY B 531 35.92 -40.04 38.46
C GLY B 531 35.89 -41.15 37.42
N SER B 532 36.51 -42.29 37.74
CA SER B 532 36.67 -43.38 36.79
C SER B 532 35.66 -44.49 36.98
N ALA B 533 34.79 -44.40 37.98
CA ALA B 533 33.81 -45.45 38.22
C ALA B 533 32.86 -45.60 37.04
N GLN B 534 32.60 -46.86 36.67
CA GLN B 534 31.59 -47.15 35.67
C GLN B 534 30.22 -46.66 36.14
N VAL B 535 29.35 -46.38 35.18
CA VAL B 535 27.99 -45.91 35.42
C VAL B 535 27.02 -46.98 34.95
N THR B 536 26.01 -47.28 35.78
CA THR B 536 25.02 -48.30 35.47
C THR B 536 23.60 -47.80 35.69
N SER B 537 23.40 -46.51 35.90
CA SER B 537 22.16 -45.97 36.43
C SER B 537 21.15 -45.57 35.35
N HIS B 538 21.53 -45.66 34.07
CA HIS B 538 20.64 -45.31 32.97
C HIS B 538 20.33 -46.56 32.14
N ASP B 539 19.70 -46.35 30.99
CA ASP B 539 19.60 -47.36 29.96
C ASP B 539 21.01 -47.80 29.51
N ALA B 540 21.05 -48.93 28.79
CA ALA B 540 22.35 -49.54 28.47
C ALA B 540 23.17 -48.70 27.50
N SER B 541 22.52 -47.90 26.65
CA SER B 541 23.25 -47.06 25.70
C SER B 541 23.90 -45.87 26.40
N THR B 542 23.12 -45.13 27.18
CA THR B 542 23.69 -44.04 27.96
C THR B 542 24.83 -44.54 28.84
N ASN B 543 24.64 -45.69 29.52
CA ASN B 543 25.72 -46.25 30.30
C ASN B 543 26.96 -46.53 29.44
N GLY B 544 26.75 -47.23 28.32
CA GLY B 544 27.87 -47.59 27.47
C GLY B 544 28.62 -46.38 26.97
N LEU B 545 27.89 -45.37 26.50
CA LEU B 545 28.53 -44.14 26.05
C LEU B 545 29.35 -43.50 27.16
N ILE B 546 28.79 -43.42 28.36
CA ILE B 546 29.54 -42.86 29.49
C ILE B 546 30.81 -43.64 29.75
N ASN B 547 30.74 -44.96 29.71
CA ASN B 547 31.90 -45.76 30.06
C ASN B 547 32.97 -45.70 28.99
N PHE B 548 32.57 -45.56 27.73
CA PHE B 548 33.53 -45.33 26.67
C PHE B 548 34.21 -43.97 26.82
N ILE B 549 33.42 -42.94 27.15
CA ILE B 549 33.99 -41.62 27.44
C ILE B 549 35.03 -41.71 28.55
N LYS B 550 34.69 -42.40 29.64
CA LYS B 550 35.64 -42.52 30.73
C LYS B 550 36.89 -43.31 30.31
N GLN B 551 36.72 -44.35 29.51
CA GLN B 551 37.87 -45.12 29.06
C GLN B 551 38.79 -44.28 28.19
N GLN B 552 38.21 -43.49 27.29
CA GLN B 552 38.98 -42.75 26.30
C GLN B 552 39.46 -41.39 26.80
N ARG B 553 39.08 -41.01 28.02
CA ARG B 553 39.41 -39.70 28.55
C ARG B 553 40.92 -39.51 28.66
N GLU B 554 41.66 -40.59 28.87
CA GLU B 554 43.10 -40.54 29.08
C GLU B 554 43.90 -41.18 27.96
N ALA B 555 43.24 -41.67 26.91
CA ALA B 555 43.96 -42.25 25.78
C ALA B 555 44.87 -41.19 25.15
N ARG B 556 46.16 -41.51 25.04
CA ARG B 556 47.12 -40.57 24.47
C ARG B 556 47.48 -41.02 23.06
N ALA C 2 11.06 -50.28 -10.16
CA ALA C 2 12.52 -50.03 -9.99
C ALA C 2 13.17 -51.21 -9.27
N ALA C 3 14.49 -51.32 -9.41
CA ALA C 3 15.22 -52.43 -8.81
C ALA C 3 14.81 -52.65 -7.36
N LEU C 4 15.03 -51.64 -6.51
CA LEU C 4 14.81 -51.82 -5.08
C LEU C 4 13.39 -52.32 -4.78
N THR C 5 12.40 -51.76 -5.46
CA THR C 5 11.01 -52.11 -5.15
C THR C 5 10.67 -53.54 -5.53
N ARG C 6 11.40 -54.14 -6.47
CA ARG C 6 11.19 -55.51 -6.89
C ARG C 6 12.10 -56.50 -6.14
N ASP C 7 12.92 -56.01 -5.22
CA ASP C 7 13.90 -56.86 -4.55
C ASP C 7 13.22 -57.65 -3.43
N PRO C 8 13.35 -58.98 -3.41
CA PRO C 8 12.60 -59.75 -2.41
C PRO C 8 12.96 -59.38 -0.97
N GLN C 9 14.23 -59.09 -0.70
CA GLN C 9 14.62 -58.70 0.65
C GLN C 9 13.93 -57.41 1.08
N PHE C 10 13.81 -56.45 0.16
CA PHE C 10 13.14 -55.20 0.49
C PHE C 10 11.68 -55.44 0.82
N GLN C 11 10.99 -56.23 0.00
CA GLN C 11 9.61 -56.56 0.30
C GLN C 11 9.49 -57.26 1.65
N LYS C 12 10.39 -58.20 1.95
CA LYS C 12 10.37 -58.84 3.26
C LYS C 12 10.55 -57.79 4.36
N LEU C 13 11.47 -56.85 4.15
CA LEU C 13 11.61 -55.75 5.09
C LEU C 13 10.30 -55.00 5.28
N GLN C 14 9.62 -54.66 4.17
CA GLN C 14 8.40 -53.87 4.25
C GLN C 14 7.27 -54.66 4.90
N GLN C 15 7.18 -55.96 4.61
CA GLN C 15 6.13 -56.76 5.26
C GLN C 15 6.32 -56.77 6.78
N TRP C 16 7.57 -56.92 7.23
CA TRP C 16 7.84 -56.90 8.66
C TRP C 16 7.47 -55.55 9.26
N TYR C 17 7.92 -54.46 8.64
CA TYR C 17 7.54 -53.13 9.09
C TYR C 17 6.04 -53.03 9.31
N ARG C 18 5.26 -53.52 8.36
CA ARG C 18 3.80 -53.44 8.47
C ARG C 18 3.29 -54.31 9.61
N GLU C 19 3.93 -55.44 9.88
CA GLU C 19 3.40 -56.39 10.86
C GLU C 19 3.80 -56.08 12.29
N HIS C 20 5.00 -55.53 12.52
CA HIS C 20 5.52 -55.35 13.87
C HIS C 20 5.84 -53.91 14.21
N ARG C 21 5.42 -52.95 13.38
CA ARG C 21 5.73 -51.55 13.62
C ARG C 21 5.47 -51.16 15.08
N SER C 22 4.26 -51.41 15.57
CA SER C 22 3.86 -50.96 16.90
C SER C 22 4.67 -51.61 18.01
N GLU C 23 5.41 -52.66 17.71
CA GLU C 23 6.27 -53.32 18.70
C GLU C 23 7.61 -52.61 18.87
N LEU C 24 7.90 -51.58 18.07
CA LEU C 24 9.18 -50.90 18.14
C LEU C 24 9.05 -49.72 19.09
N ASN C 25 9.35 -49.96 20.35
CA ASN C 25 9.39 -48.93 21.38
C ASN C 25 10.73 -49.05 22.08
N LEU C 26 11.52 -47.97 22.04
CA LEU C 26 12.88 -48.05 22.57
C LEU C 26 12.91 -48.35 24.06
N ARG C 27 12.05 -47.68 24.84
CA ARG C 27 11.98 -47.97 26.27
C ARG C 27 11.81 -49.46 26.52
N ARG C 28 10.81 -50.07 25.89
CA ARG C 28 10.56 -51.49 26.12
C ARG C 28 11.68 -52.36 25.57
N LEU C 29 12.28 -51.95 24.44
CA LEU C 29 13.38 -52.73 23.89
C LEU C 29 14.56 -52.74 24.85
N PHE C 30 14.89 -51.59 25.45
CA PHE C 30 16.02 -51.54 26.37
C PHE C 30 15.70 -52.27 27.67
N ASP C 31 14.49 -52.06 28.20
CA ASP C 31 14.09 -52.75 29.43
C ASP C 31 14.10 -54.26 29.28
N ALA C 32 13.95 -54.76 28.05
CA ALA C 32 13.89 -56.20 27.83
C ALA C 32 15.26 -56.83 27.58
N ASN C 33 16.21 -56.07 27.06
CA ASN C 33 17.52 -56.59 26.67
C ASN C 33 18.61 -55.72 27.30
N LYS C 34 19.18 -56.20 28.41
CA LYS C 34 20.24 -55.46 29.09
C LYS C 34 21.55 -55.45 28.32
N ASP C 35 21.67 -56.26 27.25
CA ASP C 35 22.84 -56.26 26.39
C ASP C 35 22.59 -55.52 25.08
N ARG C 36 21.56 -54.69 25.02
CA ARG C 36 21.21 -54.06 23.75
C ARG C 36 22.35 -53.19 23.24
N PHE C 37 23.03 -52.46 24.13
CA PHE C 37 24.14 -51.61 23.69
C PHE C 37 25.26 -52.44 23.09
N ASN C 38 25.65 -53.53 23.77
CA ASN C 38 26.72 -54.36 23.23
C ASN C 38 26.33 -54.96 21.89
N HIS C 39 25.05 -55.29 21.72
CA HIS C 39 24.62 -55.95 20.49
C HIS C 39 24.46 -54.98 19.34
N PHE C 40 24.14 -53.70 19.63
CA PHE C 40 23.87 -52.74 18.58
C PHE C 40 24.86 -51.58 18.62
N SER C 41 26.16 -51.89 18.69
CA SER C 41 27.18 -50.86 18.67
C SER C 41 28.46 -51.45 18.11
N LEU C 42 29.30 -50.59 17.54
CA LEU C 42 30.59 -50.94 17.00
C LEU C 42 31.68 -50.11 17.68
N THR C 43 32.78 -50.76 18.06
CA THR C 43 33.96 -50.04 18.53
C THR C 43 35.10 -50.32 17.58
N LEU C 44 35.64 -49.25 17.00
CA LEU C 44 36.71 -49.32 16.01
C LEU C 44 37.96 -48.69 16.61
N ASN C 45 39.08 -49.41 16.54
CA ASN C 45 40.37 -48.86 16.96
C ASN C 45 41.17 -48.56 15.69
N THR C 46 41.31 -47.26 15.37
CA THR C 46 42.07 -46.89 14.19
C THR C 46 43.58 -46.87 14.44
N ASN C 47 44.02 -47.08 15.67
CA ASN C 47 45.39 -46.90 16.12
C ASN C 47 45.75 -45.42 16.22
N HIS C 48 44.84 -44.53 15.85
CA HIS C 48 44.97 -43.09 16.00
C HIS C 48 43.72 -42.52 16.65
N GLY C 49 43.12 -43.30 17.55
CA GLY C 49 41.88 -42.94 18.19
C GLY C 49 40.80 -44.00 18.00
N HIS C 50 39.90 -44.14 18.97
CA HIS C 50 38.79 -45.06 18.84
C HIS C 50 37.54 -44.35 18.34
N ILE C 51 36.68 -45.10 17.68
CA ILE C 51 35.37 -44.64 17.24
C ILE C 51 34.34 -45.60 17.79
N LEU C 52 33.41 -45.09 18.57
CA LEU C 52 32.24 -45.85 19.00
C LEU C 52 31.06 -45.40 18.15
N VAL C 53 30.51 -46.30 17.37
CA VAL C 53 29.27 -46.06 16.62
C VAL C 53 28.17 -46.77 17.39
N ASP C 54 27.41 -46.01 18.18
CA ASP C 54 26.34 -46.58 18.99
C ASP C 54 25.02 -46.36 18.26
N TYR C 55 24.49 -47.44 17.66
CA TYR C 55 23.23 -47.38 16.96
C TYR C 55 22.11 -48.10 17.69
N SER C 56 22.25 -48.26 19.01
CA SER C 56 21.27 -49.02 19.78
C SER C 56 20.01 -48.24 20.13
N LYS C 57 20.02 -46.89 20.03
CA LYS C 57 18.80 -46.11 20.20
C LYS C 57 18.02 -45.97 18.89
N ASN C 58 18.10 -46.98 18.02
CA ASN C 58 17.35 -47.03 16.78
C ASN C 58 16.20 -48.03 16.89
N LEU C 59 15.17 -47.81 16.08
CA LEU C 59 13.96 -48.65 16.11
C LEU C 59 14.24 -49.89 15.26
N VAL C 60 15.13 -50.72 15.78
CA VAL C 60 15.54 -51.95 15.11
C VAL C 60 15.57 -53.07 16.14
N THR C 61 15.42 -54.29 15.64
CA THR C 61 15.63 -55.52 16.38
C THR C 61 16.75 -56.28 15.68
N GLU C 62 17.19 -57.39 16.31
CA GLU C 62 18.20 -58.20 15.64
C GLU C 62 17.72 -58.66 14.27
N ASP C 63 16.44 -58.98 14.16
CA ASP C 63 15.89 -59.41 12.87
C ASP C 63 15.92 -58.29 11.84
N VAL C 64 15.53 -57.09 12.24
CA VAL C 64 15.54 -55.96 11.30
C VAL C 64 16.95 -55.75 10.76
N MET C 65 17.95 -55.73 11.65
CA MET C 65 19.33 -55.60 11.20
C MET C 65 19.70 -56.76 10.27
N ARG C 66 19.24 -57.97 10.60
CA ARG C 66 19.56 -59.14 9.77
C ARG C 66 19.01 -58.94 8.36
N MET C 67 17.78 -58.48 8.25
CA MET C 67 17.19 -58.25 6.93
C MET C 67 17.87 -57.11 6.19
N LEU C 68 18.33 -56.09 6.92
CA LEU C 68 18.98 -54.97 6.28
C LEU C 68 20.31 -55.40 5.65
N VAL C 69 21.07 -56.24 6.35
CA VAL C 69 22.30 -56.76 5.77
C VAL C 69 21.98 -57.63 4.57
N ASP C 70 20.93 -58.45 4.67
CA ASP C 70 20.52 -59.26 3.54
C ASP C 70 20.14 -58.37 2.36
N LEU C 71 19.48 -57.26 2.63
CA LEU C 71 19.16 -56.30 1.57
C LEU C 71 20.43 -55.79 0.91
N ALA C 72 21.44 -55.42 1.70
CA ALA C 72 22.69 -54.94 1.12
C ALA C 72 23.33 -56.02 0.25
N LYS C 73 23.22 -57.28 0.67
CA LYS C 73 23.77 -58.37 -0.14
C LYS C 73 22.97 -58.55 -1.41
N SER C 74 21.64 -58.54 -1.30
CA SER C 74 20.79 -58.72 -2.48
C SER C 74 20.96 -57.59 -3.49
N ARG C 75 21.25 -56.38 -3.02
CA ARG C 75 21.42 -55.25 -3.93
C ARG C 75 22.85 -55.11 -4.44
N GLY C 76 23.75 -56.02 -4.05
CA GLY C 76 25.07 -56.06 -4.65
C GLY C 76 26.04 -55.00 -4.17
N VAL C 77 25.95 -54.61 -2.89
CA VAL C 77 26.77 -53.50 -2.40
C VAL C 77 28.26 -53.85 -2.52
N GLU C 78 28.65 -55.06 -2.10
CA GLU C 78 30.06 -55.40 -2.10
C GLU C 78 30.62 -55.43 -3.52
N ALA C 79 29.86 -55.99 -4.47
CA ALA C 79 30.30 -55.98 -5.86
C ALA C 79 30.51 -54.55 -6.35
N ALA C 80 29.54 -53.67 -6.09
CA ALA C 80 29.67 -52.28 -6.47
C ALA C 80 30.89 -51.64 -5.83
N ARG C 81 31.07 -51.87 -4.53
CA ARG C 81 32.23 -51.30 -3.83
C ARG C 81 33.54 -51.65 -4.54
N GLU C 82 33.71 -52.93 -4.88
CA GLU C 82 34.93 -53.35 -5.54
C GLU C 82 35.08 -52.67 -6.90
N ARG C 83 33.97 -52.52 -7.63
CA ARG C 83 34.03 -51.78 -8.89
C ARG C 83 34.59 -50.37 -8.68
N MET C 84 34.17 -49.71 -7.60
CA MET C 84 34.67 -48.38 -7.30
C MET C 84 36.16 -48.40 -7.06
N PHE C 85 36.61 -49.28 -6.15
CA PHE C 85 38.01 -49.31 -5.78
C PHE C 85 38.89 -49.77 -6.94
N ASN C 86 38.34 -50.55 -7.86
CA ASN C 86 39.11 -51.08 -8.98
C ASN C 86 39.15 -50.15 -10.18
N GLY C 87 38.46 -49.01 -10.12
CA GLY C 87 38.56 -48.03 -11.18
C GLY C 87 37.57 -48.19 -12.31
N GLU C 88 36.55 -49.02 -12.15
CA GLU C 88 35.53 -49.16 -13.17
C GLU C 88 34.71 -47.87 -13.26
N LYS C 89 34.13 -47.65 -14.44
CA LYS C 89 33.39 -46.41 -14.72
C LYS C 89 31.97 -46.53 -14.18
N ILE C 90 31.88 -46.56 -12.84
CA ILE C 90 30.59 -46.73 -12.19
C ILE C 90 29.74 -45.46 -12.21
N ASN C 91 30.35 -44.29 -12.43
CA ASN C 91 29.62 -43.07 -12.78
C ASN C 91 29.18 -43.25 -14.24
N TYR C 92 28.07 -43.96 -14.43
CA TYR C 92 27.80 -44.53 -15.73
C TYR C 92 27.16 -43.53 -16.69
N THR C 93 26.29 -42.64 -16.20
CA THR C 93 25.68 -41.66 -17.09
C THR C 93 26.73 -40.74 -17.71
N GLU C 94 27.90 -40.62 -17.09
CA GLU C 94 28.98 -39.80 -17.60
C GLU C 94 30.17 -40.62 -18.09
N GLY C 95 30.09 -41.95 -18.03
CA GLY C 95 31.18 -42.79 -18.47
C GLY C 95 32.47 -42.50 -17.72
N ARG C 96 32.39 -42.42 -16.40
CA ARG C 96 33.50 -41.95 -15.58
C ARG C 96 33.77 -42.90 -14.42
N ALA C 97 35.02 -42.97 -14.03
CA ALA C 97 35.38 -43.65 -12.79
C ALA C 97 35.05 -42.75 -11.60
N VAL C 98 35.15 -43.33 -10.41
CA VAL C 98 34.90 -42.63 -9.16
C VAL C 98 36.01 -43.03 -8.20
N LEU C 99 37.03 -42.18 -8.05
CA LEU C 99 38.26 -42.61 -7.41
C LEU C 99 38.78 -41.56 -6.44
N HIS C 100 37.87 -40.95 -5.65
CA HIS C 100 38.37 -40.16 -4.54
C HIS C 100 39.18 -41.01 -3.56
N VAL C 101 38.96 -42.33 -3.55
CA VAL C 101 39.76 -43.21 -2.69
C VAL C 101 41.19 -43.32 -3.19
N ALA C 102 41.42 -43.09 -4.49
CA ALA C 102 42.78 -43.07 -5.00
C ALA C 102 43.55 -41.85 -4.49
N LEU C 103 42.84 -40.74 -4.24
CA LEU C 103 43.51 -39.53 -3.79
C LEU C 103 44.17 -39.72 -2.43
N ARG C 104 43.64 -40.60 -1.59
CA ARG C 104 44.17 -40.85 -0.26
C ARG C 104 44.72 -42.27 -0.12
N ASN C 105 45.09 -42.90 -1.23
CA ASN C 105 45.61 -44.27 -1.21
C ASN C 105 47.07 -44.22 -0.78
N ARG C 106 47.27 -44.11 0.54
CA ARG C 106 48.61 -44.07 1.10
C ARG C 106 49.38 -45.35 0.84
N SER C 107 48.66 -46.47 0.67
CA SER C 107 49.30 -47.74 0.37
C SER C 107 49.99 -47.73 -0.99
N ASN C 108 49.55 -46.85 -1.89
CA ASN C 108 50.09 -46.72 -3.24
C ASN C 108 49.88 -47.99 -4.07
N THR C 109 48.96 -48.85 -3.64
CA THR C 109 48.51 -49.94 -4.49
C THR C 109 48.09 -49.39 -5.84
N PRO C 110 48.47 -50.03 -6.95
CA PRO C 110 48.02 -49.55 -8.26
C PRO C 110 46.50 -49.60 -8.38
N ILE C 111 45.93 -48.49 -8.83
CA ILE C 111 44.52 -48.42 -9.22
C ILE C 111 44.47 -48.00 -10.69
N LEU C 112 43.80 -48.80 -11.50
CA LEU C 112 43.87 -48.66 -12.95
C LEU C 112 42.61 -48.00 -13.49
N VAL C 113 42.80 -46.94 -14.25
CA VAL C 113 41.74 -46.34 -15.06
C VAL C 113 42.15 -46.54 -16.50
N ASP C 114 41.39 -47.36 -17.23
CA ASP C 114 41.72 -47.68 -18.61
C ASP C 114 43.11 -48.31 -18.71
N GLY C 115 43.41 -49.19 -17.76
CA GLY C 115 44.68 -49.89 -17.74
C GLY C 115 45.88 -49.08 -17.31
N LYS C 116 45.70 -47.82 -16.95
CA LYS C 116 46.79 -46.93 -16.57
C LYS C 116 46.71 -46.62 -15.08
N ASP C 117 47.84 -46.74 -14.39
CA ASP C 117 47.86 -46.52 -12.95
C ASP C 117 47.73 -45.03 -12.64
N VAL C 118 46.79 -44.71 -11.74
CA VAL C 118 46.49 -43.33 -11.41
C VAL C 118 47.47 -42.76 -10.39
N MET C 119 48.09 -43.61 -9.57
CA MET C 119 48.80 -43.12 -8.40
C MET C 119 50.05 -42.32 -8.68
N PRO C 120 50.83 -42.62 -9.72
CA PRO C 120 52.00 -41.78 -9.98
C PRO C 120 51.63 -40.32 -10.21
N GLU C 121 50.50 -40.07 -10.88
CA GLU C 121 50.05 -38.70 -11.09
C GLU C 121 49.43 -38.12 -9.82
N VAL C 122 48.72 -38.95 -9.05
CA VAL C 122 48.21 -38.50 -7.76
C VAL C 122 49.35 -38.04 -6.87
N ASN C 123 50.42 -38.83 -6.79
CA ASN C 123 51.53 -38.50 -5.91
C ASN C 123 52.36 -37.35 -6.46
N LYS C 124 52.38 -37.17 -7.77
CA LYS C 124 53.08 -36.01 -8.34
C LYS C 124 52.46 -34.71 -7.85
N VAL C 125 51.13 -34.62 -7.85
CA VAL C 125 50.48 -33.39 -7.40
C VAL C 125 50.70 -33.18 -5.90
N LEU C 126 50.60 -34.26 -5.11
CA LEU C 126 50.81 -34.12 -3.67
C LEU C 126 52.22 -33.66 -3.35
N ASP C 127 53.22 -34.17 -4.09
CA ASP C 127 54.57 -33.65 -3.95
C ASP C 127 54.63 -32.16 -4.30
N LYS C 128 53.99 -31.79 -5.41
CA LYS C 128 53.91 -30.38 -5.77
C LYS C 128 53.31 -29.57 -4.63
N MET C 129 52.20 -30.06 -4.07
CA MET C 129 51.56 -29.36 -2.96
C MET C 129 52.52 -29.23 -1.79
N LYS C 130 53.19 -30.32 -1.43
CA LYS C 130 54.08 -30.30 -0.29
C LYS C 130 55.16 -29.24 -0.45
N SER C 131 55.82 -29.22 -1.61
CA SER C 131 56.88 -28.23 -1.84
C SER C 131 56.32 -26.81 -1.75
N PHE C 132 55.18 -26.57 -2.41
CA PHE C 132 54.59 -25.23 -2.41
C PHE C 132 54.26 -24.77 -1.00
N CYS C 133 53.63 -25.63 -0.19
CA CYS C 133 53.23 -25.20 1.14
C CYS C 133 54.43 -24.89 2.02
N GLN C 134 55.48 -25.72 1.95
CA GLN C 134 56.68 -25.42 2.73
C GLN C 134 57.21 -24.04 2.38
N ARG C 135 57.26 -23.72 1.09
CA ARG C 135 57.82 -22.45 0.67
C ARG C 135 56.94 -21.27 1.09
N VAL C 136 55.62 -21.43 0.96
CA VAL C 136 54.71 -20.36 1.38
C VAL C 136 54.77 -20.18 2.89
N ARG C 137 54.71 -21.30 3.62
CA ARG C 137 54.65 -21.21 5.07
C ARG C 137 55.96 -20.75 5.68
N SER C 138 57.10 -21.14 5.09
CA SER C 138 58.39 -20.72 5.62
C SER C 138 58.70 -19.26 5.30
N GLY C 139 57.94 -18.64 4.41
CA GLY C 139 58.28 -17.31 3.95
C GLY C 139 59.26 -17.29 2.80
N ASP C 140 59.63 -18.44 2.25
CA ASP C 140 60.53 -18.45 1.11
C ASP C 140 59.85 -17.88 -0.13
N TRP C 141 58.56 -18.19 -0.31
CA TRP C 141 57.79 -17.65 -1.43
C TRP C 141 57.41 -16.21 -1.10
N LYS C 142 57.88 -15.26 -1.90
CA LYS C 142 57.67 -13.86 -1.60
C LYS C 142 56.73 -13.23 -2.62
N GLY C 143 56.00 -12.21 -2.17
CA GLY C 143 55.14 -11.43 -3.03
C GLY C 143 55.93 -10.48 -3.91
N TYR C 144 55.19 -9.63 -4.62
CA TYR C 144 55.82 -8.80 -5.65
C TYR C 144 56.60 -7.62 -5.07
N THR C 145 56.59 -7.41 -3.76
CA THR C 145 57.44 -6.43 -3.10
C THR C 145 58.41 -7.07 -2.11
N GLY C 146 58.60 -8.39 -2.19
CA GLY C 146 59.55 -9.07 -1.34
C GLY C 146 59.02 -9.51 0.02
N LYS C 147 57.70 -9.50 0.21
CA LYS C 147 57.10 -9.82 1.51
C LYS C 147 56.60 -11.26 1.53
N THR C 148 56.51 -11.79 2.74
CA THR C 148 55.97 -13.13 2.92
C THR C 148 54.44 -13.10 2.85
N ILE C 149 53.87 -14.24 2.49
CA ILE C 149 52.41 -14.33 2.36
C ILE C 149 51.80 -14.46 3.75
N THR C 150 50.82 -13.60 4.03
CA THR C 150 50.09 -13.61 5.29
C THR C 150 48.65 -14.07 5.14
N ASP C 151 48.12 -14.09 3.92
CA ASP C 151 46.71 -14.37 3.66
C ASP C 151 46.60 -15.22 2.42
N VAL C 152 45.82 -16.30 2.52
CA VAL C 152 45.50 -17.19 1.42
C VAL C 152 43.99 -17.09 1.19
N ILE C 153 43.60 -16.82 -0.05
CA ILE C 153 42.21 -16.60 -0.38
C ILE C 153 41.78 -17.66 -1.38
N ASN C 154 40.88 -18.53 -0.96
CA ASN C 154 40.33 -19.55 -1.83
C ASN C 154 39.10 -18.99 -2.53
N ILE C 155 39.13 -18.97 -3.86
CA ILE C 155 38.00 -18.52 -4.66
C ILE C 155 37.41 -19.73 -5.35
N GLY C 156 36.21 -20.10 -4.97
CA GLY C 156 35.54 -21.25 -5.54
C GLY C 156 34.22 -21.45 -4.86
N ILE C 157 33.38 -22.28 -5.48
CA ILE C 157 32.01 -22.51 -5.04
C ILE C 157 31.74 -24.01 -5.05
N GLY C 158 30.75 -24.42 -4.26
CA GLY C 158 30.33 -25.80 -4.24
C GLY C 158 31.43 -26.70 -3.74
N GLY C 159 31.75 -27.72 -4.53
CA GLY C 159 32.78 -28.67 -4.13
C GLY C 159 34.17 -28.09 -4.03
N SER C 160 34.39 -26.91 -4.63
CA SER C 160 35.67 -26.22 -4.54
C SER C 160 35.73 -25.27 -3.35
N ASP C 161 34.70 -25.27 -2.50
CA ASP C 161 34.58 -24.35 -1.38
C ASP C 161 34.29 -25.11 -0.09
N LEU C 162 33.24 -25.92 -0.10
CA LEU C 162 32.66 -26.41 1.15
C LEU C 162 33.62 -27.28 1.94
N GLY C 163 34.33 -28.20 1.27
CA GLY C 163 35.19 -29.13 1.96
C GLY C 163 36.38 -28.45 2.60
N PRO C 164 37.12 -27.67 1.79
CA PRO C 164 38.24 -26.91 2.37
C PRO C 164 37.81 -25.97 3.49
N LEU C 165 36.68 -25.29 3.34
CA LEU C 165 36.19 -24.43 4.42
C LEU C 165 35.87 -25.24 5.67
N MET C 166 35.13 -26.32 5.50
CA MET C 166 34.77 -27.17 6.63
C MET C 166 36.01 -27.69 7.35
N VAL C 167 37.03 -28.12 6.59
CA VAL C 167 38.21 -28.75 7.20
C VAL C 167 39.08 -27.71 7.89
N THR C 168 39.28 -26.55 7.28
CA THR C 168 40.09 -25.53 7.95
C THR C 168 39.36 -24.99 9.17
N GLU C 169 38.04 -24.92 9.14
CA GLU C 169 37.30 -24.57 10.36
C GLU C 169 37.46 -25.65 11.42
N ALA C 170 37.38 -26.93 11.03
CA ALA C 170 37.42 -28.01 12.02
C ALA C 170 38.83 -28.22 12.57
N LEU C 171 39.87 -27.87 11.81
CA LEU C 171 41.25 -28.10 12.21
C LEU C 171 41.99 -26.82 12.59
N LYS C 172 41.23 -25.78 12.93
CA LYS C 172 41.80 -24.49 13.31
C LYS C 172 42.92 -24.58 14.33
N PRO C 173 42.85 -25.41 15.37
CA PRO C 173 43.96 -25.47 16.33
C PRO C 173 45.29 -25.89 15.73
N TYR C 174 45.27 -26.47 14.53
CA TYR C 174 46.47 -26.98 13.88
C TYR C 174 47.10 -25.98 12.93
N SER C 175 46.65 -24.73 12.97
CA SER C 175 46.99 -23.72 11.98
C SER C 175 48.02 -22.73 12.49
N SER C 176 48.58 -22.95 13.67
CA SER C 176 49.63 -22.06 14.17
C SER C 176 50.78 -22.02 13.19
N GLY C 177 51.27 -20.80 12.92
CA GLY C 177 52.33 -20.62 11.96
C GLY C 177 51.87 -20.67 10.52
N GLY C 178 50.58 -20.90 10.26
CA GLY C 178 50.07 -20.87 8.92
C GLY C 178 49.49 -19.51 8.59
N PRO C 179 49.35 -19.20 7.30
CA PRO C 179 48.68 -17.96 6.93
C PRO C 179 47.20 -18.06 7.17
N ARG C 180 46.57 -16.90 7.31
CA ARG C 180 45.11 -16.83 7.38
C ARG C 180 44.51 -17.37 6.09
N VAL C 181 43.37 -18.05 6.20
CA VAL C 181 42.66 -18.53 5.02
C VAL C 181 41.31 -17.82 4.94
N TRP C 182 40.95 -17.41 3.73
CA TRP C 182 39.69 -16.76 3.41
C TRP C 182 38.98 -17.58 2.34
N TYR C 183 37.65 -17.60 2.39
CA TYR C 183 36.86 -18.37 1.43
C TYR C 183 35.86 -17.42 0.78
N VAL C 184 36.04 -17.21 -0.52
CA VAL C 184 35.17 -16.37 -1.34
C VAL C 184 34.46 -17.31 -2.30
N SER C 185 33.13 -17.30 -2.29
CA SER C 185 32.41 -18.29 -3.09
C SER C 185 31.21 -17.73 -3.83
N ASN C 186 30.35 -16.98 -3.14
CA ASN C 186 29.15 -16.45 -3.77
C ASN C 186 29.52 -15.49 -4.88
N ILE C 187 28.74 -15.51 -5.97
CA ILE C 187 28.88 -14.46 -6.98
C ILE C 187 28.51 -13.11 -6.39
N ASP C 188 27.61 -13.09 -5.42
CA ASP C 188 27.24 -11.88 -4.69
C ASP C 188 28.47 -11.05 -4.38
N GLY C 189 28.59 -9.89 -5.03
CA GLY C 189 29.78 -9.07 -4.89
C GLY C 189 30.10 -8.70 -3.46
N THR C 190 29.11 -8.74 -2.58
CA THR C 190 29.40 -8.62 -1.16
C THR C 190 30.55 -9.53 -0.74
N HIS C 191 30.57 -10.75 -1.25
CA HIS C 191 31.53 -11.73 -0.72
C HIS C 191 32.98 -11.32 -1.03
N ILE C 192 33.29 -11.07 -2.30
CA ILE C 192 34.66 -10.66 -2.64
C ILE C 192 34.95 -9.25 -2.13
N ALA C 193 33.95 -8.37 -2.15
CA ALA C 193 34.19 -6.97 -1.81
C ALA C 193 34.62 -6.83 -0.35
N LYS C 194 33.89 -7.46 0.58
CA LYS C 194 34.24 -7.30 1.98
C LYS C 194 35.53 -8.02 2.32
N THR C 195 35.90 -9.04 1.53
CA THR C 195 37.16 -9.73 1.76
C THR C 195 38.34 -8.90 1.28
N LEU C 196 38.28 -8.41 0.03
CA LEU C 196 39.40 -7.63 -0.50
C LEU C 196 39.68 -6.39 0.35
N ALA C 197 38.64 -5.83 0.98
CA ALA C 197 38.85 -4.62 1.79
C ALA C 197 39.74 -4.88 3.01
N GLN C 198 39.96 -6.13 3.38
CA GLN C 198 40.79 -6.47 4.52
C GLN C 198 42.14 -7.05 4.13
N LEU C 199 42.53 -6.93 2.86
CA LEU C 199 43.71 -7.61 2.34
C LEU C 199 44.73 -6.60 1.83
N ASN C 200 46.01 -6.96 2.03
CA ASN C 200 47.13 -6.27 1.41
C ASN C 200 47.56 -7.04 0.17
N PRO C 201 47.46 -6.48 -1.03
CA PRO C 201 47.86 -7.25 -2.23
C PRO C 201 49.30 -7.72 -2.19
N GLU C 202 50.15 -7.06 -1.41
CA GLU C 202 51.57 -7.44 -1.35
C GLU C 202 51.81 -8.76 -0.64
N SER C 203 50.85 -9.23 0.17
CA SER C 203 51.05 -10.42 0.98
C SER C 203 49.87 -11.38 0.90
N SER C 204 49.03 -11.28 -0.13
CA SER C 204 47.87 -12.15 -0.30
C SER C 204 48.06 -13.07 -1.48
N LEU C 205 47.81 -14.36 -1.26
CA LEU C 205 47.90 -15.39 -2.29
C LEU C 205 46.50 -15.88 -2.64
N PHE C 206 46.16 -15.80 -3.92
CA PHE C 206 44.83 -16.17 -4.38
C PHE C 206 44.86 -17.56 -5.00
N ILE C 207 43.90 -18.39 -4.60
CA ILE C 207 43.74 -19.74 -5.12
C ILE C 207 42.43 -19.78 -5.88
N ILE C 208 42.50 -20.08 -7.17
CA ILE C 208 41.30 -20.20 -8.00
C ILE C 208 41.01 -21.68 -8.17
N ALA C 209 39.92 -22.13 -7.54
CA ALA C 209 39.57 -23.55 -7.48
C ALA C 209 38.29 -23.82 -8.26
N SER C 210 38.40 -24.60 -9.32
CA SER C 210 37.25 -24.98 -10.13
C SER C 210 37.64 -26.18 -10.99
N LYS C 211 36.83 -27.25 -10.93
CA LYS C 211 37.12 -28.45 -11.69
C LYS C 211 37.24 -28.14 -13.18
N THR C 212 36.17 -27.62 -13.77
CA THR C 212 36.19 -27.25 -15.19
C THR C 212 36.85 -25.92 -15.45
N PHE C 213 36.91 -25.04 -14.44
CA PHE C 213 37.42 -23.68 -14.59
C PHE C 213 36.54 -22.85 -15.52
N THR C 214 35.25 -23.21 -15.61
CA THR C 214 34.30 -22.40 -16.36
C THR C 214 33.12 -21.91 -15.53
N THR C 215 32.99 -22.35 -14.28
CA THR C 215 31.90 -21.88 -13.43
C THR C 215 31.86 -20.37 -13.37
N GLN C 216 30.68 -19.81 -13.68
CA GLN C 216 30.58 -18.37 -13.86
C GLN C 216 30.93 -17.62 -12.57
N GLU C 217 30.43 -18.10 -11.43
CA GLU C 217 30.70 -17.40 -10.18
C GLU C 217 32.19 -17.33 -9.91
N THR C 218 32.90 -18.45 -10.06
CA THR C 218 34.31 -18.49 -9.70
C THR C 218 35.15 -17.67 -10.68
N ILE C 219 34.90 -17.82 -11.98
CA ILE C 219 35.67 -17.07 -12.97
C ILE C 219 35.45 -15.56 -12.79
N THR C 220 34.21 -15.15 -12.50
CA THR C 220 33.94 -13.72 -12.31
C THR C 220 34.61 -13.21 -11.04
N ASN C 221 34.48 -13.95 -9.93
CA ASN C 221 35.23 -13.56 -8.72
C ASN C 221 36.72 -13.49 -9.01
N ALA C 222 37.25 -14.47 -9.75
CA ALA C 222 38.68 -14.51 -10.03
C ALA C 222 39.12 -13.31 -10.87
N GLU C 223 38.31 -12.93 -11.86
CA GLU C 223 38.58 -11.72 -12.64
C GLU C 223 38.63 -10.48 -11.74
N THR C 224 37.65 -10.36 -10.85
CA THR C 224 37.58 -9.20 -9.97
C THR C 224 38.80 -9.15 -9.06
N ALA C 225 39.23 -10.31 -8.55
CA ALA C 225 40.40 -10.31 -7.68
C ALA C 225 41.66 -9.91 -8.44
N LYS C 226 41.80 -10.40 -9.67
CA LYS C 226 42.99 -10.09 -10.46
C LYS C 226 43.04 -8.61 -10.84
N GLU C 227 41.88 -8.04 -11.20
CA GLU C 227 41.86 -6.62 -11.51
C GLU C 227 42.22 -5.80 -10.27
N TRP C 228 41.65 -6.15 -9.12
CA TRP C 228 42.07 -5.55 -7.85
C TRP C 228 43.59 -5.68 -7.65
N PHE C 229 44.14 -6.86 -7.92
CA PHE C 229 45.57 -7.07 -7.72
C PHE C 229 46.39 -6.21 -8.66
N LEU C 230 46.07 -6.25 -9.95
CA LEU C 230 46.87 -5.51 -10.94
C LEU C 230 46.75 -4.00 -10.76
N GLN C 231 45.65 -3.53 -10.18
CA GLN C 231 45.50 -2.11 -9.91
C GLN C 231 46.54 -1.63 -8.90
N ALA C 232 46.97 -2.51 -8.00
CA ALA C 232 48.00 -2.19 -7.02
C ALA C 232 49.41 -2.46 -7.56
N ALA C 233 49.63 -3.63 -8.18
CA ALA C 233 50.97 -4.03 -8.56
C ALA C 233 51.37 -3.46 -9.92
N LYS C 234 50.43 -3.33 -10.85
CA LYS C 234 50.65 -2.70 -12.15
C LYS C 234 51.47 -3.58 -13.08
N ASP C 235 52.06 -4.64 -12.55
CA ASP C 235 53.04 -5.45 -13.27
C ASP C 235 52.45 -6.83 -13.54
N PRO C 236 52.09 -7.15 -14.79
CA PRO C 236 51.40 -8.43 -15.03
C PRO C 236 52.23 -9.66 -14.69
N SER C 237 53.55 -9.55 -14.70
CA SER C 237 54.37 -10.69 -14.29
C SER C 237 54.22 -10.99 -12.80
N ALA C 238 53.72 -10.04 -12.00
CA ALA C 238 53.54 -10.26 -10.58
C ALA C 238 52.41 -11.25 -10.31
N VAL C 239 51.55 -11.50 -11.29
CA VAL C 239 50.43 -12.42 -11.09
C VAL C 239 50.93 -13.83 -10.74
N ALA C 240 52.08 -14.22 -11.28
CA ALA C 240 52.61 -15.55 -11.02
C ALA C 240 53.11 -15.71 -9.59
N LYS C 241 53.24 -14.62 -8.84
CA LYS C 241 53.59 -14.70 -7.44
C LYS C 241 52.36 -14.74 -6.52
N HIS C 242 51.17 -14.52 -7.06
CA HIS C 242 49.99 -14.30 -6.23
C HIS C 242 48.75 -15.04 -6.67
N PHE C 243 48.80 -15.80 -7.76
CA PHE C 243 47.64 -16.55 -8.23
C PHE C 243 48.05 -17.95 -8.62
N VAL C 244 47.40 -18.96 -8.03
CA VAL C 244 47.52 -20.34 -8.47
C VAL C 244 46.12 -20.84 -8.81
N ALA C 245 46.06 -22.00 -9.48
CA ALA C 245 44.80 -22.60 -9.89
C ALA C 245 44.75 -24.07 -9.52
N LEU C 246 43.55 -24.53 -9.17
CA LEU C 246 43.27 -25.93 -8.92
C LEU C 246 42.15 -26.33 -9.87
N SER C 247 42.47 -27.16 -10.85
CA SER C 247 41.49 -27.49 -11.88
C SER C 247 41.91 -28.75 -12.62
N THR C 248 40.98 -29.25 -13.46
CA THR C 248 41.28 -30.31 -14.41
C THR C 248 41.57 -29.78 -15.81
N ASN C 249 41.38 -28.48 -16.04
CA ASN C 249 41.40 -27.89 -17.38
C ASN C 249 42.60 -26.97 -17.52
N THR C 250 43.73 -27.55 -17.96
CA THR C 250 44.93 -26.77 -18.18
C THR C 250 44.70 -25.66 -19.19
N THR C 251 43.94 -25.94 -20.25
CA THR C 251 43.67 -24.94 -21.27
C THR C 251 43.08 -23.68 -20.65
N LYS C 252 41.90 -23.80 -20.03
CA LYS C 252 41.23 -22.61 -19.51
C LYS C 252 42.08 -21.93 -18.45
N VAL C 253 42.84 -22.68 -17.67
CA VAL C 253 43.70 -22.06 -16.66
C VAL C 253 44.72 -21.16 -17.34
N LYS C 254 45.26 -21.58 -18.49
CA LYS C 254 46.21 -20.74 -19.20
C LYS C 254 45.53 -19.52 -19.79
N GLU C 255 44.42 -19.71 -20.51
CA GLU C 255 43.75 -18.54 -21.10
C GLU C 255 43.40 -17.51 -20.04
N PHE C 256 43.02 -17.96 -18.84
CA PHE C 256 42.68 -16.99 -17.80
C PHE C 256 43.91 -16.20 -17.36
N GLY C 257 45.11 -16.70 -17.62
CA GLY C 257 46.33 -15.97 -17.36
C GLY C 257 47.23 -16.52 -16.28
N ILE C 258 47.04 -17.76 -15.87
CA ILE C 258 47.81 -18.34 -14.78
C ILE C 258 48.95 -19.18 -15.34
N ASP C 259 50.13 -19.01 -14.75
CA ASP C 259 51.30 -19.76 -15.14
C ASP C 259 50.99 -21.26 -15.16
N PRO C 260 51.34 -21.98 -16.24
CA PRO C 260 51.21 -23.45 -16.20
C PRO C 260 51.89 -24.11 -15.01
N GLN C 261 53.02 -23.56 -14.54
CA GLN C 261 53.65 -24.11 -13.34
C GLN C 261 52.91 -23.77 -12.06
N ASN C 262 51.89 -22.92 -12.12
CA ASN C 262 51.10 -22.56 -10.95
C ASN C 262 49.77 -23.28 -10.93
N MET C 263 49.63 -24.36 -11.70
CA MET C 263 48.40 -25.14 -11.74
C MET C 263 48.61 -26.43 -10.96
N PHE C 264 47.65 -26.74 -10.09
CA PHE C 264 47.63 -28.01 -9.36
C PHE C 264 46.48 -28.82 -9.92
N GLU C 265 46.81 -29.90 -10.61
CA GLU C 265 45.83 -30.65 -11.39
C GLU C 265 45.10 -31.67 -10.53
N PHE C 266 43.86 -31.95 -10.91
CA PHE C 266 43.20 -33.20 -10.53
C PHE C 266 42.47 -33.69 -11.79
N TRP C 267 41.64 -34.70 -11.64
CA TRP C 267 41.17 -35.54 -12.73
C TRP C 267 39.67 -35.66 -12.69
N ASP C 268 39.09 -36.06 -13.82
CA ASP C 268 37.63 -36.06 -13.91
C ASP C 268 36.99 -37.13 -13.05
N TRP C 269 37.74 -38.14 -12.60
CA TRP C 269 37.14 -39.12 -11.69
C TRP C 269 37.13 -38.62 -10.25
N VAL C 270 37.45 -37.34 -10.03
CA VAL C 270 37.33 -36.72 -8.71
C VAL C 270 36.05 -35.88 -8.74
N GLY C 271 34.99 -36.39 -8.12
CA GLY C 271 33.76 -35.63 -8.02
C GLY C 271 33.97 -34.38 -7.18
N GLY C 272 33.34 -33.28 -7.59
CA GLY C 272 33.52 -32.03 -6.88
C GLY C 272 33.23 -32.15 -5.40
N ARG C 273 32.14 -32.82 -5.04
CA ARG C 273 31.76 -33.01 -3.65
C ARG C 273 32.59 -34.09 -2.96
N TYR C 274 33.59 -34.66 -3.66
CA TYR C 274 34.54 -35.60 -3.10
C TYR C 274 35.97 -35.14 -3.36
N SER C 275 36.19 -33.82 -3.49
CA SER C 275 37.43 -33.32 -4.05
C SER C 275 38.40 -32.76 -3.03
N LEU C 276 37.99 -32.56 -1.77
CA LEU C 276 38.91 -31.91 -0.83
C LEU C 276 40.19 -32.70 -0.63
N TRP C 277 40.20 -33.99 -0.98
CA TRP C 277 41.37 -34.83 -0.83
C TRP C 277 42.39 -34.63 -1.94
N SER C 278 42.03 -33.88 -2.98
CA SER C 278 42.85 -33.62 -4.15
C SER C 278 43.55 -32.27 -4.02
N ALA C 279 44.06 -31.74 -5.14
CA ALA C 279 44.63 -30.40 -5.13
C ALA C 279 43.67 -29.37 -4.57
N ILE C 280 42.36 -29.63 -4.65
CA ILE C 280 41.35 -28.74 -4.08
C ILE C 280 41.62 -28.47 -2.61
N GLY C 281 42.30 -29.39 -1.94
CA GLY C 281 42.68 -29.22 -0.56
C GLY C 281 43.88 -28.36 -0.29
N LEU C 282 44.41 -27.65 -1.30
CA LEU C 282 45.62 -26.88 -1.10
C LEU C 282 45.48 -25.88 0.04
N SER C 283 44.32 -25.21 0.12
CA SER C 283 44.11 -24.23 1.19
C SER C 283 44.16 -24.89 2.56
N ILE C 284 43.74 -26.15 2.66
CA ILE C 284 43.89 -26.88 3.93
C ILE C 284 45.37 -27.04 4.25
N ALA C 285 46.13 -27.60 3.30
CA ALA C 285 47.55 -27.85 3.52
C ALA C 285 48.32 -26.57 3.82
N LEU C 286 47.94 -25.47 3.18
CA LEU C 286 48.62 -24.21 3.46
C LEU C 286 48.32 -23.74 4.89
N HIS C 287 47.08 -23.95 5.37
CA HIS C 287 46.68 -23.42 6.67
C HIS C 287 47.26 -24.24 7.82
N VAL C 288 47.15 -25.56 7.75
CA VAL C 288 47.57 -26.43 8.85
C VAL C 288 48.84 -27.19 8.54
N GLY C 289 49.40 -27.02 7.35
CA GLY C 289 50.62 -27.72 7.00
C GLY C 289 50.34 -29.00 6.23
N PHE C 290 51.26 -29.35 5.33
CA PHE C 290 51.04 -30.55 4.51
C PHE C 290 51.11 -31.82 5.35
N ASP C 291 51.88 -31.81 6.44
CA ASP C 291 51.93 -32.98 7.31
C ASP C 291 50.55 -33.30 7.86
N ASN C 292 49.82 -32.27 8.31
CA ASN C 292 48.47 -32.49 8.83
C ASN C 292 47.51 -32.88 7.72
N PHE C 293 47.69 -32.32 6.52
CA PHE C 293 46.90 -32.74 5.37
C PHE C 293 47.11 -34.22 5.08
N GLU C 294 48.36 -34.69 5.12
CA GLU C 294 48.61 -36.11 4.92
C GLU C 294 47.93 -36.95 5.99
N GLN C 295 47.90 -36.46 7.23
CA GLN C 295 47.19 -37.17 8.29
C GLN C 295 45.70 -37.22 8.01
N LEU C 296 45.14 -36.13 7.50
CA LEU C 296 43.75 -36.13 7.03
C LEU C 296 43.54 -37.22 6.00
N LEU C 297 44.44 -37.30 5.01
CA LEU C 297 44.32 -38.33 3.98
C LEU C 297 44.43 -39.73 4.57
N SER C 298 45.37 -39.94 5.49
CA SER C 298 45.57 -41.28 6.06
C SER C 298 44.37 -41.76 6.86
N GLY C 299 43.64 -40.84 7.50
CA GLY C 299 42.44 -41.23 8.21
C GLY C 299 41.36 -41.70 7.27
N ALA C 300 41.12 -40.95 6.19
CA ALA C 300 40.20 -41.41 5.15
C ALA C 300 40.63 -42.77 4.61
N HIS C 301 41.95 -42.95 4.40
CA HIS C 301 42.45 -44.21 3.89
C HIS C 301 42.15 -45.37 4.84
N TRP C 302 42.35 -45.15 6.14
CA TRP C 302 41.98 -46.18 7.11
C TRP C 302 40.52 -46.56 6.98
N MET C 303 39.63 -45.56 6.83
CA MET C 303 38.21 -45.86 6.76
C MET C 303 37.84 -46.52 5.44
N ASP C 304 38.52 -46.15 4.35
CA ASP C 304 38.33 -46.84 3.09
C ASP C 304 38.60 -48.34 3.25
N GLN C 305 39.68 -48.69 3.94
CA GLN C 305 40.03 -50.10 4.13
C GLN C 305 39.07 -50.78 5.09
N HIS C 306 38.65 -50.07 6.14
CA HIS C 306 37.60 -50.61 7.00
C HIS C 306 36.39 -50.98 6.16
N PHE C 307 35.93 -50.03 5.34
CA PHE C 307 34.77 -50.25 4.47
C PHE C 307 35.01 -51.43 3.54
N ARG C 308 36.22 -51.56 3.01
CA ARG C 308 36.46 -52.61 2.02
C ARG C 308 36.62 -53.99 2.65
N THR C 309 37.18 -54.08 3.85
CA THR C 309 37.57 -55.38 4.42
C THR C 309 36.61 -55.90 5.47
N THR C 310 35.67 -55.09 5.95
CA THR C 310 34.88 -55.50 7.11
C THR C 310 33.60 -56.19 6.66
N PRO C 311 33.25 -57.35 7.24
CA PRO C 311 31.96 -57.96 6.93
C PRO C 311 30.81 -56.98 7.16
N LEU C 312 29.79 -57.07 6.31
CA LEU C 312 28.79 -56.01 6.25
C LEU C 312 28.17 -55.75 7.62
N GLU C 313 27.83 -56.80 8.36
CA GLU C 313 27.11 -56.64 9.61
C GLU C 313 27.92 -55.94 10.69
N LYS C 314 29.21 -55.72 10.48
CA LYS C 314 30.05 -54.98 11.42
C LYS C 314 30.70 -53.76 10.75
N ASN C 315 30.16 -53.34 9.62
CA ASN C 315 30.80 -52.37 8.74
C ASN C 315 30.14 -51.01 8.95
N ALA C 316 30.92 -50.05 9.49
CA ALA C 316 30.35 -48.81 9.99
C ALA C 316 29.54 -48.06 8.92
N PRO C 317 30.11 -47.69 7.79
CA PRO C 317 29.30 -46.94 6.80
C PRO C 317 28.14 -47.74 6.26
N VAL C 318 28.26 -49.06 6.18
CA VAL C 318 27.16 -49.88 5.69
C VAL C 318 26.00 -49.84 6.66
N LEU C 319 26.28 -49.94 7.96
CA LEU C 319 25.20 -49.94 8.95
C LEU C 319 24.51 -48.58 9.02
N LEU C 320 25.30 -47.51 8.99
CA LEU C 320 24.70 -46.17 8.92
C LEU C 320 23.79 -46.05 7.71
N ALA C 321 24.26 -46.53 6.56
CA ALA C 321 23.45 -46.48 5.34
C ALA C 321 22.16 -47.26 5.51
N LEU C 322 22.24 -48.46 6.08
CA LEU C 322 21.06 -49.31 6.14
C LEU C 322 20.01 -48.74 7.09
N LEU C 323 20.43 -48.21 8.23
CA LEU C 323 19.49 -47.57 9.12
C LEU C 323 18.80 -46.39 8.43
N GLY C 324 19.52 -45.72 7.52
CA GLY C 324 18.89 -44.67 6.75
C GLY C 324 17.85 -45.20 5.78
N ILE C 325 18.18 -46.29 5.07
CA ILE C 325 17.20 -46.96 4.21
C ILE C 325 15.94 -47.29 5.02
N TRP C 326 16.13 -47.85 6.22
CA TRP C 326 15.02 -48.20 7.10
C TRP C 326 14.09 -47.02 7.35
N TYR C 327 14.65 -45.88 7.75
CA TYR C 327 13.82 -44.73 8.10
C TYR C 327 13.27 -44.04 6.87
N ILE C 328 14.00 -44.08 5.75
CA ILE C 328 13.55 -43.38 4.55
C ILE C 328 12.48 -44.19 3.82
N ASN C 329 12.76 -45.48 3.58
CA ASN C 329 11.92 -46.27 2.69
C ASN C 329 10.84 -47.06 3.41
N CYS C 330 10.90 -47.20 4.74
CA CYS C 330 9.80 -47.77 5.50
C CYS C 330 9.09 -46.76 6.38
N PHE C 331 9.82 -45.96 7.15
CA PHE C 331 9.15 -44.99 8.02
C PHE C 331 8.75 -43.71 7.29
N GLY C 332 9.42 -43.39 6.19
CA GLY C 332 9.05 -42.25 5.38
C GLY C 332 9.67 -40.93 5.79
N CYS C 333 10.74 -40.94 6.58
CA CYS C 333 11.33 -39.70 7.08
C CYS C 333 12.03 -38.94 5.95
N GLU C 334 11.63 -37.67 5.76
CA GLU C 334 12.22 -36.87 4.70
C GLU C 334 13.64 -36.41 5.02
N THR C 335 13.96 -36.22 6.29
CA THR C 335 15.20 -35.55 6.64
C THR C 335 16.12 -36.43 7.50
N HIS C 336 17.34 -35.93 7.64
CA HIS C 336 18.39 -36.55 8.44
C HIS C 336 19.20 -35.43 9.07
N ALA C 337 19.14 -35.33 10.39
CA ALA C 337 19.84 -34.27 11.11
C ALA C 337 21.23 -34.73 11.53
N MET C 338 22.20 -33.85 11.36
CA MET C 338 23.58 -34.08 11.72
C MET C 338 23.95 -33.02 12.76
N LEU C 339 24.28 -33.47 13.96
CA LEU C 339 24.32 -32.63 15.15
C LEU C 339 25.65 -32.88 15.87
N PRO C 340 26.73 -32.28 15.38
CA PRO C 340 28.02 -32.42 16.08
C PRO C 340 28.06 -31.53 17.31
N TYR C 341 28.44 -32.11 18.44
CA TYR C 341 28.64 -31.35 19.67
C TYR C 341 30.09 -30.84 19.71
N ASP C 342 30.36 -29.92 18.78
CA ASP C 342 31.72 -29.46 18.51
C ASP C 342 31.66 -28.18 17.67
N GLN C 343 32.02 -27.05 18.27
CA GLN C 343 31.95 -25.78 17.55
C GLN C 343 32.87 -25.77 16.32
N TYR C 344 34.01 -26.45 16.39
CA TYR C 344 34.90 -26.48 15.23
C TYR C 344 34.22 -27.16 14.04
N LEU C 345 33.32 -28.12 14.30
CA LEU C 345 32.58 -28.80 13.25
C LEU C 345 31.34 -28.03 12.81
N HIS C 346 31.29 -26.70 12.97
CA HIS C 346 30.06 -25.99 12.69
C HIS C 346 29.65 -26.00 11.22
N ARG C 347 30.56 -26.37 10.30
CA ARG C 347 30.19 -26.44 8.88
C ARG C 347 30.15 -27.88 8.37
N PHE C 348 30.15 -28.86 9.28
CA PHE C 348 30.09 -30.28 8.91
C PHE C 348 28.75 -30.61 8.24
N ALA C 349 27.64 -30.18 8.84
CA ALA C 349 26.34 -30.47 8.25
C ALA C 349 26.17 -29.80 6.91
N ALA C 350 26.60 -28.55 6.78
CA ALA C 350 26.52 -27.88 5.49
C ALA C 350 27.32 -28.64 4.44
N TYR C 351 28.48 -29.17 4.83
CA TYR C 351 29.29 -29.93 3.88
C TYR C 351 28.53 -31.13 3.35
N PHE C 352 27.88 -31.90 4.23
CA PHE C 352 27.19 -33.09 3.78
C PHE C 352 25.82 -32.81 3.19
N GLN C 353 25.33 -31.58 3.28
CA GLN C 353 24.20 -31.21 2.45
C GLN C 353 24.52 -31.43 0.98
N GLN C 354 25.70 -30.98 0.55
CA GLN C 354 26.13 -31.30 -0.80
C GLN C 354 26.46 -32.79 -0.93
N GLY C 355 27.33 -33.28 -0.04
CA GLY C 355 27.83 -34.64 -0.20
C GLY C 355 26.71 -35.65 -0.31
N ASP C 356 25.72 -35.54 0.57
CA ASP C 356 24.58 -36.43 0.54
C ASP C 356 23.57 -36.02 -0.52
N MET C 357 23.09 -34.77 -0.49
CA MET C 357 21.92 -34.42 -1.29
C MET C 357 22.26 -34.32 -2.77
N GLU C 358 23.43 -33.77 -3.12
CA GLU C 358 23.78 -33.75 -4.53
C GLU C 358 24.09 -35.16 -5.04
N SER C 359 24.53 -36.05 -4.16
CA SER C 359 24.83 -37.41 -4.58
C SER C 359 23.55 -38.21 -4.83
N ASN C 360 22.63 -38.20 -3.86
CA ASN C 360 21.50 -39.14 -3.87
C ASN C 360 20.15 -38.46 -4.01
N GLY C 361 20.14 -37.15 -4.27
CA GLY C 361 18.90 -36.50 -4.67
C GLY C 361 18.64 -36.74 -6.14
N LYS C 362 18.22 -37.97 -6.45
CA LYS C 362 18.12 -38.45 -7.82
C LYS C 362 16.78 -39.17 -7.96
N TYR C 363 16.37 -39.42 -9.21
CA TYR C 363 15.12 -40.16 -9.42
C TYR C 363 15.13 -41.09 -10.63
N ILE C 364 16.24 -41.24 -11.35
CA ILE C 364 16.35 -42.15 -12.48
C ILE C 364 17.37 -43.22 -12.13
N THR C 365 16.99 -44.49 -12.31
CA THR C 365 17.86 -45.58 -11.92
C THR C 365 18.86 -45.93 -13.02
N LYS C 366 19.72 -46.92 -12.74
CA LYS C 366 20.71 -47.34 -13.71
C LYS C 366 20.06 -47.82 -15.01
N SER C 367 18.86 -48.37 -14.92
CA SER C 367 18.15 -48.87 -16.09
C SER C 367 17.39 -47.79 -16.85
N GLY C 368 17.48 -46.53 -16.43
CA GLY C 368 16.68 -45.50 -17.03
C GLY C 368 15.24 -45.42 -16.56
N THR C 369 14.87 -46.23 -15.58
CA THR C 369 13.52 -46.25 -15.05
C THR C 369 13.38 -45.22 -13.94
N ARG C 370 12.16 -44.70 -13.79
CA ARG C 370 11.87 -43.74 -12.73
C ARG C 370 11.58 -44.48 -11.43
N VAL C 371 12.29 -44.09 -10.36
CA VAL C 371 12.05 -44.74 -9.07
C VAL C 371 10.59 -44.58 -8.69
N ASP C 372 10.04 -45.60 -8.02
CA ASP C 372 8.75 -45.53 -7.37
C ASP C 372 8.90 -45.53 -5.85
N HIS C 373 10.03 -45.01 -5.37
CA HIS C 373 10.35 -45.00 -3.95
C HIS C 373 11.19 -43.76 -3.65
N GLN C 374 11.32 -43.46 -2.36
CA GLN C 374 12.12 -42.33 -1.92
C GLN C 374 13.61 -42.58 -2.18
N THR C 375 14.34 -41.48 -2.37
CA THR C 375 15.80 -41.54 -2.39
C THR C 375 16.37 -40.62 -1.31
N GLY C 376 17.47 -39.94 -1.60
CA GLY C 376 18.20 -39.20 -0.59
C GLY C 376 17.33 -38.30 0.26
N PRO C 377 17.70 -38.13 1.53
CA PRO C 377 16.95 -37.22 2.41
C PRO C 377 17.52 -35.80 2.39
N ILE C 378 16.76 -34.89 3.00
CA ILE C 378 17.22 -33.53 3.23
C ILE C 378 18.09 -33.54 4.48
N VAL C 379 19.36 -33.17 4.34
CA VAL C 379 20.29 -33.10 5.46
C VAL C 379 20.30 -31.69 6.03
N TRP C 380 20.33 -31.58 7.35
CA TRP C 380 20.35 -30.29 8.02
C TRP C 380 20.93 -30.49 9.41
N GLY C 381 21.20 -29.37 10.09
CA GLY C 381 21.73 -29.42 11.44
C GLY C 381 22.57 -28.22 11.79
N GLU C 382 22.79 -28.05 13.09
CA GLU C 382 23.62 -27.04 13.73
C GLU C 382 24.35 -27.75 14.86
N PRO C 383 25.53 -27.26 15.26
CA PRO C 383 26.25 -27.91 16.35
C PRO C 383 25.52 -27.78 17.68
N GLY C 384 25.62 -28.84 18.50
CA GLY C 384 25.22 -28.72 19.88
C GLY C 384 26.25 -27.99 20.70
N THR C 385 25.82 -27.33 21.79
CA THR C 385 24.44 -27.38 22.30
C THR C 385 23.51 -26.35 21.72
N ASN C 386 24.01 -25.52 20.79
CA ASN C 386 23.20 -24.42 20.28
C ASN C 386 21.84 -24.88 19.80
N GLY C 387 21.80 -25.97 19.04
CA GLY C 387 20.55 -26.43 18.47
C GLY C 387 19.50 -26.71 19.53
N GLN C 388 19.94 -27.04 20.75
CA GLN C 388 19.02 -27.33 21.84
C GLN C 388 18.14 -26.13 22.16
N HIS C 389 18.66 -24.93 21.93
CA HIS C 389 17.96 -23.69 22.18
C HIS C 389 17.39 -23.06 20.92
N ALA C 390 17.37 -23.80 19.81
CA ALA C 390 16.82 -23.32 18.56
C ALA C 390 15.67 -24.19 18.07
N PHE C 391 15.92 -25.46 17.74
CA PHE C 391 14.94 -26.27 17.07
C PHE C 391 14.70 -27.63 17.72
N TYR C 392 15.38 -27.95 18.82
CA TYR C 392 15.12 -29.25 19.46
C TYR C 392 13.68 -29.33 19.96
N GLN C 393 13.06 -28.18 20.26
CA GLN C 393 11.64 -28.19 20.65
C GLN C 393 10.82 -29.03 19.68
N LEU C 394 11.07 -28.85 18.39
CA LEU C 394 10.33 -29.59 17.38
C LEU C 394 10.75 -31.04 17.34
N ILE C 395 12.05 -31.31 17.52
CA ILE C 395 12.50 -32.69 17.53
C ILE C 395 11.83 -33.46 18.66
N HIS C 396 11.68 -32.82 19.82
CA HIS C 396 11.10 -33.49 20.99
C HIS C 396 9.58 -33.54 20.96
N GLN C 397 8.91 -32.46 20.55
CA GLN C 397 7.48 -32.33 20.76
C GLN C 397 6.73 -31.87 19.51
N GLY C 398 7.32 -31.99 18.34
CA GLY C 398 6.62 -31.70 17.09
C GLY C 398 5.92 -32.92 16.56
N THR C 399 5.63 -32.90 15.25
CA THR C 399 4.90 -33.97 14.59
C THR C 399 5.74 -34.67 13.54
N LYS C 400 7.06 -34.49 13.56
CA LYS C 400 7.96 -35.07 12.59
C LYS C 400 8.86 -36.11 13.23
N MET C 401 9.09 -37.20 12.50
CA MET C 401 10.10 -38.18 12.87
C MET C 401 11.40 -37.81 12.17
N ILE C 402 12.46 -37.62 12.95
CA ILE C 402 13.72 -37.06 12.45
C ILE C 402 14.88 -37.90 12.96
N PRO C 403 15.41 -38.82 12.16
CA PRO C 403 16.66 -39.49 12.55
C PRO C 403 17.78 -38.48 12.75
N CYS C 404 18.49 -38.60 13.87
CA CYS C 404 19.59 -37.70 14.19
C CYS C 404 20.88 -38.46 14.44
N ASP C 405 21.97 -37.93 13.90
CA ASP C 405 23.32 -38.34 14.24
C ASP C 405 23.92 -37.31 15.19
N PHE C 406 24.14 -37.72 16.44
CA PHE C 406 24.91 -36.94 17.42
C PHE C 406 26.38 -37.38 17.37
N LEU C 407 27.30 -36.41 17.19
CA LEU C 407 28.73 -36.70 17.13
C LEU C 407 29.48 -35.89 18.19
N ILE C 408 30.50 -36.48 18.80
CA ILE C 408 31.33 -35.73 19.75
C ILE C 408 32.70 -36.35 19.96
N PRO C 409 33.74 -35.53 20.15
CA PRO C 409 35.03 -36.07 20.60
C PRO C 409 35.10 -36.16 22.12
N VAL C 410 35.70 -37.25 22.61
CA VAL C 410 35.89 -37.41 24.04
C VAL C 410 36.79 -36.30 24.58
N GLN C 411 37.89 -36.02 23.89
CA GLN C 411 38.88 -35.04 24.31
C GLN C 411 38.73 -33.76 23.52
N THR C 412 38.75 -32.63 24.22
CA THR C 412 38.57 -31.34 23.61
C THR C 412 39.93 -30.73 23.28
N GLN C 413 39.95 -29.89 22.25
CA GLN C 413 41.14 -29.12 21.94
C GLN C 413 41.40 -28.00 22.93
N HIS C 414 40.41 -27.65 23.77
CA HIS C 414 40.52 -26.52 24.68
C HIS C 414 39.98 -26.89 26.04
N PRO C 415 40.75 -27.67 26.82
CA PRO C 415 40.30 -28.13 28.14
C PRO C 415 40.35 -27.05 29.21
N ILE C 416 39.70 -25.92 28.93
CA ILE C 416 39.70 -24.81 29.88
C ILE C 416 38.91 -25.18 31.13
N ARG C 417 39.19 -24.44 32.21
CA ARG C 417 38.50 -24.61 33.49
C ARG C 417 38.54 -26.06 33.94
N LYS C 418 39.71 -26.69 33.81
CA LYS C 418 39.94 -28.04 34.27
C LYS C 418 38.97 -29.03 33.62
N GLY C 419 38.56 -28.76 32.38
CA GLY C 419 37.63 -29.61 31.67
C GLY C 419 36.17 -29.35 31.92
N LEU C 420 35.82 -28.29 32.64
CA LEU C 420 34.43 -28.09 33.03
C LEU C 420 33.53 -27.90 31.82
N HIS C 421 33.92 -27.04 30.88
CA HIS C 421 33.08 -26.80 29.71
C HIS C 421 32.81 -28.11 28.96
N HIS C 422 33.87 -28.91 28.75
CA HIS C 422 33.68 -30.13 28.00
C HIS C 422 32.84 -31.14 28.79
N LYS C 423 32.95 -31.14 30.12
CA LYS C 423 32.11 -32.04 30.93
C LYS C 423 30.63 -31.72 30.71
N ILE C 424 30.28 -30.44 30.69
CA ILE C 424 28.89 -30.03 30.48
C ILE C 424 28.46 -30.35 29.06
N LEU C 425 29.36 -30.16 28.09
CA LEU C 425 29.02 -30.47 26.71
C LEU C 425 28.73 -31.96 26.55
N LEU C 426 29.56 -32.81 27.14
CA LEU C 426 29.32 -34.24 27.10
C LEU C 426 28.00 -34.61 27.79
N ALA C 427 27.77 -34.04 28.97
CA ALA C 427 26.51 -34.31 29.68
C ALA C 427 25.30 -34.00 28.82
N ASN C 428 25.35 -32.89 28.05
CA ASN C 428 24.22 -32.56 27.18
C ASN C 428 24.12 -33.53 26.02
N PHE C 429 25.26 -33.91 25.43
CA PHE C 429 25.29 -34.88 24.35
C PHE C 429 24.59 -36.17 24.77
N LEU C 430 24.89 -36.65 25.97
CA LEU C 430 24.30 -37.89 26.46
C LEU C 430 22.84 -37.69 26.82
N ALA C 431 22.52 -36.58 27.46
CA ALA C 431 21.16 -36.33 27.93
C ALA C 431 20.17 -36.25 26.80
N GLN C 432 20.57 -35.63 25.68
CA GLN C 432 19.59 -35.36 24.64
C GLN C 432 19.14 -36.64 23.94
N THR C 433 20.07 -37.55 23.70
CA THR C 433 19.69 -38.82 23.07
C THR C 433 18.90 -39.68 24.03
N GLU C 434 19.25 -39.62 25.33
CA GLU C 434 18.48 -40.33 26.35
C GLU C 434 17.07 -39.75 26.45
N ALA C 435 16.95 -38.42 26.40
CA ALA C 435 15.63 -37.78 26.45
C ALA C 435 14.78 -38.15 25.25
N LEU C 436 15.37 -38.12 24.06
CA LEU C 436 14.67 -38.43 22.83
C LEU C 436 14.16 -39.87 22.86
N MET C 437 14.95 -40.77 23.44
CA MET C 437 14.57 -42.16 23.57
C MET C 437 13.47 -42.37 24.60
N ARG C 438 13.67 -41.85 25.81
CA ARG C 438 12.81 -42.19 26.95
C ARG C 438 11.51 -41.39 26.97
N GLY C 439 11.58 -40.10 26.66
CA GLY C 439 10.40 -39.26 26.85
C GLY C 439 10.05 -39.11 28.32
N LYS C 440 8.79 -38.72 28.55
CA LYS C 440 8.30 -38.49 29.90
C LYS C 440 6.79 -38.67 29.87
N SER C 441 6.30 -39.65 30.62
CA SER C 441 4.89 -40.00 30.52
C SER C 441 4.01 -39.02 31.28
N THR C 442 2.71 -39.09 30.98
CA THR C 442 1.74 -38.34 31.76
C THR C 442 1.91 -38.59 33.25
N GLU C 443 2.10 -39.86 33.63
CA GLU C 443 2.24 -40.16 35.05
C GLU C 443 3.49 -39.52 35.63
N GLU C 444 4.62 -39.59 34.91
CA GLU C 444 5.84 -38.99 35.44
C GLU C 444 5.71 -37.47 35.49
N ALA C 445 5.10 -36.87 34.47
CA ALA C 445 4.94 -35.42 34.48
C ALA C 445 3.98 -34.98 35.59
N ARG C 446 2.94 -35.75 35.85
CA ARG C 446 2.04 -35.41 36.95
C ARG C 446 2.81 -35.38 38.27
N LYS C 447 3.64 -36.40 38.51
CA LYS C 447 4.37 -36.47 39.78
C LYS C 447 5.28 -35.27 39.97
N GLU C 448 5.99 -34.87 38.91
CA GLU C 448 6.81 -33.67 39.00
C GLU C 448 5.98 -32.45 39.39
N LEU C 449 4.86 -32.25 38.71
CA LEU C 449 4.06 -31.07 38.96
C LEU C 449 3.52 -31.05 40.39
N GLN C 450 3.07 -32.20 40.90
CA GLN C 450 2.60 -32.22 42.28
C GLN C 450 3.75 -31.99 43.25
N ALA C 451 4.91 -32.62 43.00
CA ALA C 451 6.07 -32.37 43.85
C ALA C 451 6.45 -30.90 43.81
N ALA C 452 6.16 -30.21 42.71
CA ALA C 452 6.51 -28.81 42.55
C ALA C 452 5.52 -27.87 43.23
N GLY C 453 4.47 -28.38 43.83
CA GLY C 453 3.53 -27.54 44.52
C GLY C 453 2.50 -26.86 43.65
N LYS C 454 2.20 -27.42 42.48
CA LYS C 454 1.22 -26.83 41.60
C LYS C 454 -0.19 -27.09 42.12
N SER C 455 -1.06 -26.10 41.96
CA SER C 455 -2.45 -26.26 42.32
C SER C 455 -3.07 -27.39 41.49
N PRO C 456 -4.19 -27.95 41.95
CA PRO C 456 -4.87 -28.95 41.11
C PRO C 456 -5.28 -28.39 39.75
N GLU C 457 -5.71 -27.13 39.67
CA GLU C 457 -6.10 -26.59 38.39
C GLU C 457 -4.91 -26.11 37.56
N ASP C 458 -3.85 -25.62 38.21
CA ASP C 458 -2.63 -25.32 37.45
C ASP C 458 -1.97 -26.59 36.94
N LEU C 459 -2.10 -27.69 37.69
CA LEU C 459 -1.53 -28.96 37.25
C LEU C 459 -2.22 -29.49 36.01
N GLU C 460 -3.55 -29.49 36.02
CA GLU C 460 -4.29 -30.14 34.93
C GLU C 460 -4.22 -29.34 33.65
N ARG C 461 -4.08 -28.02 33.74
CA ARG C 461 -3.90 -27.22 32.52
C ARG C 461 -2.52 -27.45 31.91
N LEU C 462 -1.50 -27.57 32.75
CA LEU C 462 -0.12 -27.68 32.28
C LEU C 462 0.26 -29.10 31.89
N LEU C 463 -0.31 -30.10 32.57
CA LEU C 463 0.11 -31.48 32.44
C LEU C 463 0.31 -31.95 31.01
N PRO C 464 -0.67 -31.84 30.13
CA PRO C 464 -0.50 -32.41 28.78
C PRO C 464 0.64 -31.77 28.00
N HIS C 465 0.92 -30.49 28.26
CA HIS C 465 2.03 -29.83 27.57
C HIS C 465 3.41 -30.31 28.03
N LYS C 466 3.49 -30.96 29.17
CA LYS C 466 4.76 -31.40 29.75
C LYS C 466 5.09 -32.85 29.42
N VAL C 467 4.29 -33.51 28.59
CA VAL C 467 4.51 -34.90 28.24
C VAL C 467 5.41 -35.00 27.02
N PHE C 468 6.41 -35.87 27.08
CA PHE C 468 7.28 -36.17 25.96
C PHE C 468 6.97 -37.58 25.50
N GLU C 469 6.53 -37.74 24.27
CA GLU C 469 6.21 -39.09 23.80
C GLU C 469 7.46 -39.92 23.52
N GLY C 470 8.61 -39.29 23.30
CA GLY C 470 9.81 -40.07 23.17
C GLY C 470 9.80 -41.00 21.99
N ASN C 471 10.55 -42.08 22.11
CA ASN C 471 10.69 -43.08 21.04
C ASN C 471 11.28 -42.46 19.77
N ARG C 472 12.16 -41.49 19.94
CA ARG C 472 12.77 -40.79 18.81
C ARG C 472 14.19 -41.27 18.62
N PRO C 473 14.52 -41.91 17.50
CA PRO C 473 15.81 -42.61 17.41
C PRO C 473 16.98 -41.73 17.05
N THR C 474 18.15 -42.16 17.53
CA THR C 474 19.39 -41.44 17.27
C THR C 474 20.55 -42.41 17.11
N ASN C 475 21.57 -41.95 16.43
CA ASN C 475 22.91 -42.52 16.43
C ASN C 475 23.80 -41.63 17.28
N SER C 476 24.68 -42.23 18.08
CA SER C 476 25.70 -41.49 18.81
C SER C 476 27.06 -41.97 18.32
N ILE C 477 27.84 -41.06 17.78
CA ILE C 477 29.15 -41.37 17.23
C ILE C 477 30.15 -40.61 18.08
N VAL C 478 30.98 -41.34 18.83
CA VAL C 478 31.91 -40.80 19.79
C VAL C 478 33.32 -41.23 19.38
N PHE C 479 34.26 -40.29 19.37
CA PHE C 479 35.62 -40.57 18.92
C PHE C 479 36.61 -39.91 19.87
N THR C 480 37.81 -40.50 19.96
CA THR C 480 38.74 -40.06 21.00
C THR C 480 39.00 -38.56 20.92
N LYS C 481 39.33 -38.05 19.73
CA LYS C 481 39.72 -36.65 19.60
C LYS C 481 39.61 -36.24 18.14
N LEU C 482 39.20 -35.00 17.90
CA LEU C 482 39.03 -34.51 16.54
C LEU C 482 40.38 -33.99 16.02
N THR C 483 41.19 -34.94 15.58
CA THR C 483 42.49 -34.70 14.96
C THR C 483 42.35 -34.73 13.45
N PRO C 484 43.38 -34.30 12.71
CA PRO C 484 43.29 -34.42 11.25
C PRO C 484 42.96 -35.84 10.81
N PHE C 485 43.62 -36.85 11.41
CA PHE C 485 43.34 -38.23 11.04
C PHE C 485 41.89 -38.58 11.32
N MET C 486 41.42 -38.29 12.54
CA MET C 486 40.05 -38.64 12.90
C MET C 486 39.04 -37.95 11.99
N LEU C 487 39.25 -36.67 11.68
CA LEU C 487 38.31 -35.99 10.79
C LEU C 487 38.29 -36.66 9.42
N GLY C 488 39.44 -37.12 8.93
CA GLY C 488 39.47 -37.78 7.65
C GLY C 488 38.71 -39.09 7.66
N ALA C 489 38.83 -39.85 8.76
CA ALA C 489 38.07 -41.08 8.88
C ALA C 489 36.57 -40.81 8.95
N LEU C 490 36.17 -39.72 9.62
CA LEU C 490 34.74 -39.50 9.81
C LEU C 490 34.09 -39.02 8.52
N VAL C 491 34.77 -38.15 7.77
CA VAL C 491 34.24 -37.72 6.48
C VAL C 491 34.15 -38.89 5.53
N ALA C 492 35.22 -39.70 5.46
CA ALA C 492 35.18 -40.85 4.56
C ALA C 492 34.09 -41.83 4.94
N MET C 493 33.78 -41.94 6.23
CA MET C 493 32.74 -42.89 6.63
C MET C 493 31.38 -42.45 6.08
N TYR C 494 31.09 -41.15 6.12
CA TYR C 494 29.83 -40.68 5.54
C TYR C 494 29.85 -40.74 4.02
N GLU C 495 31.00 -40.52 3.39
CA GLU C 495 31.09 -40.71 1.95
C GLU C 495 30.64 -42.12 1.57
N HIS C 496 31.13 -43.15 2.29
CA HIS C 496 30.75 -44.51 1.96
C HIS C 496 29.33 -44.84 2.40
N LYS C 497 28.85 -44.24 3.50
CA LYS C 497 27.42 -44.31 3.79
C LYS C 497 26.61 -43.90 2.57
N ILE C 498 26.93 -42.72 2.00
CA ILE C 498 26.19 -42.21 0.86
C ILE C 498 26.29 -43.18 -0.31
N PHE C 499 27.50 -43.70 -0.55
CA PHE C 499 27.72 -44.68 -1.60
C PHE C 499 26.79 -45.88 -1.44
N VAL C 500 26.78 -46.47 -0.24
CA VAL C 500 25.99 -47.67 -0.02
C VAL C 500 24.52 -47.40 -0.31
N GLN C 501 24.02 -46.22 0.08
CA GLN C 501 22.61 -45.93 -0.13
C GLN C 501 22.29 -45.76 -1.61
N GLY C 502 23.20 -45.13 -2.36
CA GLY C 502 23.00 -45.02 -3.80
C GLY C 502 22.88 -46.38 -4.47
N ILE C 503 23.79 -47.30 -4.14
CA ILE C 503 23.75 -48.63 -4.75
C ILE C 503 22.41 -49.28 -4.46
N ILE C 504 21.92 -49.18 -3.22
CA ILE C 504 20.69 -49.85 -2.85
C ILE C 504 19.48 -49.25 -3.56
N TRP C 505 19.49 -47.93 -3.81
CA TRP C 505 18.41 -47.30 -4.55
C TRP C 505 18.55 -47.47 -6.06
N ASP C 506 19.74 -47.87 -6.54
CA ASP C 506 19.99 -48.09 -7.96
C ASP C 506 20.06 -46.77 -8.72
N ILE C 507 20.68 -45.75 -8.10
CA ILE C 507 20.86 -44.46 -8.72
C ILE C 507 22.37 -44.19 -8.83
N ASN C 508 22.71 -43.12 -9.55
CA ASN C 508 24.10 -42.72 -9.73
C ASN C 508 24.42 -41.64 -8.70
N SER C 509 25.20 -42.00 -7.69
CA SER C 509 25.56 -41.07 -6.62
C SER C 509 26.58 -40.03 -7.05
N PHE C 510 27.09 -40.09 -8.29
CA PHE C 510 28.29 -39.39 -8.66
C PHE C 510 28.15 -38.46 -9.85
N ASP C 511 26.98 -38.35 -10.45
CA ASP C 511 26.69 -37.32 -11.42
C ASP C 511 25.84 -36.22 -10.78
N GLN C 512 25.57 -35.16 -11.55
CA GLN C 512 24.71 -34.09 -11.04
C GLN C 512 24.08 -33.36 -12.23
N TRP C 513 23.18 -34.06 -12.94
CA TRP C 513 22.53 -33.47 -14.11
C TRP C 513 21.49 -32.43 -13.73
N GLY C 514 21.01 -32.46 -12.48
CA GLY C 514 19.96 -31.58 -12.05
C GLY C 514 20.35 -30.13 -11.90
N VAL C 515 21.61 -29.77 -12.14
CA VAL C 515 22.03 -28.37 -12.03
C VAL C 515 22.11 -27.68 -13.38
N GLU C 516 21.92 -28.39 -14.50
CA GLU C 516 22.15 -27.79 -15.80
C GLU C 516 21.06 -26.77 -16.13
N LEU C 517 19.81 -27.05 -15.78
CA LEU C 517 18.70 -26.22 -16.24
C LEU C 517 18.82 -24.79 -15.72
N GLY C 518 19.03 -24.63 -14.41
CA GLY C 518 19.18 -23.29 -13.86
C GLY C 518 20.32 -22.53 -14.49
N LYS C 519 21.40 -23.22 -14.83
CA LYS C 519 22.52 -22.59 -15.52
C LYS C 519 22.11 -22.11 -16.90
N GLN C 520 21.36 -22.95 -17.63
CA GLN C 520 20.87 -22.55 -18.95
C GLN C 520 19.99 -21.31 -18.85
N LEU C 521 18.95 -21.39 -18.02
CA LEU C 521 17.98 -20.29 -17.94
C LEU C 521 18.63 -19.00 -17.45
N ALA C 522 19.67 -19.10 -16.62
CA ALA C 522 20.30 -17.88 -16.14
C ALA C 522 21.15 -17.22 -17.23
N LYS C 523 21.70 -18.01 -18.14
CA LYS C 523 22.39 -17.44 -19.29
C LYS C 523 21.44 -16.63 -20.16
N LYS C 524 20.18 -17.05 -20.25
CA LYS C 524 19.21 -16.31 -21.05
C LYS C 524 18.77 -15.02 -20.39
N ILE C 525 18.66 -15.00 -19.06
CA ILE C 525 18.12 -13.83 -18.39
C ILE C 525 19.16 -12.74 -18.24
N GLU C 526 20.43 -13.13 -18.12
CA GLU C 526 21.52 -12.18 -17.93
C GLU C 526 21.38 -10.97 -18.85
N PRO C 527 21.42 -11.17 -20.16
CA PRO C 527 21.38 -9.99 -21.07
C PRO C 527 20.10 -9.20 -20.94
N GLU C 528 19.00 -9.85 -20.55
CA GLU C 528 17.71 -9.17 -20.48
C GLU C 528 17.64 -8.19 -19.31
N LEU C 529 18.55 -8.28 -18.35
CA LEU C 529 18.51 -7.40 -17.19
C LEU C 529 19.11 -6.04 -17.47
N ASP C 530 19.98 -5.92 -18.46
CA ASP C 530 20.54 -4.62 -18.81
C ASP C 530 19.46 -3.72 -19.41
N GLY C 531 19.49 -2.46 -19.02
CA GLY C 531 18.57 -1.48 -19.55
C GLY C 531 17.23 -1.51 -18.86
N SER C 532 16.35 -0.62 -19.31
CA SER C 532 15.07 -0.37 -18.66
C SER C 532 13.87 -0.85 -19.45
N ALA C 533 14.10 -1.58 -20.54
CA ALA C 533 12.99 -2.08 -21.34
C ALA C 533 12.25 -3.21 -20.62
N GLN C 534 10.93 -3.20 -20.75
CA GLN C 534 10.11 -4.28 -20.20
C GLN C 534 10.47 -5.60 -20.86
N VAL C 535 10.51 -6.66 -20.07
CA VAL C 535 10.74 -8.01 -20.56
C VAL C 535 9.42 -8.76 -20.59
N THR C 536 9.16 -9.47 -21.69
CA THR C 536 7.94 -10.26 -21.82
C THR C 536 8.19 -11.62 -22.46
N SER C 537 9.43 -12.11 -22.46
CA SER C 537 9.76 -13.34 -23.16
C SER C 537 9.53 -14.60 -22.33
N HIS C 538 9.24 -14.47 -21.04
CA HIS C 538 9.10 -15.62 -20.15
C HIS C 538 7.67 -15.77 -19.67
N ASP C 539 7.46 -16.68 -18.72
CA ASP C 539 6.21 -16.75 -17.99
C ASP C 539 5.93 -15.43 -17.28
N ALA C 540 4.67 -15.23 -16.91
CA ALA C 540 4.25 -13.97 -16.33
C ALA C 540 5.03 -13.64 -15.06
N SER C 541 5.38 -14.66 -14.27
CA SER C 541 6.05 -14.39 -12.99
C SER C 541 7.49 -13.95 -13.21
N THR C 542 8.24 -14.70 -14.04
CA THR C 542 9.58 -14.28 -14.38
C THR C 542 9.57 -12.88 -14.99
N ASN C 543 8.60 -12.61 -15.86
CA ASN C 543 8.51 -11.27 -16.45
C ASN C 543 8.25 -10.23 -15.38
N GLY C 544 7.25 -10.46 -14.53
CA GLY C 544 6.90 -9.48 -13.52
C GLY C 544 8.02 -9.25 -12.51
N LEU C 545 8.79 -10.30 -12.20
CA LEU C 545 9.91 -10.12 -11.30
C LEU C 545 11.00 -9.28 -11.95
N ILE C 546 11.34 -9.56 -13.21
CA ILE C 546 12.34 -8.76 -13.92
C ILE C 546 11.91 -7.30 -13.97
N ASN C 547 10.65 -7.05 -14.28
CA ASN C 547 10.21 -5.66 -14.47
C ASN C 547 10.16 -4.92 -13.14
N PHE C 548 9.87 -5.62 -12.03
CA PHE C 548 9.96 -4.99 -10.72
C PHE C 548 11.40 -4.64 -10.39
N ILE C 549 12.34 -5.53 -10.75
CA ILE C 549 13.76 -5.24 -10.55
C ILE C 549 14.15 -3.99 -11.32
N LYS C 550 13.68 -3.87 -12.55
CA LYS C 550 14.07 -2.72 -13.38
C LYS C 550 13.48 -1.44 -12.84
N GLN C 551 12.24 -1.49 -12.36
CA GLN C 551 11.62 -0.31 -11.75
C GLN C 551 12.40 0.11 -10.52
N GLN C 552 12.73 -0.84 -9.64
CA GLN C 552 13.31 -0.49 -8.35
C GLN C 552 14.80 -0.23 -8.42
N ARG C 553 15.44 -0.60 -9.53
CA ARG C 553 16.84 -0.27 -9.72
C ARG C 553 17.06 1.24 -9.66
N GLU C 554 16.07 2.01 -10.10
CA GLU C 554 16.18 3.47 -10.11
C GLU C 554 15.80 4.09 -8.77
N ALA C 555 15.04 3.39 -7.93
CA ALA C 555 14.46 4.00 -6.75
C ALA C 555 15.54 4.47 -5.79
N ARG C 556 15.36 5.69 -5.27
CA ARG C 556 16.22 6.24 -4.24
C ARG C 556 15.53 6.06 -2.88
N VAL C 557 16.14 5.27 -2.01
CA VAL C 557 15.56 5.00 -0.70
C VAL C 557 15.97 6.10 0.28
N ALA D 2 -29.39 18.48 -39.42
CA ALA D 2 -30.46 18.98 -38.52
C ALA D 2 -31.07 20.25 -39.07
N ALA D 3 -32.23 20.64 -38.54
CA ALA D 3 -32.92 21.84 -39.00
C ALA D 3 -31.98 23.05 -38.99
N LEU D 4 -31.39 23.33 -37.83
CA LEU D 4 -30.63 24.57 -37.66
C LEU D 4 -29.50 24.67 -38.68
N THR D 5 -28.76 23.58 -38.87
CA THR D 5 -27.61 23.62 -39.77
C THR D 5 -28.02 23.89 -41.21
N ARG D 6 -29.21 23.48 -41.60
CA ARG D 6 -29.70 23.72 -42.94
C ARG D 6 -30.36 25.09 -43.10
N ASP D 7 -30.44 25.88 -42.03
CA ASP D 7 -31.19 27.13 -42.09
C ASP D 7 -30.35 28.22 -42.76
N PRO D 8 -30.91 28.94 -43.74
CA PRO D 8 -30.08 29.93 -44.44
C PRO D 8 -29.59 31.07 -43.55
N GLN D 9 -30.36 31.47 -42.54
CA GLN D 9 -29.91 32.57 -41.69
C GLN D 9 -28.82 32.12 -40.73
N PHE D 10 -28.87 30.86 -40.29
CA PHE D 10 -27.76 30.33 -39.50
C PHE D 10 -26.49 30.28 -40.33
N GLN D 11 -26.59 29.83 -41.59
CA GLN D 11 -25.40 29.79 -42.44
C GLN D 11 -24.84 31.19 -42.67
N LYS D 12 -25.71 32.17 -42.88
CA LYS D 12 -25.26 33.56 -42.96
C LYS D 12 -24.53 33.97 -41.69
N LEU D 13 -25.05 33.58 -40.53
CA LEU D 13 -24.38 33.87 -39.27
C LEU D 13 -22.99 33.25 -39.21
N GLN D 14 -22.90 31.95 -39.50
CA GLN D 14 -21.62 31.26 -39.42
C GLN D 14 -20.61 31.86 -40.38
N GLN D 15 -21.06 32.23 -41.58
CA GLN D 15 -20.15 32.83 -42.56
C GLN D 15 -19.65 34.19 -42.08
N TRP D 16 -20.53 35.02 -41.52
CA TRP D 16 -20.09 36.31 -41.00
C TRP D 16 -19.08 36.11 -39.88
N TYR D 17 -19.33 35.14 -39.01
CA TYR D 17 -18.40 34.87 -37.91
C TYR D 17 -17.03 34.51 -38.45
N ARG D 18 -16.97 33.63 -39.44
CA ARG D 18 -15.68 33.20 -39.97
C ARG D 18 -14.93 34.35 -40.62
N GLU D 19 -15.64 35.31 -41.20
CA GLU D 19 -14.97 36.41 -41.89
C GLU D 19 -14.58 37.55 -40.98
N HIS D 20 -15.41 37.86 -39.97
CA HIS D 20 -15.23 39.06 -39.16
C HIS D 20 -14.88 38.78 -37.70
N ARG D 21 -14.62 37.51 -37.37
CA ARG D 21 -14.36 37.15 -35.98
C ARG D 21 -13.31 38.06 -35.35
N SER D 22 -12.12 38.12 -35.94
CA SER D 22 -11.02 38.89 -35.37
C SER D 22 -11.27 40.40 -35.39
N GLU D 23 -12.42 40.85 -35.90
CA GLU D 23 -12.80 42.25 -35.84
C GLU D 23 -13.57 42.61 -34.57
N LEU D 24 -13.95 41.61 -33.77
CA LEU D 24 -14.78 41.86 -32.59
C LEU D 24 -13.86 42.02 -31.38
N ASN D 25 -13.52 43.27 -31.08
CA ASN D 25 -12.77 43.63 -29.88
C ASN D 25 -13.57 44.69 -29.13
N LEU D 26 -13.88 44.40 -27.86
CA LEU D 26 -14.80 45.25 -27.12
C LEU D 26 -14.22 46.64 -26.87
N ARG D 27 -12.94 46.73 -26.56
CA ARG D 27 -12.31 48.04 -26.37
C ARG D 27 -12.55 48.93 -27.58
N ARG D 28 -12.22 48.44 -28.77
CA ARG D 28 -12.40 49.24 -29.98
C ARG D 28 -13.87 49.47 -30.29
N LEU D 29 -14.75 48.51 -29.96
CA LEU D 29 -16.18 48.73 -30.20
C LEU D 29 -16.70 49.89 -29.37
N PHE D 30 -16.26 49.98 -28.11
CA PHE D 30 -16.75 51.04 -27.24
C PHE D 30 -16.06 52.37 -27.54
N ASP D 31 -14.76 52.33 -27.83
CA ASP D 31 -14.06 53.56 -28.18
C ASP D 31 -14.65 54.20 -29.42
N ALA D 32 -15.21 53.39 -30.32
CA ALA D 32 -15.71 53.87 -31.60
C ALA D 32 -17.19 54.27 -31.59
N ASN D 33 -17.96 53.87 -30.59
CA ASN D 33 -19.40 54.13 -30.58
C ASN D 33 -19.80 54.48 -29.14
N LYS D 34 -19.79 55.77 -28.82
CA LYS D 34 -20.14 56.20 -27.47
C LYS D 34 -21.62 55.99 -27.16
N ASP D 35 -22.42 55.58 -28.15
CA ASP D 35 -23.81 55.21 -27.94
C ASP D 35 -24.02 53.70 -27.81
N ARG D 36 -22.94 52.95 -27.55
CA ARG D 36 -23.05 51.49 -27.57
C ARG D 36 -23.96 51.00 -26.45
N PHE D 37 -23.88 51.61 -25.28
CA PHE D 37 -24.77 51.21 -24.20
C PHE D 37 -26.23 51.41 -24.57
N ASN D 38 -26.58 52.60 -25.10
CA ASN D 38 -27.97 52.86 -25.42
C ASN D 38 -28.51 51.87 -26.45
N HIS D 39 -27.68 51.48 -27.40
CA HIS D 39 -28.15 50.63 -28.49
C HIS D 39 -28.14 49.15 -28.17
N PHE D 40 -27.38 48.74 -27.16
CA PHE D 40 -27.23 47.33 -26.81
C PHE D 40 -27.64 47.05 -25.38
N SER D 41 -28.75 47.65 -24.94
CA SER D 41 -29.32 47.37 -23.63
C SER D 41 -30.84 47.55 -23.71
N LEU D 42 -31.54 46.95 -22.76
CA LEU D 42 -32.96 47.17 -22.60
C LEU D 42 -33.24 47.58 -21.16
N THR D 43 -34.07 48.61 -20.98
CA THR D 43 -34.57 48.99 -19.66
C THR D 43 -36.05 48.67 -19.61
N LEU D 44 -36.42 47.77 -18.71
CA LEU D 44 -37.80 47.33 -18.55
C LEU D 44 -38.34 47.94 -17.27
N ASN D 45 -39.56 48.51 -17.35
CA ASN D 45 -40.28 48.94 -16.16
C ASN D 45 -41.45 47.98 -15.96
N THR D 46 -41.34 47.13 -14.94
CA THR D 46 -42.42 46.21 -14.62
C THR D 46 -43.53 46.87 -13.83
N ASN D 47 -43.36 48.12 -13.42
CA ASN D 47 -44.21 48.85 -12.49
C ASN D 47 -44.03 48.35 -11.06
N HIS D 48 -43.23 47.32 -10.84
CA HIS D 48 -42.83 46.87 -9.52
C HIS D 48 -41.31 46.77 -9.43
N GLY D 49 -40.61 47.65 -10.14
CA GLY D 49 -39.16 47.61 -10.21
C GLY D 49 -38.73 47.63 -11.66
N HIS D 50 -37.57 48.23 -11.91
CA HIS D 50 -36.99 48.25 -13.25
C HIS D 50 -36.01 47.09 -13.39
N ILE D 51 -35.82 46.64 -14.63
CA ILE D 51 -34.80 45.67 -14.98
C ILE D 51 -33.99 46.26 -16.13
N LEU D 52 -32.70 46.45 -15.91
CA LEU D 52 -31.75 46.80 -16.95
C LEU D 52 -31.04 45.53 -17.40
N VAL D 53 -31.24 45.13 -18.65
CA VAL D 53 -30.46 44.06 -19.27
C VAL D 53 -29.44 44.72 -20.19
N ASP D 54 -28.21 44.86 -19.71
CA ASP D 54 -27.13 45.50 -20.46
C ASP D 54 -26.32 44.41 -21.14
N TYR D 55 -26.55 44.22 -22.45
CA TYR D 55 -25.83 43.22 -23.22
C TYR D 55 -24.80 43.87 -24.13
N SER D 56 -24.35 45.07 -23.79
CA SER D 56 -23.44 45.81 -24.66
C SER D 56 -21.99 45.35 -24.56
N LYS D 57 -21.59 44.71 -23.46
CA LYS D 57 -20.25 44.13 -23.36
C LYS D 57 -20.19 42.74 -23.99
N ASN D 58 -20.94 42.53 -25.06
CA ASN D 58 -20.91 41.29 -25.83
C ASN D 58 -20.22 41.51 -27.16
N LEU D 59 -19.70 40.42 -27.72
CA LEU D 59 -18.92 40.46 -28.95
C LEU D 59 -19.88 40.46 -30.14
N VAL D 60 -20.63 41.55 -30.26
CA VAL D 60 -21.67 41.69 -31.27
C VAL D 60 -21.67 43.11 -31.83
N THR D 61 -22.19 43.22 -33.06
CA THR D 61 -22.44 44.48 -33.72
C THR D 61 -23.91 44.55 -34.09
N GLU D 62 -24.35 45.70 -34.58
CA GLU D 62 -25.75 45.82 -34.99
C GLU D 62 -26.06 44.79 -36.08
N ASP D 63 -25.09 44.51 -36.96
CA ASP D 63 -25.35 43.50 -37.99
C ASP D 63 -25.54 42.12 -37.37
N VAL D 64 -24.74 41.81 -36.34
CA VAL D 64 -24.85 40.50 -35.71
C VAL D 64 -26.21 40.33 -35.04
N MET D 65 -26.66 41.35 -34.30
CA MET D 65 -27.98 41.27 -33.68
C MET D 65 -29.08 41.16 -34.75
N ARG D 66 -28.95 41.89 -35.86
CA ARG D 66 -29.94 41.76 -36.93
C ARG D 66 -29.99 40.32 -37.43
N MET D 67 -28.83 39.72 -37.66
CA MET D 67 -28.80 38.35 -38.18
C MET D 67 -29.38 37.38 -37.17
N LEU D 68 -29.14 37.61 -35.89
CA LEU D 68 -29.68 36.71 -34.86
C LEU D 68 -31.19 36.80 -34.78
N VAL D 69 -31.74 38.01 -34.81
CA VAL D 69 -33.19 38.15 -34.82
C VAL D 69 -33.78 37.51 -36.06
N ASP D 70 -33.09 37.64 -37.21
CA ASP D 70 -33.56 36.96 -38.40
C ASP D 70 -33.57 35.44 -38.23
N LEU D 71 -32.60 34.92 -37.45
CA LEU D 71 -32.58 33.49 -37.18
C LEU D 71 -33.79 33.07 -36.35
N ALA D 72 -34.13 33.86 -35.33
CA ALA D 72 -35.31 33.57 -34.53
C ALA D 72 -36.56 33.53 -35.41
N LYS D 73 -36.68 34.46 -36.35
CA LYS D 73 -37.84 34.47 -37.24
C LYS D 73 -37.82 33.25 -38.16
N SER D 74 -36.66 32.94 -38.74
CA SER D 74 -36.56 31.81 -39.66
C SER D 74 -36.86 30.50 -38.95
N ARG D 75 -36.50 30.39 -37.67
CA ARG D 75 -36.75 29.18 -36.89
C ARG D 75 -38.13 29.16 -36.24
N GLY D 76 -38.95 30.18 -36.48
CA GLY D 76 -40.33 30.17 -36.05
C GLY D 76 -40.54 30.32 -34.55
N VAL D 77 -39.75 31.19 -33.91
CA VAL D 77 -39.85 31.33 -32.45
C VAL D 77 -41.21 31.87 -32.03
N GLU D 78 -41.72 32.88 -32.74
CA GLU D 78 -42.98 33.48 -32.32
C GLU D 78 -44.13 32.49 -32.45
N ALA D 79 -44.17 31.71 -33.52
CA ALA D 79 -45.24 30.72 -33.69
C ALA D 79 -45.14 29.62 -32.63
N ALA D 80 -43.93 29.20 -32.28
CA ALA D 80 -43.78 28.19 -31.23
C ALA D 80 -44.23 28.73 -29.88
N ARG D 81 -43.92 30.00 -29.62
CA ARG D 81 -44.36 30.65 -28.39
C ARG D 81 -45.88 30.62 -28.28
N GLU D 82 -46.57 31.02 -29.35
CA GLU D 82 -48.03 31.00 -29.33
C GLU D 82 -48.55 29.59 -29.08
N ARG D 83 -47.88 28.58 -29.66
CA ARG D 83 -48.30 27.20 -29.42
C ARG D 83 -48.23 26.88 -27.92
N MET D 84 -47.16 27.31 -27.25
CA MET D 84 -47.04 27.04 -25.82
C MET D 84 -48.19 27.71 -25.06
N PHE D 85 -48.34 29.02 -25.25
CA PHE D 85 -49.32 29.79 -24.49
C PHE D 85 -50.75 29.36 -24.79
N ASN D 86 -51.00 28.81 -25.97
CA ASN D 86 -52.35 28.39 -26.35
C ASN D 86 -52.64 26.96 -25.96
N GLY D 87 -51.71 26.27 -25.31
CA GLY D 87 -51.99 24.95 -24.77
C GLY D 87 -51.83 23.82 -25.74
N GLU D 88 -51.11 24.02 -26.83
CA GLU D 88 -50.85 22.94 -27.77
C GLU D 88 -49.77 22.02 -27.21
N LYS D 89 -49.74 20.79 -27.72
CA LYS D 89 -48.94 19.71 -27.13
C LYS D 89 -47.52 19.76 -27.71
N ILE D 90 -46.80 20.81 -27.31
CA ILE D 90 -45.49 21.06 -27.89
C ILE D 90 -44.41 20.16 -27.28
N ASN D 91 -44.68 19.55 -26.13
CA ASN D 91 -43.83 18.49 -25.61
C ASN D 91 -44.16 17.23 -26.41
N TYR D 92 -43.59 17.16 -27.62
CA TYR D 92 -44.08 16.21 -28.61
C TYR D 92 -43.64 14.77 -28.33
N THR D 93 -42.53 14.55 -27.62
CA THR D 93 -42.16 13.17 -27.33
C THR D 93 -43.15 12.52 -26.36
N GLU D 94 -43.67 13.30 -25.42
CA GLU D 94 -44.61 12.77 -24.43
C GLU D 94 -46.06 13.10 -24.73
N GLY D 95 -46.32 13.90 -25.77
CA GLY D 95 -47.69 14.22 -26.15
C GLY D 95 -48.41 15.07 -25.13
N ARG D 96 -47.75 16.09 -24.59
CA ARG D 96 -48.29 16.87 -23.49
C ARG D 96 -48.17 18.35 -23.80
N ALA D 97 -49.07 19.13 -23.23
CA ALA D 97 -48.92 20.57 -23.25
C ALA D 97 -47.77 20.98 -22.32
N VAL D 98 -47.43 22.26 -22.38
CA VAL D 98 -46.36 22.85 -21.57
C VAL D 98 -46.92 24.16 -21.06
N LEU D 99 -47.40 24.17 -19.82
CA LEU D 99 -48.27 25.25 -19.38
C LEU D 99 -47.89 25.75 -17.98
N HIS D 100 -46.59 25.82 -17.66
CA HIS D 100 -46.24 26.57 -16.47
C HIS D 100 -46.75 28.03 -16.54
N VAL D 101 -46.96 28.57 -17.74
CA VAL D 101 -47.47 29.94 -17.82
C VAL D 101 -48.91 30.02 -17.30
N ALA D 102 -49.66 28.93 -17.40
CA ALA D 102 -51.03 28.96 -16.89
C ALA D 102 -51.05 29.02 -15.38
N LEU D 103 -50.04 28.41 -14.73
CA LEU D 103 -50.00 28.39 -13.27
C LEU D 103 -49.93 29.80 -12.68
N ARG D 104 -49.37 30.75 -13.43
CA ARG D 104 -49.24 32.13 -12.97
C ARG D 104 -50.05 33.10 -13.83
N ASN D 105 -51.08 32.59 -14.51
CA ASN D 105 -51.88 33.41 -15.42
C ASN D 105 -52.87 34.20 -14.58
N ARG D 106 -52.38 35.32 -14.03
CA ARG D 106 -53.19 36.10 -13.12
C ARG D 106 -54.38 36.74 -13.82
N SER D 107 -54.28 36.94 -15.13
CA SER D 107 -55.37 37.53 -15.90
C SER D 107 -56.50 36.55 -16.16
N ASN D 108 -56.34 35.28 -15.80
CA ASN D 108 -57.36 34.25 -15.93
C ASN D 108 -57.96 34.18 -17.34
N THR D 109 -57.25 34.64 -18.34
CA THR D 109 -57.63 34.37 -19.72
C THR D 109 -57.70 32.86 -19.92
N PRO D 110 -58.75 32.32 -20.55
CA PRO D 110 -58.84 30.88 -20.69
C PRO D 110 -57.68 30.30 -21.48
N ILE D 111 -57.19 29.15 -21.02
CA ILE D 111 -56.18 28.38 -21.74
C ILE D 111 -56.74 26.97 -21.85
N LEU D 112 -56.95 26.51 -23.08
CA LEU D 112 -57.65 25.27 -23.34
C LEU D 112 -56.67 24.13 -23.51
N VAL D 113 -56.93 23.02 -22.82
CA VAL D 113 -56.21 21.76 -23.01
C VAL D 113 -57.26 20.67 -23.18
N ASP D 114 -57.20 19.97 -24.31
CA ASP D 114 -58.23 19.00 -24.68
C ASP D 114 -59.61 19.66 -24.67
N GLY D 115 -59.67 20.88 -25.20
CA GLY D 115 -60.92 21.62 -25.29
C GLY D 115 -61.50 22.09 -23.98
N LYS D 116 -60.73 22.04 -22.90
CA LYS D 116 -61.22 22.36 -21.56
C LYS D 116 -60.30 23.40 -20.94
N ASP D 117 -60.88 24.48 -20.42
CA ASP D 117 -60.10 25.54 -19.81
C ASP D 117 -59.44 25.02 -18.52
N VAL D 118 -58.11 25.20 -18.41
CA VAL D 118 -57.39 24.69 -17.26
C VAL D 118 -57.38 25.66 -16.08
N MET D 119 -57.79 26.91 -16.26
CA MET D 119 -57.61 27.89 -15.20
C MET D 119 -58.47 27.64 -13.97
N PRO D 120 -59.73 27.20 -14.12
CA PRO D 120 -60.50 26.90 -12.90
C PRO D 120 -59.80 25.93 -11.97
N GLU D 121 -59.23 24.86 -12.53
CA GLU D 121 -58.50 23.88 -11.73
C GLU D 121 -57.23 24.51 -11.13
N VAL D 122 -56.53 25.31 -11.92
CA VAL D 122 -55.37 26.04 -11.41
C VAL D 122 -55.76 26.90 -10.21
N ASN D 123 -56.85 27.66 -10.34
CA ASN D 123 -57.25 28.56 -9.26
C ASN D 123 -57.86 27.81 -8.08
N LYS D 124 -58.47 26.65 -8.31
CA LYS D 124 -58.98 25.86 -7.18
C LYS D 124 -57.84 25.43 -6.27
N VAL D 125 -56.71 24.99 -6.86
CA VAL D 125 -55.59 24.55 -6.03
C VAL D 125 -54.95 25.75 -5.33
N LEU D 126 -54.80 26.87 -6.04
CA LEU D 126 -54.26 28.07 -5.40
C LEU D 126 -55.10 28.47 -4.20
N ASP D 127 -56.43 28.41 -4.35
CA ASP D 127 -57.31 28.76 -3.24
C ASP D 127 -57.08 27.82 -2.06
N LYS D 128 -56.90 26.54 -2.36
CA LYS D 128 -56.63 25.56 -1.31
C LYS D 128 -55.31 25.85 -0.62
N MET D 129 -54.28 26.20 -1.41
CA MET D 129 -53.01 26.57 -0.80
C MET D 129 -53.16 27.79 0.10
N LYS D 130 -53.89 28.80 -0.38
CA LYS D 130 -54.06 30.01 0.42
C LYS D 130 -54.73 29.70 1.76
N SER D 131 -55.83 28.94 1.71
CA SER D 131 -56.50 28.55 2.95
C SER D 131 -55.54 27.83 3.90
N PHE D 132 -54.83 26.82 3.38
CA PHE D 132 -53.95 26.02 4.24
C PHE D 132 -52.86 26.87 4.86
N CYS D 133 -52.27 27.81 4.09
CA CYS D 133 -51.20 28.64 4.64
C CYS D 133 -51.70 29.58 5.73
N GLN D 134 -52.89 30.16 5.56
CA GLN D 134 -53.45 31.02 6.59
C GLN D 134 -53.65 30.24 7.89
N ARG D 135 -54.10 29.00 7.79
CA ARG D 135 -54.36 28.21 9.00
C ARG D 135 -53.05 27.77 9.66
N VAL D 136 -52.06 27.35 8.88
CA VAL D 136 -50.79 26.94 9.49
C VAL D 136 -50.09 28.16 10.10
N ARG D 137 -49.98 29.24 9.34
CA ARG D 137 -49.22 30.38 9.81
C ARG D 137 -49.89 31.08 10.98
N SER D 138 -51.22 31.07 11.04
CA SER D 138 -51.92 31.70 12.16
C SER D 138 -51.90 30.83 13.42
N GLY D 139 -51.65 29.54 13.28
CA GLY D 139 -51.74 28.62 14.40
C GLY D 139 -53.06 27.91 14.53
N ASP D 140 -53.98 28.12 13.59
CA ASP D 140 -55.25 27.40 13.64
C ASP D 140 -55.07 25.92 13.34
N TRP D 141 -54.11 25.57 12.47
CA TRP D 141 -53.81 24.17 12.19
C TRP D 141 -52.89 23.64 13.29
N LYS D 142 -53.39 22.68 14.06
CA LYS D 142 -52.68 22.19 15.24
C LYS D 142 -52.16 20.78 15.01
N GLY D 143 -51.08 20.44 15.71
CA GLY D 143 -50.53 19.11 15.67
C GLY D 143 -51.28 18.14 16.56
N TYR D 144 -50.76 16.92 16.63
CA TYR D 144 -51.47 15.85 17.33
C TYR D 144 -51.48 16.03 18.84
N THR D 145 -50.75 17.01 19.38
CA THR D 145 -50.80 17.33 20.80
C THR D 145 -51.27 18.76 21.04
N GLY D 146 -51.87 19.39 20.03
CA GLY D 146 -52.47 20.70 20.19
C GLY D 146 -51.54 21.87 20.02
N LYS D 147 -50.37 21.67 19.42
CA LYS D 147 -49.38 22.73 19.27
C LYS D 147 -49.42 23.28 17.85
N THR D 148 -49.00 24.53 17.71
CA THR D 148 -48.86 25.14 16.40
C THR D 148 -47.64 24.57 15.68
N ILE D 149 -47.64 24.71 14.36
CA ILE D 149 -46.55 24.21 13.53
C ILE D 149 -45.41 25.23 13.55
N THR D 150 -44.21 24.75 13.88
CA THR D 150 -43.03 25.59 13.89
C THR D 150 -42.04 25.25 12.79
N ASP D 151 -42.18 24.08 12.15
CA ASP D 151 -41.21 23.59 11.19
C ASP D 151 -41.92 22.91 10.04
N VAL D 152 -41.58 23.31 8.82
CA VAL D 152 -42.13 22.71 7.61
C VAL D 152 -40.97 22.03 6.89
N ILE D 153 -41.17 20.75 6.54
CA ILE D 153 -40.12 19.93 5.94
C ILE D 153 -40.59 19.47 4.58
N ASN D 154 -39.98 20.00 3.53
CA ASN D 154 -40.24 19.55 2.16
C ASN D 154 -39.35 18.36 1.85
N ILE D 155 -39.97 17.23 1.52
CA ILE D 155 -39.28 16.01 1.12
C ILE D 155 -39.50 15.85 -0.38
N GLY D 156 -38.45 16.08 -1.16
CA GLY D 156 -38.56 15.97 -2.60
C GLY D 156 -37.19 16.22 -3.20
N ILE D 157 -37.07 15.82 -4.46
CA ILE D 157 -35.79 15.89 -5.16
C ILE D 157 -35.97 16.51 -6.53
N GLY D 158 -34.88 17.08 -7.05
CA GLY D 158 -34.94 17.71 -8.36
C GLY D 158 -35.96 18.83 -8.42
N GLY D 159 -36.87 18.75 -9.38
CA GLY D 159 -37.86 19.79 -9.57
C GLY D 159 -38.79 19.98 -8.39
N SER D 160 -38.90 18.97 -7.51
CA SER D 160 -39.73 19.10 -6.32
C SER D 160 -38.96 19.70 -5.14
N ASP D 161 -37.72 20.13 -5.38
CA ASP D 161 -36.80 20.59 -4.33
C ASP D 161 -36.11 21.89 -4.71
N LEU D 162 -35.47 21.92 -5.87
CA LEU D 162 -34.53 23.00 -6.18
C LEU D 162 -35.23 24.36 -6.24
N GLY D 163 -36.40 24.40 -6.86
CA GLY D 163 -37.16 25.64 -6.96
C GLY D 163 -37.58 26.22 -5.64
N PRO D 164 -38.34 25.44 -4.85
CA PRO D 164 -38.74 25.96 -3.54
C PRO D 164 -37.56 26.31 -2.66
N LEU D 165 -36.48 25.52 -2.72
CA LEU D 165 -35.30 25.84 -1.93
C LEU D 165 -34.69 27.17 -2.39
N MET D 166 -34.46 27.31 -3.69
CA MET D 166 -33.89 28.55 -4.20
C MET D 166 -34.74 29.76 -3.80
N VAL D 167 -36.06 29.66 -3.92
CA VAL D 167 -36.93 30.81 -3.68
C VAL D 167 -37.01 31.15 -2.19
N THR D 168 -37.14 30.15 -1.32
CA THR D 168 -37.18 30.48 0.10
C THR D 168 -35.85 31.03 0.60
N GLU D 169 -34.72 30.56 0.05
CA GLU D 169 -33.45 31.19 0.37
C GLU D 169 -33.43 32.64 -0.15
N ALA D 170 -33.93 32.85 -1.36
CA ALA D 170 -33.85 34.19 -1.95
C ALA D 170 -34.76 35.19 -1.25
N LEU D 171 -35.87 34.72 -0.68
CA LEU D 171 -36.87 35.59 -0.07
C LEU D 171 -36.90 35.44 1.45
N LYS D 172 -35.78 35.03 2.04
CA LYS D 172 -35.72 34.88 3.50
C LYS D 172 -36.15 36.14 4.25
N PRO D 173 -35.90 37.36 3.79
CA PRO D 173 -36.36 38.52 4.54
C PRO D 173 -37.87 38.63 4.64
N TYR D 174 -38.62 37.90 3.81
CA TYR D 174 -40.07 37.98 3.80
C TYR D 174 -40.73 36.87 4.59
N SER D 175 -39.97 36.19 5.43
CA SER D 175 -40.45 35.01 6.16
C SER D 175 -40.80 35.30 7.61
N SER D 176 -40.72 36.54 8.05
CA SER D 176 -41.12 36.86 9.42
C SER D 176 -42.53 36.37 9.70
N GLY D 177 -42.68 35.63 10.80
CA GLY D 177 -43.96 35.06 11.16
C GLY D 177 -44.26 33.72 10.54
N GLY D 178 -43.41 33.23 9.64
CA GLY D 178 -43.61 31.94 9.03
C GLY D 178 -42.86 30.87 9.78
N PRO D 179 -43.27 29.61 9.60
CA PRO D 179 -42.49 28.51 10.17
C PRO D 179 -41.12 28.43 9.50
N ARG D 180 -40.17 27.84 10.22
CA ARG D 180 -38.90 27.48 9.60
C ARG D 180 -39.15 26.45 8.51
N VAL D 181 -38.37 26.52 7.44
CA VAL D 181 -38.51 25.58 6.33
C VAL D 181 -37.22 24.78 6.17
N TRP D 182 -37.36 23.47 5.97
CA TRP D 182 -36.28 22.54 5.78
C TRP D 182 -36.50 21.80 4.47
N TYR D 183 -35.40 21.43 3.81
CA TYR D 183 -35.46 20.73 2.52
C TYR D 183 -34.65 19.45 2.61
N VAL D 184 -35.33 18.32 2.49
CA VAL D 184 -34.71 17.00 2.49
C VAL D 184 -34.89 16.43 1.09
N SER D 185 -33.79 16.07 0.45
CA SER D 185 -33.86 15.62 -0.93
C SER D 185 -33.00 14.41 -1.22
N ASN D 186 -31.75 14.41 -0.77
CA ASN D 186 -30.87 13.29 -1.06
C ASN D 186 -31.40 12.03 -0.41
N ILE D 187 -31.23 10.89 -1.10
CA ILE D 187 -31.53 9.61 -0.44
C ILE D 187 -30.50 9.33 0.63
N ASP D 188 -29.28 9.85 0.46
CA ASP D 188 -28.23 9.76 1.47
C ASP D 188 -28.81 10.05 2.84
N GLY D 189 -28.77 9.03 3.71
CA GLY D 189 -29.49 9.10 4.97
C GLY D 189 -29.04 10.21 5.90
N THR D 190 -27.84 10.76 5.71
CA THR D 190 -27.49 11.88 6.58
C THR D 190 -28.44 13.06 6.37
N HIS D 191 -29.07 13.16 5.19
CA HIS D 191 -29.91 14.35 4.95
C HIS D 191 -31.14 14.33 5.85
N ILE D 192 -31.89 13.22 5.85
CA ILE D 192 -33.07 13.17 6.70
C ILE D 192 -32.66 13.02 8.16
N ALA D 193 -31.60 12.25 8.42
CA ALA D 193 -31.17 11.99 9.79
C ALA D 193 -30.83 13.27 10.52
N LYS D 194 -29.99 14.13 9.92
CA LYS D 194 -29.59 15.33 10.62
C LYS D 194 -30.72 16.35 10.69
N THR D 195 -31.68 16.30 9.76
CA THR D 195 -32.86 17.13 9.87
C THR D 195 -33.73 16.67 11.03
N LEU D 196 -34.09 15.38 11.06
CA LEU D 196 -35.02 14.89 12.08
C LEU D 196 -34.45 15.05 13.48
N ALA D 197 -33.13 14.98 13.63
CA ALA D 197 -32.50 15.17 14.94
C ALA D 197 -32.77 16.55 15.52
N GLN D 198 -33.25 17.50 14.72
CA GLN D 198 -33.44 18.87 15.18
C GLN D 198 -34.90 19.26 15.31
N LEU D 199 -35.82 18.30 15.16
CA LEU D 199 -37.25 18.61 15.06
C LEU D 199 -38.06 17.96 16.17
N ASN D 200 -39.16 18.61 16.51
CA ASN D 200 -40.15 18.06 17.43
C ASN D 200 -41.32 17.49 16.62
N PRO D 201 -41.62 16.20 16.74
CA PRO D 201 -42.75 15.65 15.95
C PRO D 201 -44.06 16.40 16.19
N GLU D 202 -44.24 16.97 17.38
CA GLU D 202 -45.52 17.59 17.70
C GLU D 202 -45.77 18.85 16.88
N SER D 203 -44.70 19.50 16.41
CA SER D 203 -44.85 20.77 15.71
C SER D 203 -44.17 20.79 14.34
N SER D 204 -44.01 19.63 13.71
CA SER D 204 -43.35 19.52 12.41
C SER D 204 -44.36 19.09 11.36
N LEU D 205 -44.42 19.82 10.24
CA LEU D 205 -45.30 19.52 9.12
C LEU D 205 -44.46 19.05 7.94
N PHE D 206 -44.71 17.83 7.48
CA PHE D 206 -43.99 17.25 6.37
C PHE D 206 -44.77 17.38 5.08
N ILE D 207 -44.08 17.84 4.03
CA ILE D 207 -44.64 18.00 2.70
C ILE D 207 -43.92 17.03 1.77
N ILE D 208 -44.66 16.11 1.18
CA ILE D 208 -44.09 15.07 0.31
C ILE D 208 -44.36 15.50 -1.13
N ALA D 209 -43.31 15.88 -1.85
CA ALA D 209 -43.44 16.56 -3.14
C ALA D 209 -42.84 15.68 -4.22
N SER D 210 -43.68 15.25 -5.16
CA SER D 210 -43.24 14.39 -6.25
C SER D 210 -44.30 14.32 -7.34
N LYS D 211 -43.93 14.65 -8.58
CA LYS D 211 -44.90 14.69 -9.66
C LYS D 211 -45.60 13.34 -9.83
N THR D 212 -44.82 12.26 -10.00
CA THR D 212 -45.38 10.92 -10.14
C THR D 212 -45.63 10.24 -8.80
N PHE D 213 -45.00 10.72 -7.73
CA PHE D 213 -45.07 10.08 -6.42
C PHE D 213 -44.50 8.65 -6.45
N THR D 214 -43.57 8.38 -7.37
CA THR D 214 -42.89 7.09 -7.41
C THR D 214 -41.38 7.20 -7.27
N THR D 215 -40.82 8.41 -7.27
CA THR D 215 -39.38 8.58 -7.15
C THR D 215 -38.85 7.91 -5.90
N GLN D 216 -37.90 6.98 -6.08
CA GLN D 216 -37.43 6.16 -4.96
C GLN D 216 -36.86 7.01 -3.84
N GLU D 217 -36.01 7.99 -4.18
CA GLU D 217 -35.41 8.82 -3.15
C GLU D 217 -36.46 9.44 -2.25
N THR D 218 -37.52 10.00 -2.86
CA THR D 218 -38.50 10.78 -2.11
C THR D 218 -39.44 9.87 -1.34
N ILE D 219 -39.90 8.78 -1.94
CA ILE D 219 -40.78 7.87 -1.22
C ILE D 219 -40.03 7.23 -0.06
N THR D 220 -38.75 6.87 -0.25
CA THR D 220 -38.00 6.30 0.86
C THR D 220 -37.82 7.31 1.98
N ASN D 221 -37.46 8.56 1.63
CA ASN D 221 -37.39 9.59 2.66
C ASN D 221 -38.73 9.77 3.35
N ALA D 222 -39.83 9.68 2.60
CA ALA D 222 -41.16 9.93 3.17
C ALA D 222 -41.51 8.85 4.18
N GLU D 223 -41.26 7.58 3.82
CA GLU D 223 -41.50 6.48 4.74
C GLU D 223 -40.62 6.59 5.99
N THR D 224 -39.36 6.99 5.81
CA THR D 224 -38.50 7.18 6.98
C THR D 224 -39.06 8.27 7.89
N ALA D 225 -39.59 9.34 7.33
CA ALA D 225 -40.12 10.41 8.17
C ALA D 225 -41.42 9.97 8.86
N LYS D 226 -42.24 9.17 8.17
CA LYS D 226 -43.49 8.70 8.76
C LYS D 226 -43.23 7.68 9.85
N GLU D 227 -42.23 6.80 9.67
CA GLU D 227 -41.86 5.90 10.75
C GLU D 227 -41.38 6.68 11.95
N TRP D 228 -40.49 7.66 11.74
CA TRP D 228 -40.03 8.51 12.83
C TRP D 228 -41.20 9.20 13.51
N PHE D 229 -42.15 9.72 12.73
CA PHE D 229 -43.28 10.42 13.31
C PHE D 229 -44.15 9.47 14.12
N LEU D 230 -44.42 8.28 13.57
CA LEU D 230 -45.32 7.34 14.24
C LEU D 230 -44.67 6.71 15.46
N GLN D 231 -43.34 6.64 15.51
CA GLN D 231 -42.69 6.19 16.74
C GLN D 231 -43.01 7.13 17.90
N ALA D 232 -43.24 8.42 17.60
CA ALA D 232 -43.58 9.40 18.61
C ALA D 232 -45.08 9.47 18.84
N ALA D 233 -45.87 9.54 17.77
CA ALA D 233 -47.30 9.77 17.87
C ALA D 233 -48.09 8.47 18.08
N LYS D 234 -47.62 7.37 17.49
CA LYS D 234 -48.27 6.07 17.65
C LYS D 234 -49.59 6.03 16.89
N ASP D 235 -50.48 6.98 17.20
CA ASP D 235 -51.80 7.06 16.59
C ASP D 235 -51.75 7.34 15.10
N PRO D 236 -52.13 6.37 14.25
CA PRO D 236 -52.06 6.62 12.80
C PRO D 236 -52.94 7.75 12.31
N SER D 237 -54.00 8.10 13.05
CA SER D 237 -54.86 9.20 12.63
C SER D 237 -54.12 10.54 12.67
N ALA D 238 -53.02 10.62 13.43
CA ALA D 238 -52.30 11.89 13.53
C ALA D 238 -51.51 12.21 12.27
N VAL D 239 -51.32 11.23 11.38
CA VAL D 239 -50.62 11.50 10.13
C VAL D 239 -51.35 12.56 9.32
N ALA D 240 -52.68 12.59 9.40
CA ALA D 240 -53.46 13.58 8.67
C ALA D 240 -53.23 15.00 9.16
N LYS D 241 -52.62 15.18 10.32
CA LYS D 241 -52.33 16.51 10.83
C LYS D 241 -50.90 16.96 10.50
N HIS D 242 -50.06 16.08 9.99
CA HIS D 242 -48.64 16.36 9.87
C HIS D 242 -48.04 15.97 8.53
N PHE D 243 -48.81 15.41 7.60
CA PHE D 243 -48.29 15.02 6.28
C PHE D 243 -49.25 15.49 5.20
N VAL D 244 -48.74 16.27 4.25
CA VAL D 244 -49.46 16.61 3.03
C VAL D 244 -48.59 16.20 1.83
N ALA D 245 -49.24 16.12 0.66
CA ALA D 245 -48.58 15.68 -0.55
C ALA D 245 -48.87 16.67 -1.68
N LEU D 246 -47.87 16.88 -2.52
CA LEU D 246 -47.95 17.73 -3.71
C LEU D 246 -47.64 16.82 -4.88
N SER D 247 -48.62 16.59 -5.75
CA SER D 247 -48.46 15.53 -6.72
C SER D 247 -49.55 15.59 -7.78
N THR D 248 -49.34 14.82 -8.86
CA THR D 248 -50.36 14.58 -9.85
C THR D 248 -51.02 13.21 -9.71
N ASN D 249 -50.55 12.36 -8.79
CA ASN D 249 -50.94 10.96 -8.71
C ASN D 249 -51.73 10.70 -7.43
N THR D 250 -53.05 10.85 -7.53
CA THR D 250 -53.90 10.73 -6.35
C THR D 250 -53.87 9.31 -5.77
N THR D 251 -53.86 8.30 -6.65
CA THR D 251 -53.85 6.92 -6.18
C THR D 251 -52.61 6.65 -5.33
N LYS D 252 -51.42 6.86 -5.90
CA LYS D 252 -50.19 6.60 -5.16
C LYS D 252 -50.13 7.43 -3.88
N VAL D 253 -50.66 8.66 -3.89
CA VAL D 253 -50.72 9.43 -2.67
C VAL D 253 -51.63 8.74 -1.66
N LYS D 254 -52.77 8.23 -2.12
CA LYS D 254 -53.68 7.52 -1.23
C LYS D 254 -53.03 6.26 -0.68
N GLU D 255 -52.39 5.47 -1.55
CA GLU D 255 -51.78 4.22 -1.09
C GLU D 255 -50.64 4.46 -0.12
N PHE D 256 -49.98 5.61 -0.21
CA PHE D 256 -48.94 5.95 0.75
C PHE D 256 -49.51 6.25 2.13
N GLY D 257 -50.79 6.56 2.20
CA GLY D 257 -51.44 6.84 3.46
C GLY D 257 -51.75 8.29 3.74
N ILE D 258 -51.82 9.13 2.73
CA ILE D 258 -52.10 10.55 2.91
C ILE D 258 -53.59 10.79 2.72
N ASP D 259 -54.17 11.58 3.62
CA ASP D 259 -55.57 11.94 3.50
C ASP D 259 -55.80 12.65 2.16
N PRO D 260 -56.76 12.18 1.34
CA PRO D 260 -57.01 12.86 0.06
C PRO D 260 -57.28 14.34 0.18
N GLN D 261 -57.83 14.79 1.31
CA GLN D 261 -57.97 16.23 1.54
C GLN D 261 -56.63 16.91 1.78
N ASN D 262 -55.56 16.14 1.94
CA ASN D 262 -54.22 16.69 2.15
C ASN D 262 -53.37 16.61 0.90
N MET D 263 -53.99 16.51 -0.27
CA MET D 263 -53.28 16.47 -1.55
C MET D 263 -53.46 17.80 -2.26
N PHE D 264 -52.35 18.41 -2.64
CA PHE D 264 -52.35 19.64 -3.44
C PHE D 264 -51.94 19.23 -4.86
N GLU D 265 -52.88 19.33 -5.78
CA GLU D 265 -52.75 18.74 -7.10
C GLU D 265 -52.06 19.67 -8.08
N PHE D 266 -51.31 19.08 -9.01
CA PHE D 266 -50.94 19.77 -10.25
C PHE D 266 -51.07 18.75 -11.38
N TRP D 267 -50.58 19.13 -12.58
CA TRP D 267 -50.97 18.46 -13.81
C TRP D 267 -49.76 18.07 -14.64
N ASP D 268 -50.01 17.18 -15.59
CA ASP D 268 -48.93 16.59 -16.38
C ASP D 268 -48.26 17.61 -17.29
N TRP D 269 -48.91 18.73 -17.58
CA TRP D 269 -48.29 19.78 -18.38
C TRP D 269 -47.47 20.75 -17.56
N VAL D 270 -47.25 20.46 -16.28
CA VAL D 270 -46.31 21.20 -15.45
C VAL D 270 -45.03 20.39 -15.36
N GLY D 271 -43.98 20.84 -16.04
CA GLY D 271 -42.70 20.15 -15.93
C GLY D 271 -42.10 20.34 -14.54
N GLY D 272 -41.41 19.30 -14.07
CA GLY D 272 -40.83 19.36 -12.75
C GLY D 272 -39.94 20.57 -12.56
N ARG D 273 -39.08 20.86 -13.53
CA ARG D 273 -38.19 22.01 -13.44
C ARG D 273 -38.90 23.32 -13.74
N TYR D 274 -40.21 23.28 -14.02
CA TYR D 274 -41.04 24.47 -14.19
C TYR D 274 -42.21 24.45 -13.21
N SER D 275 -42.03 23.80 -12.05
CA SER D 275 -43.16 23.48 -11.19
C SER D 275 -43.26 24.30 -9.91
N LEU D 276 -42.29 25.16 -9.60
CA LEU D 276 -42.36 25.89 -8.34
C LEU D 276 -43.57 26.81 -8.28
N TRP D 277 -44.15 27.14 -9.44
CA TRP D 277 -45.31 28.00 -9.57
C TRP D 277 -46.61 27.29 -9.25
N SER D 278 -46.56 25.96 -9.11
CA SER D 278 -47.72 25.13 -8.86
C SER D 278 -47.84 24.82 -7.37
N ALA D 279 -48.61 23.78 -7.02
CA ALA D 279 -48.64 23.28 -5.66
C ALA D 279 -47.25 22.97 -5.12
N ILE D 280 -46.30 22.64 -6.00
CA ILE D 280 -44.94 22.38 -5.55
C ILE D 280 -44.38 23.54 -4.76
N GLY D 281 -44.93 24.74 -4.94
CA GLY D 281 -44.52 25.91 -4.22
C GLY D 281 -45.11 26.09 -2.84
N LEU D 282 -45.84 25.09 -2.32
CA LEU D 282 -46.48 25.27 -1.02
C LEU D 282 -45.49 25.68 0.05
N SER D 283 -44.28 25.10 0.04
CA SER D 283 -43.33 25.44 1.09
C SER D 283 -42.94 26.91 1.01
N ILE D 284 -42.91 27.48 -0.20
CA ILE D 284 -42.69 28.92 -0.33
C ILE D 284 -43.81 29.70 0.35
N ALA D 285 -45.04 29.34 0.03
CA ALA D 285 -46.18 30.10 0.53
C ALA D 285 -46.32 29.96 2.04
N LEU D 286 -46.00 28.80 2.60
CA LEU D 286 -46.01 28.67 4.04
C LEU D 286 -44.94 29.56 4.67
N HIS D 287 -43.76 29.65 4.04
CA HIS D 287 -42.64 30.35 4.64
C HIS D 287 -42.84 31.86 4.60
N VAL D 288 -43.15 32.41 3.42
CA VAL D 288 -43.27 33.86 3.26
C VAL D 288 -44.72 34.32 3.12
N GLY D 289 -45.67 33.42 3.24
CA GLY D 289 -47.05 33.84 3.12
C GLY D 289 -47.57 33.74 1.71
N PHE D 290 -48.86 33.47 1.60
CA PHE D 290 -49.45 33.29 0.27
C PHE D 290 -49.47 34.60 -0.52
N ASP D 291 -49.62 35.75 0.14
CA ASP D 291 -49.60 37.03 -0.57
C ASP D 291 -48.29 37.19 -1.32
N ASN D 292 -47.17 36.85 -0.69
CA ASN D 292 -45.88 36.96 -1.35
C ASN D 292 -45.74 35.91 -2.45
N PHE D 293 -46.31 34.73 -2.24
CA PHE D 293 -46.34 33.72 -3.30
C PHE D 293 -47.09 34.27 -4.51
N GLU D 294 -48.20 34.98 -4.26
CA GLU D 294 -48.96 35.57 -5.35
C GLU D 294 -48.17 36.66 -6.07
N GLN D 295 -47.42 37.46 -5.31
CA GLN D 295 -46.51 38.45 -5.92
C GLN D 295 -45.50 37.76 -6.82
N LEU D 296 -44.93 36.64 -6.35
CA LEU D 296 -43.99 35.86 -7.15
C LEU D 296 -44.63 35.41 -8.46
N LEU D 297 -45.86 34.88 -8.38
CA LEU D 297 -46.57 34.50 -9.59
C LEU D 297 -46.77 35.70 -10.50
N SER D 298 -47.02 36.86 -9.90
CA SER D 298 -47.37 38.04 -10.68
C SER D 298 -46.17 38.55 -11.46
N GLY D 299 -44.99 38.48 -10.85
CA GLY D 299 -43.78 38.85 -11.57
C GLY D 299 -43.53 37.97 -12.77
N ALA D 300 -43.69 36.66 -12.60
CA ALA D 300 -43.57 35.76 -13.74
C ALA D 300 -44.61 36.09 -14.79
N HIS D 301 -45.84 36.39 -14.36
CA HIS D 301 -46.89 36.72 -15.31
C HIS D 301 -46.54 37.96 -16.10
N TRP D 302 -45.99 38.97 -15.43
CA TRP D 302 -45.54 40.15 -16.16
C TRP D 302 -44.53 39.76 -17.22
N MET D 303 -43.56 38.91 -16.87
CA MET D 303 -42.52 38.61 -17.85
C MET D 303 -43.07 37.72 -18.96
N ASP D 304 -44.07 36.90 -18.63
CA ASP D 304 -44.75 36.13 -19.66
C ASP D 304 -45.34 37.05 -20.71
N GLN D 305 -45.97 38.15 -20.28
CA GLN D 305 -46.59 39.08 -21.21
C GLN D 305 -45.55 39.89 -21.99
N HIS D 306 -44.45 40.27 -21.34
CA HIS D 306 -43.34 40.90 -22.05
C HIS D 306 -42.86 40.04 -23.19
N PHE D 307 -42.55 38.78 -22.90
CA PHE D 307 -42.13 37.83 -23.92
C PHE D 307 -43.17 37.70 -25.02
N ARG D 308 -44.46 37.73 -24.66
CA ARG D 308 -45.47 37.51 -25.67
C ARG D 308 -45.73 38.74 -26.54
N THR D 309 -45.62 39.95 -25.99
CA THR D 309 -46.07 41.16 -26.70
C THR D 309 -44.94 42.02 -27.24
N THR D 310 -43.70 41.72 -26.93
CA THR D 310 -42.61 42.63 -27.32
C THR D 310 -41.99 42.19 -28.63
N PRO D 311 -41.81 43.10 -29.58
CA PRO D 311 -41.07 42.76 -30.81
C PRO D 311 -39.73 42.13 -30.46
N LEU D 312 -39.33 41.14 -31.26
CA LEU D 312 -38.19 40.30 -30.91
C LEU D 312 -36.93 41.13 -30.66
N GLU D 313 -36.73 42.20 -31.43
CA GLU D 313 -35.49 42.97 -31.31
C GLU D 313 -35.35 43.66 -29.96
N LYS D 314 -36.43 43.75 -29.18
CA LYS D 314 -36.40 44.41 -27.88
C LYS D 314 -36.91 43.48 -26.79
N ASN D 315 -36.94 42.17 -27.07
CA ASN D 315 -37.57 41.16 -26.22
C ASN D 315 -36.47 40.47 -25.40
N ALA D 316 -36.50 40.67 -24.07
CA ALA D 316 -35.35 40.30 -23.25
C ALA D 316 -34.99 38.83 -23.31
N PRO D 317 -35.89 37.90 -23.03
CA PRO D 317 -35.48 36.48 -23.11
C PRO D 317 -35.03 36.07 -24.49
N VAL D 318 -35.58 36.69 -25.53
CA VAL D 318 -35.18 36.35 -26.89
C VAL D 318 -33.75 36.77 -27.14
N LEU D 319 -33.41 38.01 -26.76
CA LEU D 319 -32.05 38.49 -26.93
C LEU D 319 -31.05 37.67 -26.12
N LEU D 320 -31.40 37.35 -24.87
CA LEU D 320 -30.51 36.51 -24.07
C LEU D 320 -30.29 35.16 -24.73
N ALA D 321 -31.37 34.57 -25.27
CA ALA D 321 -31.24 33.28 -25.94
C ALA D 321 -30.32 33.37 -27.15
N LEU D 322 -30.48 34.44 -27.92
CA LEU D 322 -29.72 34.58 -29.17
C LEU D 322 -28.25 34.85 -28.91
N LEU D 323 -27.92 35.62 -27.87
CA LEU D 323 -26.52 35.80 -27.52
C LEU D 323 -25.91 34.47 -27.11
N GLY D 324 -26.68 33.62 -26.42
CA GLY D 324 -26.19 32.29 -26.12
C GLY D 324 -25.95 31.46 -27.36
N ILE D 325 -26.87 31.52 -28.33
CA ILE D 325 -26.70 30.78 -29.57
C ILE D 325 -25.41 31.23 -30.26
N TRP D 326 -25.16 32.53 -30.25
CA TRP D 326 -23.93 33.09 -30.84
C TRP D 326 -22.69 32.47 -30.23
N TYR D 327 -22.63 32.44 -28.89
CA TYR D 327 -21.46 31.90 -28.22
C TYR D 327 -21.40 30.37 -28.27
N ILE D 328 -22.55 29.70 -28.31
CA ILE D 328 -22.56 28.25 -28.29
C ILE D 328 -22.27 27.69 -29.68
N ASN D 329 -22.94 28.21 -30.70
CA ASN D 329 -22.91 27.59 -32.01
C ASN D 329 -21.93 28.26 -32.98
N CYS D 330 -21.45 29.45 -32.67
CA CYS D 330 -20.38 30.07 -33.45
C CYS D 330 -19.06 30.06 -32.70
N PHE D 331 -19.01 30.58 -31.48
CA PHE D 331 -17.76 30.60 -30.72
C PHE D 331 -17.42 29.26 -30.09
N GLY D 332 -18.39 28.37 -29.91
CA GLY D 332 -18.12 27.05 -29.37
C GLY D 332 -17.95 26.98 -27.86
N CYS D 333 -18.44 27.96 -27.11
CA CYS D 333 -18.28 27.94 -25.66
C CYS D 333 -19.14 26.85 -25.04
N GLU D 334 -18.53 26.01 -24.21
CA GLU D 334 -19.23 24.89 -23.59
C GLU D 334 -20.12 25.32 -22.43
N THR D 335 -19.80 26.42 -21.77
CA THR D 335 -20.43 26.74 -20.50
C THR D 335 -21.00 28.15 -20.50
N HIS D 336 -21.74 28.42 -19.43
CA HIS D 336 -22.41 29.70 -19.23
C HIS D 336 -22.47 29.89 -17.73
N ALA D 337 -21.80 30.92 -17.24
CA ALA D 337 -21.73 31.19 -15.81
C ALA D 337 -22.80 32.19 -15.40
N MET D 338 -23.47 31.89 -14.29
CA MET D 338 -24.43 32.81 -13.68
C MET D 338 -23.90 33.22 -12.32
N LEU D 339 -23.70 34.52 -12.15
CA LEU D 339 -22.94 35.10 -11.04
C LEU D 339 -23.77 36.21 -10.40
N PRO D 340 -24.76 35.83 -9.57
CA PRO D 340 -25.51 36.85 -8.84
C PRO D 340 -24.67 37.44 -7.72
N TYR D 341 -24.66 38.77 -7.63
CA TYR D 341 -23.99 39.48 -6.55
C TYR D 341 -24.99 39.71 -5.43
N ASP D 342 -25.40 38.59 -4.84
CA ASP D 342 -26.48 38.55 -3.87
C ASP D 342 -26.39 37.22 -3.13
N GLN D 343 -26.04 37.30 -1.85
CA GLN D 343 -25.97 36.09 -1.03
C GLN D 343 -27.30 35.35 -0.95
N TYR D 344 -28.42 36.08 -0.97
CA TYR D 344 -29.72 35.41 -0.90
C TYR D 344 -29.97 34.55 -2.13
N LEU D 345 -29.37 34.93 -3.28
CA LEU D 345 -29.47 34.16 -4.52
C LEU D 345 -28.42 33.04 -4.63
N HIS D 346 -27.92 32.51 -3.51
CA HIS D 346 -26.80 31.57 -3.59
C HIS D 346 -27.18 30.24 -4.24
N ARG D 347 -28.48 29.92 -4.33
CA ARG D 347 -28.90 28.70 -5.02
C ARG D 347 -29.53 28.97 -6.38
N PHE D 348 -29.37 30.19 -6.91
CA PHE D 348 -29.96 30.54 -8.21
C PHE D 348 -29.27 29.79 -9.34
N ALA D 349 -27.93 29.77 -9.36
CA ALA D 349 -27.22 29.03 -10.40
C ALA D 349 -27.56 27.54 -10.36
N ALA D 350 -27.62 26.96 -9.17
CA ALA D 350 -27.96 25.54 -9.07
C ALA D 350 -29.37 25.25 -9.61
N TYR D 351 -30.30 26.19 -9.41
CA TYR D 351 -31.65 26.01 -9.94
C TYR D 351 -31.63 25.92 -11.46
N PHE D 352 -30.89 26.81 -12.12
CA PHE D 352 -30.89 26.80 -13.59
C PHE D 352 -29.93 25.79 -14.16
N GLN D 353 -29.14 25.12 -13.33
CA GLN D 353 -28.48 23.90 -13.79
C GLN D 353 -29.51 22.90 -14.26
N GLN D 354 -30.57 22.69 -13.45
CA GLN D 354 -31.65 21.83 -13.92
C GLN D 354 -32.46 22.55 -15.00
N GLY D 355 -32.91 23.77 -14.72
CA GLY D 355 -33.78 24.46 -15.65
C GLY D 355 -33.21 24.51 -17.05
N ASP D 356 -31.93 24.85 -17.16
CA ASP D 356 -31.28 24.93 -18.46
C ASP D 356 -30.85 23.56 -18.94
N MET D 357 -30.01 22.86 -18.16
CA MET D 357 -29.33 21.68 -18.68
C MET D 357 -30.28 20.48 -18.86
N GLU D 358 -31.28 20.33 -18.00
CA GLU D 358 -32.22 19.23 -18.22
C GLU D 358 -33.19 19.56 -19.36
N SER D 359 -33.44 20.84 -19.62
CA SER D 359 -34.26 21.21 -20.77
C SER D 359 -33.52 20.99 -22.09
N ASN D 360 -32.31 21.54 -22.24
CA ASN D 360 -31.67 21.62 -23.54
C ASN D 360 -30.42 20.76 -23.67
N GLY D 361 -30.10 19.94 -22.67
CA GLY D 361 -29.11 18.90 -22.83
C GLY D 361 -29.69 17.73 -23.60
N LYS D 362 -29.83 17.93 -24.91
CA LYS D 362 -30.55 17.02 -25.79
C LYS D 362 -29.73 16.87 -27.06
N TYR D 363 -30.03 15.82 -27.84
CA TYR D 363 -29.30 15.59 -29.08
C TYR D 363 -30.16 15.03 -30.21
N ILE D 364 -31.47 14.92 -30.02
CA ILE D 364 -32.39 14.45 -31.05
C ILE D 364 -33.39 15.55 -31.35
N THR D 365 -33.57 15.84 -32.65
CA THR D 365 -34.45 16.94 -33.05
C THR D 365 -35.88 16.46 -33.17
N LYS D 366 -36.78 17.39 -33.52
CA LYS D 366 -38.20 17.06 -33.60
C LYS D 366 -38.49 16.07 -34.71
N SER D 367 -37.70 16.08 -35.78
CA SER D 367 -37.84 15.13 -36.86
C SER D 367 -37.18 13.79 -36.58
N GLY D 368 -36.73 13.55 -35.36
CA GLY D 368 -36.01 12.34 -35.01
C GLY D 368 -34.56 12.33 -35.41
N THR D 369 -34.05 13.41 -35.99
CA THR D 369 -32.70 13.47 -36.52
C THR D 369 -31.69 13.85 -35.43
N ARG D 370 -30.51 13.24 -35.50
CA ARG D 370 -29.42 13.59 -34.59
C ARG D 370 -28.87 14.96 -34.93
N VAL D 371 -28.75 15.82 -33.91
CA VAL D 371 -28.19 17.15 -34.14
C VAL D 371 -26.75 17.00 -34.65
N ASP D 372 -26.35 17.92 -35.51
CA ASP D 372 -24.96 18.03 -35.95
C ASP D 372 -24.36 19.35 -35.50
N HIS D 373 -24.78 19.82 -34.32
CA HIS D 373 -24.34 21.07 -33.75
C HIS D 373 -24.49 20.96 -32.24
N GLN D 374 -23.92 21.94 -31.52
CA GLN D 374 -24.04 21.96 -30.08
C GLN D 374 -25.47 22.32 -29.65
N THR D 375 -25.87 21.80 -28.49
CA THR D 375 -27.08 22.26 -27.82
C THR D 375 -26.70 22.88 -26.48
N GLY D 376 -27.51 22.64 -25.45
CA GLY D 376 -27.41 23.38 -24.20
C GLY D 376 -26.03 23.40 -23.57
N PRO D 377 -25.72 24.50 -22.87
CA PRO D 377 -24.43 24.64 -22.22
C PRO D 377 -24.43 24.05 -20.81
N ILE D 378 -23.22 23.90 -20.27
CA ILE D 378 -23.04 23.59 -18.85
C ILE D 378 -23.16 24.90 -18.07
N VAL D 379 -24.12 24.95 -17.15
CA VAL D 379 -24.37 26.13 -16.34
C VAL D 379 -23.73 25.93 -14.98
N TRP D 380 -23.10 26.99 -14.47
CA TRP D 380 -22.41 26.94 -13.18
C TRP D 380 -22.31 28.34 -12.65
N GLY D 381 -21.84 28.47 -11.42
CA GLY D 381 -21.57 29.77 -10.85
C GLY D 381 -21.74 29.79 -9.35
N GLU D 382 -21.17 30.83 -8.73
CA GLU D 382 -21.24 31.09 -7.31
C GLU D 382 -21.49 32.58 -7.15
N PRO D 383 -22.07 32.99 -6.02
CA PRO D 383 -22.37 34.41 -5.83
C PRO D 383 -21.11 35.25 -5.74
N GLY D 384 -21.21 36.47 -6.27
CA GLY D 384 -20.18 37.46 -6.02
C GLY D 384 -20.42 38.11 -4.68
N THR D 385 -19.33 38.60 -4.06
CA THR D 385 -17.99 38.64 -4.57
C THR D 385 -17.14 37.38 -4.38
N ASN D 386 -17.72 36.34 -3.76
CA ASN D 386 -16.94 35.18 -3.41
C ASN D 386 -16.22 34.60 -4.62
N GLY D 387 -16.92 34.48 -5.74
CA GLY D 387 -16.33 33.88 -6.91
C GLY D 387 -15.05 34.57 -7.32
N GLN D 388 -14.93 35.87 -7.01
CA GLN D 388 -13.74 36.62 -7.38
C GLN D 388 -12.49 36.04 -6.74
N HIS D 389 -12.62 35.52 -5.52
CA HIS D 389 -11.52 34.93 -4.77
C HIS D 389 -11.46 33.41 -4.90
N ALA D 390 -12.21 32.83 -5.83
CA ALA D 390 -12.18 31.39 -6.05
C ALA D 390 -11.79 31.05 -7.47
N PHE D 391 -12.55 31.49 -8.47
CA PHE D 391 -12.34 31.00 -9.82
C PHE D 391 -12.25 32.08 -10.87
N TYR D 392 -12.40 33.35 -10.50
CA TYR D 392 -12.30 34.40 -11.52
C TYR D 392 -10.90 34.43 -12.13
N GLN D 393 -9.88 34.01 -11.37
CA GLN D 393 -8.53 33.90 -11.93
C GLN D 393 -8.60 33.24 -13.31
N LEU D 394 -9.34 32.14 -13.40
CA LEU D 394 -9.46 31.41 -14.65
C LEU D 394 -10.28 32.21 -15.68
N ILE D 395 -11.34 32.87 -15.23
CA ILE D 395 -12.12 33.67 -16.18
C ILE D 395 -11.26 34.78 -16.77
N HIS D 396 -10.38 35.39 -15.96
CA HIS D 396 -9.56 36.50 -16.45
C HIS D 396 -8.33 36.05 -17.23
N GLN D 397 -7.70 34.95 -16.83
CA GLN D 397 -6.36 34.64 -17.32
C GLN D 397 -6.18 33.17 -17.69
N GLY D 398 -7.25 32.39 -17.74
CA GLY D 398 -7.19 31.05 -18.26
C GLY D 398 -7.26 31.03 -19.77
N THR D 399 -7.60 29.86 -20.30
CA THR D 399 -7.66 29.62 -21.74
C THR D 399 -9.07 29.30 -22.21
N LYS D 400 -10.10 29.64 -21.42
CA LYS D 400 -11.49 29.36 -21.77
C LYS D 400 -12.26 30.65 -22.00
N MET D 401 -13.09 30.65 -23.04
CA MET D 401 -14.12 31.67 -23.23
C MET D 401 -15.36 31.29 -22.41
N ILE D 402 -15.77 32.16 -21.51
CA ILE D 402 -16.90 31.86 -20.62
C ILE D 402 -17.90 33.02 -20.63
N PRO D 403 -18.98 32.95 -21.39
CA PRO D 403 -20.03 33.97 -21.25
C PRO D 403 -20.56 33.96 -19.83
N CYS D 404 -20.71 35.16 -19.26
CA CYS D 404 -21.13 35.34 -17.89
C CYS D 404 -22.33 36.28 -17.82
N ASP D 405 -23.31 35.91 -17.00
CA ASP D 405 -24.37 36.83 -16.57
C ASP D 405 -24.09 37.27 -15.14
N PHE D 406 -23.87 38.56 -14.96
CA PHE D 406 -23.70 39.20 -13.66
C PHE D 406 -25.06 39.80 -13.29
N LEU D 407 -25.58 39.44 -12.11
CA LEU D 407 -26.87 39.98 -11.65
C LEU D 407 -26.73 40.67 -10.30
N ILE D 408 -27.46 41.76 -10.12
CA ILE D 408 -27.46 42.46 -8.83
C ILE D 408 -28.69 43.32 -8.62
N PRO D 409 -29.24 43.33 -7.40
CA PRO D 409 -30.23 44.35 -7.05
C PRO D 409 -29.57 45.66 -6.64
N VAL D 410 -30.19 46.77 -7.09
CA VAL D 410 -29.69 48.08 -6.71
C VAL D 410 -29.85 48.31 -5.21
N GLN D 411 -31.01 47.92 -4.67
CA GLN D 411 -31.34 48.14 -3.27
C GLN D 411 -31.19 46.85 -2.50
N THR D 412 -30.51 46.91 -1.36
CA THR D 412 -30.25 45.72 -0.56
C THR D 412 -31.34 45.57 0.49
N GLN D 413 -31.59 44.31 0.86
CA GLN D 413 -32.47 44.02 1.98
C GLN D 413 -31.85 44.36 3.32
N HIS D 414 -30.54 44.61 3.37
CA HIS D 414 -29.82 44.85 4.63
C HIS D 414 -28.86 46.01 4.44
N PRO D 415 -29.37 47.25 4.44
CA PRO D 415 -28.53 48.43 4.23
C PRO D 415 -27.70 48.81 5.46
N ILE D 416 -26.93 47.85 5.97
CA ILE D 416 -26.16 48.09 7.17
C ILE D 416 -25.04 49.10 6.90
N ARG D 417 -24.60 49.75 7.97
CA ARG D 417 -23.48 50.70 7.93
C ARG D 417 -23.71 51.79 6.88
N LYS D 418 -24.96 52.24 6.81
CA LYS D 418 -25.34 53.34 5.92
C LYS D 418 -25.06 53.01 4.47
N GLY D 419 -25.20 51.74 4.11
CA GLY D 419 -25.04 51.26 2.76
C GLY D 419 -23.62 50.96 2.34
N LEU D 420 -22.64 51.05 3.25
CA LEU D 420 -21.24 50.81 2.87
C LEU D 420 -21.06 49.44 2.23
N HIS D 421 -21.62 48.39 2.84
CA HIS D 421 -21.41 47.05 2.28
C HIS D 421 -21.96 46.97 0.86
N HIS D 422 -23.16 47.52 0.63
CA HIS D 422 -23.76 47.37 -0.68
C HIS D 422 -23.04 48.24 -1.71
N LYS D 423 -22.47 49.36 -1.27
CA LYS D 423 -21.68 50.19 -2.16
C LYS D 423 -20.46 49.45 -2.66
N ILE D 424 -19.78 48.72 -1.77
CA ILE D 424 -18.61 47.95 -2.18
C ILE D 424 -19.04 46.80 -3.09
N LEU D 425 -20.15 46.14 -2.74
CA LEU D 425 -20.67 45.07 -3.59
C LEU D 425 -20.92 45.59 -5.00
N LEU D 426 -21.62 46.71 -5.12
CA LEU D 426 -21.89 47.30 -6.44
C LEU D 426 -20.60 47.67 -7.17
N ALA D 427 -19.66 48.29 -6.45
CA ALA D 427 -18.37 48.64 -7.08
C ALA D 427 -17.69 47.40 -7.67
N ASN D 428 -17.70 46.27 -6.95
CA ASN D 428 -17.08 45.08 -7.50
C ASN D 428 -17.88 44.53 -8.67
N PHE D 429 -19.22 44.53 -8.56
CA PHE D 429 -20.08 44.09 -9.66
C PHE D 429 -19.70 44.83 -10.95
N LEU D 430 -19.52 46.12 -10.86
CA LEU D 430 -19.25 46.95 -12.03
C LEU D 430 -17.83 46.75 -12.52
N ALA D 431 -16.88 46.66 -11.57
CA ALA D 431 -15.46 46.57 -11.90
C ALA D 431 -15.14 45.27 -12.62
N GLN D 432 -15.77 44.17 -12.22
CA GLN D 432 -15.38 42.90 -12.79
C GLN D 432 -15.75 42.81 -14.27
N THR D 433 -16.94 43.29 -14.63
CA THR D 433 -17.31 43.25 -16.04
C THR D 433 -16.47 44.25 -16.84
N GLU D 434 -16.13 45.38 -16.21
CA GLU D 434 -15.23 46.35 -16.84
C GLU D 434 -13.86 45.73 -17.06
N ALA D 435 -13.35 45.01 -16.05
CA ALA D 435 -12.05 44.36 -16.17
C ALA D 435 -12.07 43.29 -17.26
N LEU D 436 -13.09 42.43 -17.26
CA LEU D 436 -13.18 41.38 -18.27
C LEU D 436 -13.19 41.96 -19.68
N MET D 437 -13.80 43.12 -19.86
CA MET D 437 -13.87 43.74 -21.18
C MET D 437 -12.56 44.41 -21.55
N ARG D 438 -12.00 45.23 -20.65
CA ARG D 438 -10.89 46.10 -20.98
C ARG D 438 -9.56 45.37 -20.94
N GLY D 439 -9.36 44.50 -19.95
CA GLY D 439 -8.06 43.92 -19.76
C GLY D 439 -7.01 44.97 -19.41
N LYS D 440 -5.75 44.59 -19.62
CA LYS D 440 -4.63 45.48 -19.30
C LYS D 440 -3.44 45.05 -20.16
N SER D 441 -2.97 45.96 -20.99
CA SER D 441 -1.97 45.64 -21.99
C SER D 441 -0.58 45.57 -21.37
N THR D 442 0.34 44.98 -22.15
CA THR D 442 1.74 44.96 -21.76
C THR D 442 2.22 46.36 -21.40
N GLU D 443 1.92 47.34 -22.28
CA GLU D 443 2.35 48.70 -22.03
C GLU D 443 1.78 49.25 -20.73
N GLU D 444 0.50 49.02 -20.47
CA GLU D 444 -0.09 49.50 -19.22
C GLU D 444 0.49 48.77 -18.03
N ALA D 445 0.68 47.45 -18.13
CA ALA D 445 1.29 46.71 -17.04
C ALA D 445 2.72 47.17 -16.77
N ARG D 446 3.49 47.45 -17.83
CA ARG D 446 4.87 47.91 -17.62
C ARG D 446 4.88 49.24 -16.88
N LYS D 447 4.05 50.19 -17.29
CA LYS D 447 4.06 51.49 -16.64
C LYS D 447 3.75 51.36 -15.15
N GLU D 448 2.82 50.46 -14.80
CA GLU D 448 2.51 50.20 -13.40
C GLU D 448 3.73 49.66 -12.65
N LEU D 449 4.42 48.67 -13.23
CA LEU D 449 5.56 48.07 -12.55
C LEU D 449 6.69 49.06 -12.34
N GLN D 450 6.96 49.92 -13.35
CA GLN D 450 7.99 50.94 -13.19
C GLN D 450 7.60 51.94 -12.10
N ALA D 451 6.34 52.38 -12.10
CA ALA D 451 5.89 53.33 -11.08
C ALA D 451 5.95 52.71 -9.70
N ALA D 452 5.72 51.39 -9.60
CA ALA D 452 5.86 50.70 -8.33
C ALA D 452 7.30 50.64 -7.84
N GLY D 453 8.26 50.84 -8.73
CA GLY D 453 9.66 50.82 -8.37
C GLY D 453 10.40 49.53 -8.66
N LYS D 454 9.86 48.68 -9.53
CA LYS D 454 10.51 47.41 -9.82
C LYS D 454 11.80 47.63 -10.58
N SER D 455 12.83 46.88 -10.19
CA SER D 455 14.07 46.84 -10.94
C SER D 455 13.81 46.33 -12.35
N PRO D 456 14.70 46.64 -13.30
CA PRO D 456 14.50 46.15 -14.67
C PRO D 456 14.42 44.64 -14.76
N GLU D 457 15.00 43.91 -13.81
CA GLU D 457 14.98 42.46 -13.85
C GLU D 457 13.76 41.87 -13.15
N ASP D 458 13.30 42.49 -12.07
CA ASP D 458 12.02 42.08 -11.48
C ASP D 458 10.87 42.43 -12.41
N LEU D 459 10.98 43.56 -13.12
CA LEU D 459 9.93 43.98 -14.03
C LEU D 459 9.80 43.01 -15.20
N GLU D 460 10.92 42.66 -15.84
CA GLU D 460 10.84 41.83 -17.03
C GLU D 460 10.36 40.42 -16.70
N ARG D 461 10.64 39.94 -15.49
CA ARG D 461 10.19 38.60 -15.11
C ARG D 461 8.70 38.58 -14.79
N LEU D 462 8.20 39.64 -14.16
CA LEU D 462 6.80 39.69 -13.73
C LEU D 462 5.88 40.16 -14.84
N LEU D 463 6.37 41.02 -15.73
CA LEU D 463 5.54 41.76 -16.68
C LEU D 463 4.53 40.88 -17.40
N PRO D 464 4.94 39.82 -18.10
CA PRO D 464 3.96 39.08 -18.90
C PRO D 464 2.85 38.46 -18.05
N HIS D 465 3.14 38.12 -16.80
CA HIS D 465 2.12 37.52 -15.92
C HIS D 465 1.06 38.52 -15.49
N LYS D 466 1.31 39.81 -15.67
CA LYS D 466 0.40 40.85 -15.21
C LYS D 466 -0.46 41.40 -16.33
N VAL D 467 -0.41 40.81 -17.51
CA VAL D 467 -1.17 41.27 -18.67
C VAL D 467 -2.51 40.54 -18.68
N PHE D 468 -3.59 41.29 -18.92
CA PHE D 468 -4.93 40.77 -19.08
C PHE D 468 -5.35 41.00 -20.52
N GLU D 469 -5.60 39.93 -21.26
CA GLU D 469 -5.98 40.06 -22.65
C GLU D 469 -7.41 40.61 -22.83
N GLY D 470 -8.26 40.46 -21.82
CA GLY D 470 -9.59 41.02 -21.86
C GLY D 470 -10.42 40.47 -23.00
N ASN D 471 -11.34 41.32 -23.49
CA ASN D 471 -12.25 40.94 -24.56
C ASN D 471 -13.13 39.77 -24.15
N ARG D 472 -13.46 39.73 -22.87
CA ARG D 472 -14.26 38.63 -22.31
C ARG D 472 -15.68 39.12 -22.06
N PRO D 473 -16.68 38.57 -22.76
CA PRO D 473 -18.00 39.19 -22.79
C PRO D 473 -18.87 38.84 -21.59
N THR D 474 -19.70 39.79 -21.21
CA THR D 474 -20.64 39.63 -20.10
C THR D 474 -21.97 40.28 -20.41
N ASN D 475 -23.02 39.77 -19.76
CA ASN D 475 -24.28 40.45 -19.58
C ASN D 475 -24.32 41.02 -18.17
N SER D 476 -24.86 42.22 -18.02
CA SER D 476 -25.14 42.75 -16.70
C SER D 476 -26.64 42.97 -16.56
N ILE D 477 -27.23 42.28 -15.59
CA ILE D 477 -28.68 42.34 -15.34
C ILE D 477 -28.87 43.00 -13.98
N VAL D 478 -29.36 44.23 -13.98
CA VAL D 478 -29.52 45.03 -12.76
C VAL D 478 -31.00 45.31 -12.57
N PHE D 479 -31.46 45.19 -11.34
CA PHE D 479 -32.87 45.35 -11.02
C PHE D 479 -33.02 46.10 -9.70
N THR D 480 -34.18 46.77 -9.53
CA THR D 480 -34.30 47.71 -8.43
C THR D 480 -34.08 47.03 -7.09
N LYS D 481 -34.77 45.92 -6.84
CA LYS D 481 -34.72 45.24 -5.55
C LYS D 481 -35.20 43.81 -5.73
N LEU D 482 -34.61 42.89 -4.95
CA LEU D 482 -34.95 41.47 -5.07
C LEU D 482 -36.17 41.21 -4.21
N THR D 483 -37.33 41.59 -4.74
CA THR D 483 -38.61 41.33 -4.10
C THR D 483 -39.20 40.03 -4.62
N PRO D 484 -40.31 39.56 -4.02
CA PRO D 484 -40.97 38.37 -4.59
C PRO D 484 -41.35 38.56 -6.05
N PHE D 485 -41.94 39.71 -6.38
CA PHE D 485 -42.33 39.98 -7.75
C PHE D 485 -41.13 39.95 -8.68
N MET D 486 -40.07 40.64 -8.29
CA MET D 486 -38.88 40.73 -9.16
C MET D 486 -38.23 39.37 -9.36
N LEU D 487 -38.17 38.53 -8.29
CA LEU D 487 -37.65 37.17 -8.46
C LEU D 487 -38.50 36.40 -9.46
N GLY D 488 -39.82 36.53 -9.36
CA GLY D 488 -40.68 35.84 -10.31
C GLY D 488 -40.40 36.25 -11.75
N ALA D 489 -40.21 37.54 -11.98
CA ALA D 489 -39.92 38.02 -13.34
C ALA D 489 -38.56 37.49 -13.81
N LEU D 490 -37.57 37.50 -12.93
CA LEU D 490 -36.23 37.04 -13.34
C LEU D 490 -36.21 35.57 -13.69
N VAL D 491 -36.87 34.72 -12.88
CA VAL D 491 -36.90 33.30 -13.18
C VAL D 491 -37.61 33.05 -14.50
N ALA D 492 -38.76 33.70 -14.67
CA ALA D 492 -39.51 33.55 -15.91
C ALA D 492 -38.68 34.00 -17.11
N MET D 493 -37.91 35.06 -16.93
CA MET D 493 -37.06 35.55 -18.04
C MET D 493 -36.13 34.45 -18.50
N TYR D 494 -35.53 33.71 -17.57
CA TYR D 494 -34.62 32.64 -17.97
C TYR D 494 -35.39 31.43 -18.49
N GLU D 495 -36.58 31.15 -17.97
CA GLU D 495 -37.39 30.07 -18.54
C GLU D 495 -37.61 30.31 -20.03
N HIS D 496 -37.97 31.53 -20.41
CA HIS D 496 -38.25 31.79 -21.82
C HIS D 496 -36.99 31.88 -22.66
N LYS D 497 -35.87 32.33 -22.08
CA LYS D 497 -34.58 32.18 -22.76
C LYS D 497 -34.36 30.74 -23.18
N ILE D 498 -34.54 29.81 -22.23
CA ILE D 498 -34.34 28.40 -22.50
C ILE D 498 -35.29 27.90 -23.57
N PHE D 499 -36.55 28.31 -23.50
CA PHE D 499 -37.52 27.93 -24.53
C PHE D 499 -37.04 28.35 -25.92
N VAL D 500 -36.66 29.61 -26.05
CA VAL D 500 -36.26 30.12 -27.37
C VAL D 500 -35.07 29.33 -27.92
N GLN D 501 -34.10 29.01 -27.06
CA GLN D 501 -32.92 28.29 -27.55
C GLN D 501 -33.30 26.90 -28.05
N GLY D 502 -34.19 26.21 -27.32
CA GLY D 502 -34.62 24.89 -27.77
C GLY D 502 -35.36 24.91 -29.09
N ILE D 503 -36.18 25.95 -29.32
CA ILE D 503 -36.87 26.05 -30.60
C ILE D 503 -35.87 26.27 -31.71
N ILE D 504 -34.87 27.11 -31.48
CA ILE D 504 -33.84 27.34 -32.49
C ILE D 504 -33.07 26.05 -32.77
N TRP D 505 -32.76 25.29 -31.73
CA TRP D 505 -32.06 24.02 -31.90
C TRP D 505 -32.96 22.90 -32.40
N ASP D 506 -34.28 23.10 -32.42
CA ASP D 506 -35.25 22.12 -32.87
C ASP D 506 -35.29 20.89 -31.97
N ILE D 507 -35.06 21.10 -30.67
CA ILE D 507 -35.10 20.01 -29.69
C ILE D 507 -36.32 20.21 -28.81
N ASN D 508 -36.57 19.24 -27.93
CA ASN D 508 -37.69 19.29 -26.98
C ASN D 508 -37.15 19.71 -25.63
N SER D 509 -37.41 20.97 -25.25
CA SER D 509 -36.95 21.49 -23.98
C SER D 509 -37.69 20.90 -22.78
N PHE D 510 -38.72 20.07 -22.98
CA PHE D 510 -39.66 19.78 -21.91
C PHE D 510 -39.79 18.29 -21.59
N ASP D 511 -39.03 17.43 -22.24
CA ASP D 511 -38.90 16.03 -21.85
C ASP D 511 -37.54 15.81 -21.18
N GLN D 512 -37.32 14.58 -20.72
CA GLN D 512 -36.05 14.23 -20.07
C GLN D 512 -35.85 12.73 -20.08
N TRP D 513 -35.78 12.14 -21.26
CA TRP D 513 -35.60 10.71 -21.38
C TRP D 513 -34.23 10.25 -20.88
N GLY D 514 -33.28 11.18 -20.73
CA GLY D 514 -31.94 10.82 -20.34
C GLY D 514 -31.79 10.30 -18.92
N VAL D 515 -32.83 10.44 -18.09
CA VAL D 515 -32.73 9.97 -16.71
C VAL D 515 -33.15 8.52 -16.54
N GLU D 516 -33.65 7.88 -17.60
CA GLU D 516 -34.24 6.56 -17.43
C GLU D 516 -33.18 5.48 -17.26
N LEU D 517 -32.09 5.52 -18.03
CA LEU D 517 -31.14 4.41 -18.00
C LEU D 517 -30.52 4.22 -16.61
N GLY D 518 -30.12 5.32 -15.96
CA GLY D 518 -29.55 5.22 -14.64
C GLY D 518 -30.51 4.63 -13.63
N LYS D 519 -31.81 4.93 -13.78
CA LYS D 519 -32.81 4.39 -12.87
C LYS D 519 -33.00 2.89 -13.08
N GLN D 520 -33.02 2.44 -14.34
CA GLN D 520 -33.12 1.01 -14.60
C GLN D 520 -31.94 0.26 -13.99
N LEU D 521 -30.73 0.74 -14.27
CA LEU D 521 -29.54 0.01 -13.84
C LEU D 521 -29.42 -0.04 -12.33
N ALA D 522 -29.85 1.01 -11.64
CA ALA D 522 -29.80 1.00 -10.18
C ALA D 522 -30.77 -0.04 -9.62
N LYS D 523 -31.91 -0.22 -10.29
CA LYS D 523 -32.89 -1.20 -9.81
C LYS D 523 -32.30 -2.60 -9.81
N LYS D 524 -31.39 -2.90 -10.75
CA LYS D 524 -30.82 -4.24 -10.83
C LYS D 524 -29.66 -4.44 -9.87
N ILE D 525 -29.00 -3.36 -9.46
CA ILE D 525 -27.84 -3.47 -8.59
C ILE D 525 -28.26 -3.54 -7.13
N GLU D 526 -29.37 -2.90 -6.77
CA GLU D 526 -29.83 -2.83 -5.38
C GLU D 526 -29.84 -4.21 -4.72
N PRO D 527 -30.56 -5.19 -5.27
CA PRO D 527 -30.58 -6.51 -4.61
C PRO D 527 -29.21 -7.18 -4.56
N GLU D 528 -28.33 -6.89 -5.52
CA GLU D 528 -27.03 -7.54 -5.57
C GLU D 528 -26.11 -7.08 -4.44
N LEU D 529 -26.44 -5.97 -3.77
CA LEU D 529 -25.63 -5.50 -2.66
C LEU D 529 -25.89 -6.29 -1.38
N ASP D 530 -27.03 -6.96 -1.28
CA ASP D 530 -27.29 -7.81 -0.12
C ASP D 530 -26.37 -9.02 -0.15
N GLY D 531 -26.06 -9.53 1.04
CA GLY D 531 -25.22 -10.71 1.15
C GLY D 531 -23.78 -10.41 0.78
N SER D 532 -22.88 -11.36 1.07
CA SER D 532 -21.46 -11.16 0.85
C SER D 532 -20.94 -11.86 -0.40
N ALA D 533 -21.81 -12.40 -1.22
CA ALA D 533 -21.37 -13.07 -2.44
C ALA D 533 -20.78 -12.06 -3.43
N GLN D 534 -19.69 -12.46 -4.08
CA GLN D 534 -19.11 -11.64 -5.13
C GLN D 534 -20.06 -11.52 -6.30
N VAL D 535 -20.02 -10.38 -6.98
CA VAL D 535 -20.87 -10.10 -8.12
C VAL D 535 -20.04 -10.23 -9.39
N THR D 536 -20.61 -10.89 -10.40
CA THR D 536 -19.93 -11.15 -11.66
C THR D 536 -20.80 -10.80 -12.86
N SER D 537 -21.97 -10.20 -12.62
CA SER D 537 -23.01 -10.05 -13.63
C SER D 537 -22.88 -8.77 -14.46
N HIS D 538 -21.87 -7.94 -14.19
CA HIS D 538 -21.72 -6.68 -14.88
C HIS D 538 -20.37 -6.63 -15.58
N ASP D 539 -20.05 -5.46 -16.14
CA ASP D 539 -18.70 -5.20 -16.61
C ASP D 539 -17.72 -5.31 -15.44
N ALA D 540 -16.44 -5.45 -15.78
CA ALA D 540 -15.44 -5.71 -14.76
C ALA D 540 -15.39 -4.58 -13.73
N SER D 541 -15.60 -3.33 -14.17
CA SER D 541 -15.48 -2.22 -13.25
C SER D 541 -16.61 -2.22 -12.23
N THR D 542 -17.86 -2.31 -12.70
CA THR D 542 -18.99 -2.35 -11.78
C THR D 542 -18.86 -3.55 -10.81
N ASN D 543 -18.42 -4.70 -11.33
CA ASN D 543 -18.18 -5.85 -10.45
C ASN D 543 -17.12 -5.52 -9.41
N GLY D 544 -16.00 -4.95 -9.85
CA GLY D 544 -14.91 -4.69 -8.92
C GLY D 544 -15.28 -3.68 -7.85
N LEU D 545 -16.04 -2.65 -8.23
CA LEU D 545 -16.48 -1.66 -7.25
C LEU D 545 -17.42 -2.29 -6.23
N ILE D 546 -18.39 -3.07 -6.70
CA ILE D 546 -19.31 -3.74 -5.78
C ILE D 546 -18.53 -4.61 -4.80
N ASN D 547 -17.58 -5.40 -5.30
CA ASN D 547 -16.87 -6.34 -4.45
C ASN D 547 -15.95 -5.62 -3.46
N PHE D 548 -15.39 -4.47 -3.86
CA PHE D 548 -14.67 -3.64 -2.91
C PHE D 548 -15.62 -3.12 -1.83
N ILE D 549 -16.82 -2.68 -2.22
CA ILE D 549 -17.81 -2.22 -1.25
C ILE D 549 -18.12 -3.34 -0.25
N LYS D 550 -18.26 -4.58 -0.73
CA LYS D 550 -18.56 -5.69 0.16
C LYS D 550 -17.38 -6.01 1.07
N GLN D 551 -16.15 -5.87 0.59
CA GLN D 551 -14.99 -6.12 1.44
C GLN D 551 -14.91 -5.12 2.58
N GLN D 552 -15.11 -3.83 2.27
CA GLN D 552 -14.92 -2.75 3.24
C GLN D 552 -16.15 -2.46 4.08
N ARG D 553 -17.31 -3.00 3.70
CA ARG D 553 -18.51 -2.82 4.50
C ARG D 553 -18.34 -3.30 5.92
N GLU D 554 -17.37 -4.19 6.17
CA GLU D 554 -17.14 -4.80 7.46
C GLU D 554 -15.92 -4.23 8.19
N ALA D 555 -15.08 -3.46 7.51
CA ALA D 555 -13.84 -3.01 8.10
C ALA D 555 -14.09 -2.09 9.29
N ARG D 556 -13.26 -2.22 10.33
CA ARG D 556 -13.30 -1.35 11.48
C ARG D 556 -12.18 -0.32 11.35
N VAL D 557 -12.54 0.91 11.03
CA VAL D 557 -11.56 1.99 10.90
C VAL D 557 -11.06 2.36 12.29
O4 CIZ E . -7.95 37.54 2.70
C5 CIZ E . -7.46 36.54 2.10
O3 CIZ E . -7.13 35.51 2.74
C3 CIZ E . -7.27 36.60 0.60
C4 CIZ E . -8.40 36.11 -0.30
C2 CIZ E . -6.13 37.03 0.07
C1 CIZ E . -4.98 37.52 0.95
O1 CIZ E . -5.19 38.08 2.07
O2 CIZ E . -3.79 37.33 0.57
H2 CIZ E . -9.22 35.75 0.31
H3 CIZ E . -8.05 35.32 -0.95
H4 CIZ E . -8.76 36.95 -0.91
H5 CIZ E . -6.02 37.06 -1.01
OH2 1PE F . -21.52 18.33 -32.82
C12 1PE F . -22.14 17.71 -31.72
C22 1PE F . -22.51 16.29 -32.02
OH3 1PE F . -23.67 15.92 -31.26
C13 1PE F . -22.98 14.85 -29.24
C23 1PE F . -23.53 14.66 -30.61
OH4 1PE F . -21.92 13.94 -28.97
C14 1PE F . -20.90 12.91 -27.06
C24 1PE F . -21.29 14.20 -27.71
OH5 1PE F . -20.09 13.17 -25.92
C15 1PE F . -18.14 11.83 -26.01
C25 1PE F . -19.48 12.01 -25.40
OH6 1PE F . -17.78 10.46 -26.07
C16 1PE F . -16.42 10.45 -28.03
C26 1PE F . -16.46 10.26 -26.55
OH7 1PE F . -15.32 9.76 -28.62
HO2 1PE F . -20.97 18.90 -32.51
H121 1PE F . -22.95 18.21 -31.50
H122 1PE F . -21.55 17.73 -30.96
H221 1PE F . -21.78 15.71 -31.78
H222 1PE F . -22.70 16.20 -32.96
H131 1PE F . -23.69 14.72 -28.59
H132 1PE F . -22.63 15.76 -29.16
H231 1PE F . -22.93 14.10 -31.13
H232 1PE F . -24.41 14.24 -30.55
H141 1PE F . -20.39 12.38 -27.69
H142 1PE F . -21.70 12.44 -26.78
H241 1PE F . -21.91 14.67 -27.14
H242 1PE F . -20.50 14.74 -27.86
H151 1PE F . -17.48 12.30 -25.46
H152 1PE F . -18.14 12.20 -26.90
H251 1PE F . -20.03 11.23 -25.59
H252 1PE F . -19.38 12.10 -24.43
H161 1PE F . -16.34 11.40 -28.23
H162 1PE F . -17.24 10.11 -28.42
H261 1PE F . -16.17 9.36 -26.34
H262 1PE F . -15.87 10.90 -26.13
HO7 1PE F . -14.71 9.75 -28.03
O1 PG4 G . -4.95 28.95 -25.73
C1 PG4 G . -5.22 30.25 -25.21
C2 PG4 G . -6.69 30.54 -25.04
O2 PG4 G . -6.93 31.93 -25.26
C3 PG4 G . -7.79 32.52 -24.28
C4 PG4 G . -9.24 32.40 -24.68
O3 PG4 G . -9.98 33.50 -24.16
C5 PG4 G . -11.10 33.75 -25.00
C6 PG4 G . -11.74 35.05 -24.65
O4 PG4 G . -11.55 36.01 -25.68
C7 PG4 G . -12.54 35.87 -26.70
C8 PG4 G . -11.84 35.60 -28.00
O5 PG4 G . -12.65 35.99 -29.08
HO1 PG4 G . -4.12 28.84 -25.72
H11 PG4 G . -4.85 30.91 -25.83
H12 PG4 G . -4.78 30.33 -24.35
H21 PG4 G . -6.96 30.30 -24.14
H22 PG4 G . -7.20 30.01 -25.68
H31 PG4 G . -7.56 33.46 -24.19
H32 PG4 G . -7.65 32.08 -23.43
H41 PG4 G . -9.60 31.58 -24.31
H42 PG4 G . -9.30 32.40 -25.64
H51 PG4 G . -11.74 33.03 -24.89
H52 PG4 G . -10.81 33.78 -25.92
H61 PG4 G . -11.34 35.38 -23.83
H62 PG4 G . -12.69 34.91 -24.52
H71 PG4 G . -13.05 36.69 -26.76
H72 PG4 G . -13.13 35.15 -26.48
H81 PG4 G . -11.64 34.65 -28.06
H82 PG4 G . -11.00 36.10 -28.02
HO5 PG4 G . -12.13 36.27 -29.69
C1 PGE H . -28.94 20.78 -0.16
O1 PGE H . -28.16 20.19 -1.22
C2 PGE H . -28.21 22.01 0.36
O2 PGE H . -28.16 22.99 -0.67
C3 PGE H . -27.66 24.23 -0.22
C4 PGE H . -28.83 25.09 0.20
O4 PGE H . -30.41 24.43 2.76
C6 PGE H . -30.42 25.83 3.00
C5 PGE H . -29.62 26.52 1.89
O3 PGE H . -28.57 25.66 1.47
H1 PGE H . -29.08 20.09 0.67
H12 PGE H . -29.93 21.10 -0.52
HO1 PGE H . -27.23 20.28 -0.99
H2 PGE H . -27.19 21.72 0.67
H22 PGE H . -28.74 22.39 1.24
H3 PGE H . -27.11 24.75 -1.03
H32 PGE H . -26.98 24.11 0.63
H4 PGE H . -29.74 24.47 0.23
H42 PGE H . -28.99 25.89 -0.56
HO4 PGE H . -30.97 24.25 1.99
H6 PGE H . -29.96 26.08 3.97
H62 PGE H . -31.44 26.24 2.99
H5 PGE H . -29.22 27.47 2.29
H52 PGE H . -30.30 26.76 1.06
O4 CIZ I . 18.18 -16.42 27.07
C5 CIZ I . 18.53 -17.54 27.54
O3 CIZ I . 19.54 -17.65 28.28
C3 CIZ I . 17.71 -18.78 27.19
C4 CIZ I . 18.12 -19.67 26.03
C2 CIZ I . 16.63 -19.11 27.86
C1 CIZ I . 16.13 -18.25 29.03
O1 CIZ I . 14.89 -18.21 29.28
O2 CIZ I . 16.92 -17.58 29.72
H2 CIZ I . 18.32 -20.68 26.40
H3 CIZ I . 19.03 -19.28 25.58
H4 CIZ I . 17.33 -19.70 25.29
H5 CIZ I . 16.08 -19.99 27.59
OH2 1PE J . 0.15 -31.92 -9.06
C12 1PE J . 0.79 -32.32 -7.85
C22 1PE J . 2.02 -33.14 -8.12
OH3 1PE J . 3.05 -32.76 -7.21
C13 1PE J . 5.08 -31.57 -6.81
C23 1PE J . 4.11 -32.07 -7.83
OH4 1PE J . 6.40 -32.00 -7.15
C14 1PE J . 8.25 -33.39 -6.59
C24 1PE J . 7.11 -32.57 -6.08
OH5 1PE J . 8.17 -34.71 -6.08
C15 1PE J . 8.62 -37.04 -6.45
C25 1PE J . 8.99 -35.64 -6.78
OH6 1PE J . 8.99 -37.90 -7.52
C16 1PE J . 8.37 -40.07 -6.70
C26 1PE J . 9.51 -39.16 -7.09
OH7 1PE J . 8.77 -40.96 -5.67
HO2 1PE J . 0.44 -32.44 -9.67
H121 1PE J . 0.16 -32.85 -7.33
H122 1PE J . 1.04 -31.53 -7.35
H221 1PE J . 2.32 -32.98 -9.03
H222 1PE J . 1.81 -34.08 -8.00
H131 1PE J . 4.85 -31.94 -5.94
H132 1PE J . 5.06 -30.61 -6.77
H231 1PE J . 3.75 -31.31 -8.32
H232 1PE J . 4.57 -32.67 -8.43
H141 1PE J . 9.09 -32.99 -6.31
H142 1PE J . 8.22 -33.43 -7.56
H241 1PE J . 6.52 -33.14 -5.57
H242 1PE J . 7.46 -31.87 -5.51
H151 1PE J . 7.65 -37.09 -6.31
H152 1PE J . 9.07 -37.32 -5.64
H251 1PE J . 9.92 -35.49 -6.53
H252 1PE J . 8.89 -35.50 -7.74
H161 1PE J . 8.09 -40.58 -7.48
H162 1PE J . 7.63 -39.53 -6.38
H261 1PE J . 10.09 -39.02 -6.34
H262 1PE J . 10.00 -39.57 -7.82
HO7 1PE J . 9.50 -41.31 -5.93
O4 CIZ K . 34.36 -26.57 -9.07
C5 CIZ K . 33.49 -25.87 -9.67
O3 CIZ K . 33.77 -24.70 -10.05
C3 CIZ K . 32.09 -26.42 -9.91
C4 CIZ K . 30.99 -26.20 -8.86
C2 CIZ K . 31.77 -27.09 -11.01
C1 CIZ K . 32.79 -27.37 -12.12
O1 CIZ K . 34.01 -27.11 -12.00
O2 CIZ K . 32.36 -27.87 -13.20
H2 CIZ K . 31.43 -25.86 -7.94
H3 CIZ K . 30.46 -27.13 -8.69
H4 CIZ K . 30.29 -25.46 -9.23
H5 CIZ K . 30.76 -27.45 -11.13
C1 PGE L . 7.10 -46.21 16.23
O1 PGE L . 6.32 -47.17 16.93
C2 PGE L . 6.22 -45.09 15.69
O2 PGE L . 6.70 -43.83 16.12
C3 PGE L . 7.93 -43.42 15.53
C4 PGE L . 8.52 -42.28 16.35
O4 PGE L . 6.40 -38.54 16.14
C6 PGE L . 7.78 -38.70 15.91
C5 PGE L . 8.28 -39.94 16.62
O3 PGE L . 8.14 -41.05 15.75
H1 PGE L . 7.63 -46.65 15.37
H12 PGE L . 7.87 -45.74 16.88
HO1 PGE L . 6.45 -48.01 16.49
H2 PGE L . 5.19 -45.24 16.05
H22 PGE L . 6.21 -45.14 14.59
H3 PGE L . 7.77 -43.08 14.49
H32 PGE L . 8.65 -44.25 15.49
H4 PGE L . 9.62 -42.38 16.37
H42 PGE L . 8.15 -42.35 17.39
HO4 PGE L . 6.12 -37.70 15.77
H6 PGE L . 8.36 -37.83 16.27
H62 PGE L . 8.00 -38.81 14.83
H5 PGE L . 7.70 -40.09 17.54
H52 PGE L . 9.33 -39.80 16.91
C1 BME M . 40.99 -14.85 8.50
C2 BME M . 39.64 -15.33 7.97
O1 BME M . 40.80 -13.66 9.26
S2 BME M . 38.29 -14.39 8.76
H11 BME M . 41.59 -14.66 7.76
H12 BME M . 41.38 -15.53 9.08
H21 BME M . 39.53 -16.28 8.16
H22 BME M . 39.61 -15.19 7.00
HO1 BME M . 41.19 -13.03 8.84
HS2 BME M . 38.73 -13.28 8.67
O4 CIZ N . -40.94 15.08 -8.55
C5 CIZ N . -40.24 14.04 -8.62
O3 CIZ N . -40.25 13.18 -7.67
C3 CIZ N . -39.35 13.76 -9.81
C4 CIZ N . -37.85 14.07 -9.68
C2 CIZ N . -39.80 13.26 -10.94
C1 CIZ N . -41.27 12.92 -11.15
O1 CIZ N . -41.96 12.44 -10.22
O2 CIZ N . -41.81 13.18 -12.27
H2 CIZ N . -37.56 14.75 -10.47
H3 CIZ N . -37.29 13.15 -9.77
H4 CIZ N . -37.66 14.53 -8.73
H5 CIZ N . -39.09 13.06 -11.75
#